data_1MV6
# 
_entry.id   1MV6 
# 
_audit_conform.dict_name       mmcif_pdbx.dic 
_audit_conform.dict_version    5.392 
_audit_conform.dict_location   http://mmcif.pdb.org/dictionaries/ascii/mmcif_pdbx.dic 
# 
loop_
_database_2.database_id 
_database_2.database_code 
_database_2.pdbx_database_accession 
_database_2.pdbx_DOI 
PDB   1MV6         pdb_00001mv6 10.2210/pdb1mv6/pdb 
RCSB  RCSB017210   ?            ?                   
WWPDB D_1000017210 ?            ?                   
# 
loop_
_pdbx_audit_revision_history.ordinal 
_pdbx_audit_revision_history.data_content_type 
_pdbx_audit_revision_history.major_revision 
_pdbx_audit_revision_history.minor_revision 
_pdbx_audit_revision_history.revision_date 
1 'Structure model' 1 0 2002-12-18 
2 'Structure model' 1 1 2008-04-28 
3 'Structure model' 1 2 2011-07-13 
4 'Structure model' 1 3 2022-02-23 
5 'Structure model' 1 4 2024-05-22 
# 
_pdbx_audit_revision_details.ordinal             1 
_pdbx_audit_revision_details.revision_ordinal    1 
_pdbx_audit_revision_details.data_content_type   'Structure model' 
_pdbx_audit_revision_details.provider            repository 
_pdbx_audit_revision_details.type                'Initial release' 
_pdbx_audit_revision_details.description         ? 
_pdbx_audit_revision_details.details             ? 
# 
loop_
_pdbx_audit_revision_group.ordinal 
_pdbx_audit_revision_group.revision_ordinal 
_pdbx_audit_revision_group.data_content_type 
_pdbx_audit_revision_group.group 
1 2 'Structure model' 'Version format compliance' 
2 3 'Structure model' 'Version format compliance' 
3 4 'Structure model' 'Data collection'           
4 4 'Structure model' 'Database references'       
5 4 'Structure model' 'Derived calculations'      
6 5 'Structure model' 'Data collection'           
# 
loop_
_pdbx_audit_revision_category.ordinal 
_pdbx_audit_revision_category.revision_ordinal 
_pdbx_audit_revision_category.data_content_type 
_pdbx_audit_revision_category.category 
1 4 'Structure model' database_2            
2 4 'Structure model' pdbx_nmr_software     
3 4 'Structure model' pdbx_struct_assembly  
4 4 'Structure model' pdbx_struct_oper_list 
5 4 'Structure model' struct_conn           
6 5 'Structure model' chem_comp_atom        
7 5 'Structure model' chem_comp_bond        
# 
loop_
_pdbx_audit_revision_item.ordinal 
_pdbx_audit_revision_item.revision_ordinal 
_pdbx_audit_revision_item.data_content_type 
_pdbx_audit_revision_item.item 
1 4 'Structure model' '_database_2.pdbx_DOI'                
2 4 'Structure model' '_database_2.pdbx_database_accession' 
3 4 'Structure model' '_pdbx_nmr_software.name'             
4 4 'Structure model' '_struct_conn.pdbx_leaving_atom_flag' 
# 
_pdbx_database_status.status_code                     REL 
_pdbx_database_status.entry_id                        1MV6 
_pdbx_database_status.recvd_initial_deposition_date   2002-09-24 
_pdbx_database_status.deposit_site                    RCSB 
_pdbx_database_status.process_site                    RCSB 
_pdbx_database_status.status_code_mr                  REL 
_pdbx_database_status.SG_entry                        . 
_pdbx_database_status.pdb_format_compatible           Y 
_pdbx_database_status.status_code_sf                  ? 
_pdbx_database_status.status_code_cs                  ? 
_pdbx_database_status.status_code_nmr_data            ? 
_pdbx_database_status.methods_development_category    ? 
# 
loop_
_pdbx_database_related.db_name 
_pdbx_database_related.db_id 
_pdbx_database_related.details 
_pdbx_database_related.content_type 
PDB 1YFV '1yfv is the Tandem, sheared GA pairs in the same stem, determined by 2D NMR'                                           
unspecified 
PDB 1GID '1gid is the Tandem, sheared AA pairs in the J4/5 loop of Tetrahymena thermophila, determined by x-ray crystallography' 
unspecified 
PDB 1MUV '1mUV is The tandem, sheared AA Pairs with same stem'                                                                   
unspecified 
PDB 1MV1 
;1MV1 IS THE Tandem, Sheared PA Pairs in 5'(rGGCPAGCCU)2
;
unspecified 
PDB 1MV2 
;1mv2 is The tandem, Face-to-Face AP Pairs in 5'(rGGCAPGCCU)2
;
unspecified 
# 
loop_
_audit_author.name 
_audit_author.pdbx_ordinal 
'Znosko, B.M.'  1 
'Burkard, M.E.' 2 
'Krugh, T.R.'   3 
'Turner, D.H.'  4 
# 
loop_
_citation.id 
_citation.title 
_citation.journal_abbrev 
_citation.journal_volume 
_citation.page_first 
_citation.page_last 
_citation.year 
_citation.journal_id_ASTM 
_citation.country 
_citation.journal_id_ISSN 
_citation.journal_id_CSD 
_citation.book_publisher 
_citation.pdbx_database_id_PubMed 
_citation.pdbx_database_id_DOI 
primary 
;Molecular Recognition in Purine-Rich Internal Loops: Thermodynamic, Structural, and Dynamic Consequences of Purine for Adenine Substitutions in 5'(rGGCAAGCCU)2
;
Biochemistry 41 14978 14987 2002 BICHAW US 0006-2960 0033 ? 12475247 10.1021/bi0203278 
1       
;Sheared Aanti-Aanti Base Pairs in a Destabilizing 2x2 Internal Loop: The NMR Structure of 5'(rGGCAAGCCU)2
;
Biochemistry 41 14969 14977 2002 BICHAW US 0006-2960 0033 ? ?        10.1021/bi020326f 
# 
loop_
_citation_author.citation_id 
_citation_author.name 
_citation_author.ordinal 
_citation_author.identifier_ORCID 
primary 'Znosko, B.M.'    1 ? 
primary 'Burkard, M.E.'   2 ? 
primary 'Krugh, T.R.'     3 ? 
primary 'Turner, D.H.'    4 ? 
1       'Znosko, B.M.'    5 ? 
1       'Burkard, M.E.'   6 ? 
1       'Schroeder, S.J.' 7 ? 
1       'Krugh, T.R.'     8 ? 
1       'Turner, D.H.'    9 ? 
# 
_entity.id                         1 
_entity.type                       polymer 
_entity.src_method                 syn 
_entity.pdbx_description           "5'-R(*GP*GP*CP*(P5P)P*(P5P)P*GP*CP*CP*U)-3'" 
_entity.formula_weight             2840.755 
_entity.pdbx_number_of_molecules   2 
_entity.pdbx_ec                    ? 
_entity.pdbx_mutation              ? 
_entity.pdbx_fragment              ? 
_entity.details                    ? 
# 
_entity_poly.entity_id                      1 
_entity_poly.type                           polyribonucleotide 
_entity_poly.nstd_linkage                   no 
_entity_poly.nstd_monomer                   yes 
_entity_poly.pdbx_seq_one_letter_code       'GGC(P5P)(P5P)GCCU' 
_entity_poly.pdbx_seq_one_letter_code_can   GGCAAGCCU 
_entity_poly.pdbx_strand_id                 A,B 
_entity_poly.pdbx_target_identifier         ? 
# 
loop_
_entity_poly_seq.entity_id 
_entity_poly_seq.num 
_entity_poly_seq.mon_id 
_entity_poly_seq.hetero 
1 1 G   n 
1 2 G   n 
1 3 C   n 
1 4 P5P n 
1 5 P5P n 
1 6 G   n 
1 7 C   n 
1 8 C   n 
1 9 U   n 
# 
loop_
_chem_comp.id 
_chem_comp.type 
_chem_comp.mon_nstd_flag 
_chem_comp.name 
_chem_comp.pdbx_synonyms 
_chem_comp.formula 
_chem_comp.formula_weight 
C   'RNA linking' y "CYTIDINE-5'-MONOPHOSPHATE"        ? 'C9 H14 N3 O8 P'  323.197 
G   'RNA linking' y "GUANOSINE-5'-MONOPHOSPHATE"       ? 'C10 H14 N5 O8 P' 363.221 
P5P 'RNA linking' n 
;PURINE RIBOSIDE-5'-MONOPHOSPHATE
;
? 'C10 H13 N4 O7 P' 332.207 
U   'RNA linking' y "URIDINE-5'-MONOPHOSPHATE"         ? 'C9 H13 N2 O9 P'  324.181 
# 
loop_
_pdbx_poly_seq_scheme.asym_id 
_pdbx_poly_seq_scheme.entity_id 
_pdbx_poly_seq_scheme.seq_id 
_pdbx_poly_seq_scheme.mon_id 
_pdbx_poly_seq_scheme.ndb_seq_num 
_pdbx_poly_seq_scheme.pdb_seq_num 
_pdbx_poly_seq_scheme.auth_seq_num 
_pdbx_poly_seq_scheme.pdb_mon_id 
_pdbx_poly_seq_scheme.auth_mon_id 
_pdbx_poly_seq_scheme.pdb_strand_id 
_pdbx_poly_seq_scheme.pdb_ins_code 
_pdbx_poly_seq_scheme.hetero 
A 1 1 G   1 1 1 G   G A . n 
A 1 2 G   2 2 2 G   G A . n 
A 1 3 C   3 3 3 C   C A . n 
A 1 4 P5P 4 4 4 P5P P A . n 
A 1 5 P5P 5 5 5 P5P P A . n 
A 1 6 G   6 6 6 G   G A . n 
A 1 7 C   7 7 7 C   C A . n 
A 1 8 C   8 8 8 C   C A . n 
A 1 9 U   9 9 9 U   U A . n 
B 1 1 G   1 1 1 G   G B . n 
B 1 2 G   2 2 2 G   G B . n 
B 1 3 C   3 3 3 C   C B . n 
B 1 4 P5P 4 4 4 P5P P B . n 
B 1 5 P5P 5 5 5 P5P P B . n 
B 1 6 G   6 6 6 G   G B . n 
B 1 7 C   7 7 7 C   C B . n 
B 1 8 C   8 8 8 C   C B . n 
B 1 9 U   9 9 9 U   U B . n 
# 
_exptl.entry_id          1MV6 
_exptl.method            'SOLUTION NMR' 
_exptl.crystals_number   ? 
# 
_exptl_crystal.id                    1 
_exptl_crystal.density_meas          ? 
_exptl_crystal.density_Matthews      ? 
_exptl_crystal.density_percent_sol   ? 
_exptl_crystal.description           ? 
# 
_diffrn.id                     1 
_diffrn.crystal_id             1 
_diffrn.ambient_temp           ? 
_diffrn.ambient_temp_details   ? 
# 
_diffrn_radiation.diffrn_id                        1 
_diffrn_radiation.wavelength_id                    1 
_diffrn_radiation.pdbx_monochromatic_or_laue_m_l   M 
_diffrn_radiation.monochromator                    ? 
_diffrn_radiation.pdbx_diffrn_protocol             'SINGLE WAVELENGTH' 
_diffrn_radiation.pdbx_scattering_type             ? 
# 
_diffrn_radiation_wavelength.id           1 
_diffrn_radiation_wavelength.wavelength   . 
_diffrn_radiation_wavelength.wt           1.0 
# 
_struct.entry_id                  1MV6 
_struct.title                     
;The tandem, Sheared PP Pairs in 5'(rGGCPPGCCU)2
;
_struct.pdbx_model_details        ? 
_struct.pdbx_CASP_flag            ? 
_struct.pdbx_model_type_details   ? 
# 
_struct_keywords.entry_id        1MV6 
_struct_keywords.pdbx_keywords   RNA 
_struct_keywords.text            'ribonucleic acid, duplex, tandem mismatch, purine, RNA' 
# 
loop_
_struct_asym.id 
_struct_asym.pdbx_blank_PDB_chainid_flag 
_struct_asym.pdbx_modified 
_struct_asym.entity_id 
_struct_asym.details 
A N N 1 ? 
B N N 1 ? 
# 
_struct_ref.id                         1 
_struct_ref.entity_id                  1 
_struct_ref.db_name                    PDB 
_struct_ref.db_code                    1MV6 
_struct_ref.pdbx_db_accession          1MV6 
_struct_ref.pdbx_db_isoform            ? 
_struct_ref.pdbx_seq_one_letter_code   ? 
_struct_ref.pdbx_align_begin           ? 
# 
loop_
_struct_ref_seq.align_id 
_struct_ref_seq.ref_id 
_struct_ref_seq.pdbx_PDB_id_code 
_struct_ref_seq.pdbx_strand_id 
_struct_ref_seq.seq_align_beg 
_struct_ref_seq.pdbx_seq_align_beg_ins_code 
_struct_ref_seq.seq_align_end 
_struct_ref_seq.pdbx_seq_align_end_ins_code 
_struct_ref_seq.pdbx_db_accession 
_struct_ref_seq.db_align_beg 
_struct_ref_seq.pdbx_db_align_beg_ins_code 
_struct_ref_seq.db_align_end 
_struct_ref_seq.pdbx_db_align_end_ins_code 
_struct_ref_seq.pdbx_auth_seq_align_beg 
_struct_ref_seq.pdbx_auth_seq_align_end 
1 1 1MV6 A 1 ? 9 ? 1MV6 1 ? 9 ? 1 9 
2 1 1MV6 B 1 ? 9 ? 1MV6 1 ? 9 ? 1 9 
# 
_pdbx_struct_assembly.id                   1 
_pdbx_struct_assembly.details              author_defined_assembly 
_pdbx_struct_assembly.method_details       ? 
_pdbx_struct_assembly.oligomeric_details   dimeric 
_pdbx_struct_assembly.oligomeric_count     2 
# 
_pdbx_struct_assembly_gen.assembly_id       1 
_pdbx_struct_assembly_gen.oper_expression   1 
_pdbx_struct_assembly_gen.asym_id_list      A,B 
# 
_pdbx_struct_oper_list.id                   1 
_pdbx_struct_oper_list.type                 'identity operation' 
_pdbx_struct_oper_list.name                 1_555 
_pdbx_struct_oper_list.symmetry_operation   x,y,z 
_pdbx_struct_oper_list.matrix[1][1]         1.0000000000 
_pdbx_struct_oper_list.matrix[1][2]         0.0000000000 
_pdbx_struct_oper_list.matrix[1][3]         0.0000000000 
_pdbx_struct_oper_list.vector[1]            0.0000000000 
_pdbx_struct_oper_list.matrix[2][1]         0.0000000000 
_pdbx_struct_oper_list.matrix[2][2]         1.0000000000 
_pdbx_struct_oper_list.matrix[2][3]         0.0000000000 
_pdbx_struct_oper_list.vector[2]            0.0000000000 
_pdbx_struct_oper_list.matrix[3][1]         0.0000000000 
_pdbx_struct_oper_list.matrix[3][2]         0.0000000000 
_pdbx_struct_oper_list.matrix[3][3]         1.0000000000 
_pdbx_struct_oper_list.vector[3]            0.0000000000 
# 
_struct_biol.id   1 
# 
loop_
_struct_conn.id 
_struct_conn.conn_type_id 
_struct_conn.pdbx_leaving_atom_flag 
_struct_conn.pdbx_PDB_id 
_struct_conn.ptnr1_label_asym_id 
_struct_conn.ptnr1_label_comp_id 
_struct_conn.ptnr1_label_seq_id 
_struct_conn.ptnr1_label_atom_id 
_struct_conn.pdbx_ptnr1_label_alt_id 
_struct_conn.pdbx_ptnr1_PDB_ins_code 
_struct_conn.pdbx_ptnr1_standard_comp_id 
_struct_conn.ptnr1_symmetry 
_struct_conn.ptnr2_label_asym_id 
_struct_conn.ptnr2_label_comp_id 
_struct_conn.ptnr2_label_seq_id 
_struct_conn.ptnr2_label_atom_id 
_struct_conn.pdbx_ptnr2_label_alt_id 
_struct_conn.pdbx_ptnr2_PDB_ins_code 
_struct_conn.ptnr1_auth_asym_id 
_struct_conn.ptnr1_auth_comp_id 
_struct_conn.ptnr1_auth_seq_id 
_struct_conn.ptnr2_auth_asym_id 
_struct_conn.ptnr2_auth_comp_id 
_struct_conn.ptnr2_auth_seq_id 
_struct_conn.ptnr2_symmetry 
_struct_conn.pdbx_ptnr3_label_atom_id 
_struct_conn.pdbx_ptnr3_label_seq_id 
_struct_conn.pdbx_ptnr3_label_comp_id 
_struct_conn.pdbx_ptnr3_label_asym_id 
_struct_conn.pdbx_ptnr3_label_alt_id 
_struct_conn.pdbx_ptnr3_PDB_ins_code 
_struct_conn.details 
_struct_conn.pdbx_dist_value 
_struct_conn.pdbx_value_order 
_struct_conn.pdbx_role 
covale1  covale both ? A C   3 "O3'" ? ? ? 1_555 A P5P 4 P  ? ? A C   3 A P5P 4 1_555 ? ? ? ? ? ? ?            1.614 ? ? 
covale2  covale both ? A P5P 4 "O3'" ? ? ? 1_555 A P5P 5 P  ? ? A P5P 4 A P5P 5 1_555 ? ? ? ? ? ? ?            1.614 ? ? 
covale3  covale both ? A P5P 5 "O3'" ? ? ? 1_555 A G   6 P  ? ? A P5P 5 A G   6 1_555 ? ? ? ? ? ? ?            1.618 ? ? 
covale4  covale both ? B C   3 "O3'" ? ? ? 1_555 B P5P 4 P  ? ? B C   3 B P5P 4 1_555 ? ? ? ? ? ? ?            1.619 ? ? 
covale5  covale both ? B P5P 4 "O3'" ? ? ? 1_555 B P5P 5 P  ? ? B P5P 4 B P5P 5 1_555 ? ? ? ? ? ? ?            1.614 ? ? 
covale6  covale both ? B P5P 5 "O3'" ? ? ? 1_555 B G   6 P  ? ? B P5P 5 B G   6 1_555 ? ? ? ? ? ? ?            1.618 ? ? 
hydrog1  hydrog ?    ? A G   1 N1    ? ? ? 1_555 B C   8 N3 ? ? A G   1 B C   8 1_555 ? ? ? ? ? ? WATSON-CRICK ?     ? ? 
hydrog2  hydrog ?    ? A G   1 N2    ? ? ? 1_555 B C   8 O2 ? ? A G   1 B C   8 1_555 ? ? ? ? ? ? WATSON-CRICK ?     ? ? 
hydrog3  hydrog ?    ? A G   1 O6    ? ? ? 1_555 B C   8 N4 ? ? A G   1 B C   8 1_555 ? ? ? ? ? ? WATSON-CRICK ?     ? ? 
hydrog4  hydrog ?    ? A G   2 N1    ? ? ? 1_555 B C   7 N3 ? ? A G   2 B C   7 1_555 ? ? ? ? ? ? WATSON-CRICK ?     ? ? 
hydrog5  hydrog ?    ? A G   2 N2    ? ? ? 1_555 B C   7 O2 ? ? A G   2 B C   7 1_555 ? ? ? ? ? ? WATSON-CRICK ?     ? ? 
hydrog6  hydrog ?    ? A G   2 O6    ? ? ? 1_555 B C   7 N4 ? ? A G   2 B C   7 1_555 ? ? ? ? ? ? WATSON-CRICK ?     ? ? 
hydrog7  hydrog ?    ? A C   3 N3    ? ? ? 1_555 B G   6 N1 ? ? A C   3 B G   6 1_555 ? ? ? ? ? ? WATSON-CRICK ?     ? ? 
hydrog8  hydrog ?    ? A C   3 N4    ? ? ? 1_555 B G   6 O6 ? ? A C   3 B G   6 1_555 ? ? ? ? ? ? WATSON-CRICK ?     ? ? 
hydrog9  hydrog ?    ? A C   3 O2    ? ? ? 1_555 B G   6 N2 ? ? A C   3 B G   6 1_555 ? ? ? ? ? ? WATSON-CRICK ?     ? ? 
hydrog10 hydrog ?    ? A G   6 N1    ? ? ? 1_555 B C   3 N3 ? ? A G   6 B C   3 1_555 ? ? ? ? ? ? WATSON-CRICK ?     ? ? 
hydrog11 hydrog ?    ? A G   6 N2    ? ? ? 1_555 B C   3 O2 ? ? A G   6 B C   3 1_555 ? ? ? ? ? ? WATSON-CRICK ?     ? ? 
hydrog12 hydrog ?    ? A G   6 O6    ? ? ? 1_555 B C   3 N4 ? ? A G   6 B C   3 1_555 ? ? ? ? ? ? WATSON-CRICK ?     ? ? 
hydrog13 hydrog ?    ? A C   7 N3    ? ? ? 1_555 B G   2 N1 ? ? A C   7 B G   2 1_555 ? ? ? ? ? ? WATSON-CRICK ?     ? ? 
hydrog14 hydrog ?    ? A C   7 N4    ? ? ? 1_555 B G   2 O6 ? ? A C   7 B G   2 1_555 ? ? ? ? ? ? WATSON-CRICK ?     ? ? 
hydrog15 hydrog ?    ? A C   7 O2    ? ? ? 1_555 B G   2 N2 ? ? A C   7 B G   2 1_555 ? ? ? ? ? ? WATSON-CRICK ?     ? ? 
hydrog16 hydrog ?    ? A C   8 N3    ? ? ? 1_555 B G   1 N1 ? ? A C   8 B G   1 1_555 ? ? ? ? ? ? WATSON-CRICK ?     ? ? 
hydrog17 hydrog ?    ? A C   8 N4    ? ? ? 1_555 B G   1 O6 ? ? A C   8 B G   1 1_555 ? ? ? ? ? ? WATSON-CRICK ?     ? ? 
hydrog18 hydrog ?    ? A C   8 O2    ? ? ? 1_555 B G   1 N2 ? ? A C   8 B G   1 1_555 ? ? ? ? ? ? WATSON-CRICK ?     ? ? 
# 
loop_
_struct_conn_type.id 
_struct_conn_type.criteria 
_struct_conn_type.reference 
covale ? ? 
hydrog ? ? 
# 
loop_
_pdbx_validate_rmsd_angle.id 
_pdbx_validate_rmsd_angle.PDB_model_num 
_pdbx_validate_rmsd_angle.auth_atom_id_1 
_pdbx_validate_rmsd_angle.auth_asym_id_1 
_pdbx_validate_rmsd_angle.auth_comp_id_1 
_pdbx_validate_rmsd_angle.auth_seq_id_1 
_pdbx_validate_rmsd_angle.PDB_ins_code_1 
_pdbx_validate_rmsd_angle.label_alt_id_1 
_pdbx_validate_rmsd_angle.auth_atom_id_2 
_pdbx_validate_rmsd_angle.auth_asym_id_2 
_pdbx_validate_rmsd_angle.auth_comp_id_2 
_pdbx_validate_rmsd_angle.auth_seq_id_2 
_pdbx_validate_rmsd_angle.PDB_ins_code_2 
_pdbx_validate_rmsd_angle.label_alt_id_2 
_pdbx_validate_rmsd_angle.auth_atom_id_3 
_pdbx_validate_rmsd_angle.auth_asym_id_3 
_pdbx_validate_rmsd_angle.auth_comp_id_3 
_pdbx_validate_rmsd_angle.auth_seq_id_3 
_pdbx_validate_rmsd_angle.PDB_ins_code_3 
_pdbx_validate_rmsd_angle.label_alt_id_3 
_pdbx_validate_rmsd_angle.angle_value 
_pdbx_validate_rmsd_angle.angle_target_value 
_pdbx_validate_rmsd_angle.angle_deviation 
_pdbx_validate_rmsd_angle.angle_standard_deviation 
_pdbx_validate_rmsd_angle.linker_flag 
1  1 "O4'" A C 3 ? ? "C1'" A C 3 ? ? N1 A C 3 ? ? 114.25 108.50 5.75 0.70 N 
2  1 "O4'" A C 7 ? ? "C1'" A C 7 ? ? N1 A C 7 ? ? 113.47 108.50 4.97 0.70 N 
3  1 "O4'" A C 8 ? ? "C1'" A C 8 ? ? N1 A C 8 ? ? 113.70 108.50 5.20 0.70 N 
4  1 "O4'" B C 3 ? ? "C1'" B C 3 ? ? N1 B C 3 ? ? 113.18 108.50 4.68 0.70 N 
5  1 "O4'" B C 7 ? ? "C1'" B C 7 ? ? N1 B C 7 ? ? 113.19 108.50 4.69 0.70 N 
6  1 "O4'" B C 8 ? ? "C1'" B C 8 ? ? N1 B C 8 ? ? 113.38 108.50 4.88 0.70 N 
7  1 "O4'" B U 9 ? ? "C1'" B U 9 ? ? N1 B U 9 ? ? 112.76 108.50 4.26 0.70 N 
8  2 "O4'" A C 3 ? ? "C1'" A C 3 ? ? N1 A C 3 ? ? 113.74 108.50 5.24 0.70 N 
9  2 "O4'" A C 7 ? ? "C1'" A C 7 ? ? N1 A C 7 ? ? 113.69 108.50 5.19 0.70 N 
10 2 "O4'" A C 8 ? ? "C1'" A C 8 ? ? N1 A C 8 ? ? 113.62 108.50 5.12 0.70 N 
11 2 "O4'" B C 3 ? ? "C1'" B C 3 ? ? N1 B C 3 ? ? 113.92 108.50 5.42 0.70 N 
12 2 "O4'" B G 6 ? ? "C1'" B G 6 ? ? N9 B G 6 ? ? 112.78 108.50 4.28 0.70 N 
13 2 "O4'" B C 7 ? ? "C1'" B C 7 ? ? N1 B C 7 ? ? 113.48 108.50 4.98 0.70 N 
14 2 "O4'" B C 8 ? ? "C1'" B C 8 ? ? N1 B C 8 ? ? 113.43 108.50 4.93 0.70 N 
15 3 "O4'" A C 3 ? ? "C1'" A C 3 ? ? N1 A C 3 ? ? 114.32 108.50 5.82 0.70 N 
16 3 "O4'" A C 7 ? ? "C1'" A C 7 ? ? N1 A C 7 ? ? 113.97 108.50 5.47 0.70 N 
17 3 "O4'" A C 8 ? ? "C1'" A C 8 ? ? N1 A C 8 ? ? 113.68 108.50 5.18 0.70 N 
18 3 "O4'" B C 3 ? ? "C1'" B C 3 ? ? N1 B C 3 ? ? 113.03 108.50 4.53 0.70 N 
19 3 "O4'" B C 7 ? ? "C1'" B C 7 ? ? N1 B C 7 ? ? 113.49 108.50 4.99 0.70 N 
20 3 "O4'" B C 8 ? ? "C1'" B C 8 ? ? N1 B C 8 ? ? 113.82 108.50 5.32 0.70 N 
21 3 "O4'" B U 9 ? ? "C1'" B U 9 ? ? N1 B U 9 ? ? 113.18 108.50 4.68 0.70 N 
# 
loop_
_pdbx_struct_mod_residue.id 
_pdbx_struct_mod_residue.label_asym_id 
_pdbx_struct_mod_residue.label_comp_id 
_pdbx_struct_mod_residue.label_seq_id 
_pdbx_struct_mod_residue.auth_asym_id 
_pdbx_struct_mod_residue.auth_comp_id 
_pdbx_struct_mod_residue.auth_seq_id 
_pdbx_struct_mod_residue.PDB_ins_code 
_pdbx_struct_mod_residue.parent_comp_id 
_pdbx_struct_mod_residue.details 
1 A P5P 4 A P5P 4 ? A 
;PURINE RIBOSIDE-5'-MONOPHOSPHATE
;
2 A P5P 5 A P5P 5 ? A 
;PURINE RIBOSIDE-5'-MONOPHOSPHATE
;
3 B P5P 4 B P5P 4 ? A 
;PURINE RIBOSIDE-5'-MONOPHOSPHATE
;
4 B P5P 5 B P5P 5 ? A 
;PURINE RIBOSIDE-5'-MONOPHOSPHATE
;
# 
_pdbx_nmr_ensemble.entry_id                                      1MV6 
_pdbx_nmr_ensemble.conformers_calculated_total_number            33 
_pdbx_nmr_ensemble.conformers_submitted_total_number             3 
_pdbx_nmr_ensemble.conformer_selection_criteria                  'Random Structures to show variety' 
_pdbx_nmr_ensemble.average_constraints_per_residue               ? 
_pdbx_nmr_ensemble.average_constraint_violations_per_residue     ? 
_pdbx_nmr_ensemble.maximum_distance_constraint_violation         ? 
_pdbx_nmr_ensemble.average_distance_constraint_violation         ? 
_pdbx_nmr_ensemble.maximum_upper_distance_constraint_violation   ? 
_pdbx_nmr_ensemble.maximum_lower_distance_constraint_violation   ? 
_pdbx_nmr_ensemble.distance_constraint_violation_method          ? 
_pdbx_nmr_ensemble.maximum_torsion_angle_constraint_violation    ? 
_pdbx_nmr_ensemble.average_torsion_angle_constraint_violation    ? 
_pdbx_nmr_ensemble.torsion_angle_constraint_violation_method     ? 
# 
_pdbx_nmr_representative.entry_id             1MV6 
_pdbx_nmr_representative.conformer_id         3 
_pdbx_nmr_representative.selection_criteria   'closest to the average' 
# 
loop_
_pdbx_nmr_sample_details.solution_id 
_pdbx_nmr_sample_details.contents 
_pdbx_nmr_sample_details.solvent_system 
1 '1mM RNA, 80 mM NaCl, 10mM phosphate buffer, 0.5mM EDTA; 90% H2O, 10% D2O' '90% H2O/10% D2O' 
2 '2mM RNA, 80 mM NaCl, 10mM phosphate buffer, 0.5mM EDTA; 99.996% D2O'      '99.996% D2O'     
# 
loop_
_pdbx_nmr_exptl_sample_conditions.conditions_id 
_pdbx_nmr_exptl_sample_conditions.temperature 
_pdbx_nmr_exptl_sample_conditions.pressure 
_pdbx_nmr_exptl_sample_conditions.pH 
_pdbx_nmr_exptl_sample_conditions.ionic_strength 
_pdbx_nmr_exptl_sample_conditions.pressure_units 
_pdbx_nmr_exptl_sample_conditions.temperature_units 
1 273 ambient 6.5 '90% H2O, 10% D2O' ? K 
2 303 ambient 7.7 '99.996% D2O'      ? K 
# 
_pdbx_nmr_exptl.experiment_id   1 
_pdbx_nmr_exptl.solution_id     2 
_pdbx_nmr_exptl.conditions_id   2 
_pdbx_nmr_exptl.type            '2D NOESY' 
# 
_pdbx_nmr_refine.entry_id           1MV6 
_pdbx_nmr_refine.method             'simulated annealing, energy minimization' 
_pdbx_nmr_refine.details            
'total of 63 interproton distance restraints per strand, 18 hydrogen bond restraints, and 50 dihedral angle restraints per strand.' 
_pdbx_nmr_refine.software_ordinal   1 
# 
loop_
_pdbx_nmr_software.name 
_pdbx_nmr_software.version 
_pdbx_nmr_software.classification 
_pdbx_nmr_software.authors 
_pdbx_nmr_software.ordinal 
VNMR     5.2  collection           Varian 1 
Felix    2000 'data analysis'      MSI    2 
Discover 95.0 'structure solution' MSI    3 
Discover 95.0 refinement           MSI    4 
# 
loop_
_chem_comp_atom.comp_id 
_chem_comp_atom.atom_id 
_chem_comp_atom.type_symbol 
_chem_comp_atom.pdbx_aromatic_flag 
_chem_comp_atom.pdbx_stereo_config 
_chem_comp_atom.pdbx_ordinal 
C   OP3    O N N 1   
C   P      P N N 2   
C   OP1    O N N 3   
C   OP2    O N N 4   
C   "O5'"  O N N 5   
C   "C5'"  C N N 6   
C   "C4'"  C N R 7   
C   "O4'"  O N N 8   
C   "C3'"  C N S 9   
C   "O3'"  O N N 10  
C   "C2'"  C N R 11  
C   "O2'"  O N N 12  
C   "C1'"  C N R 13  
C   N1     N N N 14  
C   C2     C N N 15  
C   O2     O N N 16  
C   N3     N N N 17  
C   C4     C N N 18  
C   N4     N N N 19  
C   C5     C N N 20  
C   C6     C N N 21  
C   HOP3   H N N 22  
C   HOP2   H N N 23  
C   "H5'"  H N N 24  
C   "H5''" H N N 25  
C   "H4'"  H N N 26  
C   "H3'"  H N N 27  
C   "HO3'" H N N 28  
C   "H2'"  H N N 29  
C   "HO2'" H N N 30  
C   "H1'"  H N N 31  
C   H41    H N N 32  
C   H42    H N N 33  
C   H5     H N N 34  
C   H6     H N N 35  
G   OP3    O N N 36  
G   P      P N N 37  
G   OP1    O N N 38  
G   OP2    O N N 39  
G   "O5'"  O N N 40  
G   "C5'"  C N N 41  
G   "C4'"  C N R 42  
G   "O4'"  O N N 43  
G   "C3'"  C N S 44  
G   "O3'"  O N N 45  
G   "C2'"  C N R 46  
G   "O2'"  O N N 47  
G   "C1'"  C N R 48  
G   N9     N Y N 49  
G   C8     C Y N 50  
G   N7     N Y N 51  
G   C5     C Y N 52  
G   C6     C N N 53  
G   O6     O N N 54  
G   N1     N N N 55  
G   C2     C N N 56  
G   N2     N N N 57  
G   N3     N N N 58  
G   C4     C Y N 59  
G   HOP3   H N N 60  
G   HOP2   H N N 61  
G   "H5'"  H N N 62  
G   "H5''" H N N 63  
G   "H4'"  H N N 64  
G   "H3'"  H N N 65  
G   "HO3'" H N N 66  
G   "H2'"  H N N 67  
G   "HO2'" H N N 68  
G   "H1'"  H N N 69  
G   H8     H N N 70  
G   H1     H N N 71  
G   H21    H N N 72  
G   H22    H N N 73  
P5P N1     N Y N 74  
P5P C2     C Y N 75  
P5P N3     N Y N 76  
P5P C4     C Y N 77  
P5P C5     C Y N 78  
P5P C6     C Y N 79  
P5P N7     N Y N 80  
P5P C8     C Y N 81  
P5P N9     N Y N 82  
P5P "C1'"  C N R 83  
P5P "C2'"  C N R 84  
P5P "O2'"  O N N 85  
P5P "C3'"  C N S 86  
P5P "O3'"  O N N 87  
P5P "C4'"  C N R 88  
P5P "O4'"  O N N 89  
P5P "C5'"  C N N 90  
P5P "O5'"  O N N 91  
P5P P      P N N 92  
P5P OP1    O N N 93  
P5P OP2    O N N 94  
P5P OP3    O N N 95  
P5P H2     H N N 96  
P5P H6     H N N 97  
P5P H8     H N N 98  
P5P "H1'"  H N N 99  
P5P "H2'"  H N N 100 
P5P "HO2'" H N N 101 
P5P "H3'"  H N N 102 
P5P "HO3'" H N N 103 
P5P "H4'"  H N N 104 
P5P "H5'1" H N N 105 
P5P "H5'2" H N N 106 
P5P HOP2   H N N 107 
P5P HOP3   H N N 108 
U   OP3    O N N 109 
U   P      P N N 110 
U   OP1    O N N 111 
U   OP2    O N N 112 
U   "O5'"  O N N 113 
U   "C5'"  C N N 114 
U   "C4'"  C N R 115 
U   "O4'"  O N N 116 
U   "C3'"  C N S 117 
U   "O3'"  O N N 118 
U   "C2'"  C N R 119 
U   "O2'"  O N N 120 
U   "C1'"  C N R 121 
U   N1     N N N 122 
U   C2     C N N 123 
U   O2     O N N 124 
U   N3     N N N 125 
U   C4     C N N 126 
U   O4     O N N 127 
U   C5     C N N 128 
U   C6     C N N 129 
U   HOP3   H N N 130 
U   HOP2   H N N 131 
U   "H5'"  H N N 132 
U   "H5''" H N N 133 
U   "H4'"  H N N 134 
U   "H3'"  H N N 135 
U   "HO3'" H N N 136 
U   "H2'"  H N N 137 
U   "HO2'" H N N 138 
U   "H1'"  H N N 139 
U   H3     H N N 140 
U   H5     H N N 141 
U   H6     H N N 142 
# 
loop_
_chem_comp_bond.comp_id 
_chem_comp_bond.atom_id_1 
_chem_comp_bond.atom_id_2 
_chem_comp_bond.value_order 
_chem_comp_bond.pdbx_aromatic_flag 
_chem_comp_bond.pdbx_stereo_config 
_chem_comp_bond.pdbx_ordinal 
C   OP3   P      sing N N 1   
C   OP3   HOP3   sing N N 2   
C   P     OP1    doub N N 3   
C   P     OP2    sing N N 4   
C   P     "O5'"  sing N N 5   
C   OP2   HOP2   sing N N 6   
C   "O5'" "C5'"  sing N N 7   
C   "C5'" "C4'"  sing N N 8   
C   "C5'" "H5'"  sing N N 9   
C   "C5'" "H5''" sing N N 10  
C   "C4'" "O4'"  sing N N 11  
C   "C4'" "C3'"  sing N N 12  
C   "C4'" "H4'"  sing N N 13  
C   "O4'" "C1'"  sing N N 14  
C   "C3'" "O3'"  sing N N 15  
C   "C3'" "C2'"  sing N N 16  
C   "C3'" "H3'"  sing N N 17  
C   "O3'" "HO3'" sing N N 18  
C   "C2'" "O2'"  sing N N 19  
C   "C2'" "C1'"  sing N N 20  
C   "C2'" "H2'"  sing N N 21  
C   "O2'" "HO2'" sing N N 22  
C   "C1'" N1     sing N N 23  
C   "C1'" "H1'"  sing N N 24  
C   N1    C2     sing N N 25  
C   N1    C6     sing N N 26  
C   C2    O2     doub N N 27  
C   C2    N3     sing N N 28  
C   N3    C4     doub N N 29  
C   C4    N4     sing N N 30  
C   C4    C5     sing N N 31  
C   N4    H41    sing N N 32  
C   N4    H42    sing N N 33  
C   C5    C6     doub N N 34  
C   C5    H5     sing N N 35  
C   C6    H6     sing N N 36  
G   OP3   P      sing N N 37  
G   OP3   HOP3   sing N N 38  
G   P     OP1    doub N N 39  
G   P     OP2    sing N N 40  
G   P     "O5'"  sing N N 41  
G   OP2   HOP2   sing N N 42  
G   "O5'" "C5'"  sing N N 43  
G   "C5'" "C4'"  sing N N 44  
G   "C5'" "H5'"  sing N N 45  
G   "C5'" "H5''" sing N N 46  
G   "C4'" "O4'"  sing N N 47  
G   "C4'" "C3'"  sing N N 48  
G   "C4'" "H4'"  sing N N 49  
G   "O4'" "C1'"  sing N N 50  
G   "C3'" "O3'"  sing N N 51  
G   "C3'" "C2'"  sing N N 52  
G   "C3'" "H3'"  sing N N 53  
G   "O3'" "HO3'" sing N N 54  
G   "C2'" "O2'"  sing N N 55  
G   "C2'" "C1'"  sing N N 56  
G   "C2'" "H2'"  sing N N 57  
G   "O2'" "HO2'" sing N N 58  
G   "C1'" N9     sing N N 59  
G   "C1'" "H1'"  sing N N 60  
G   N9    C8     sing Y N 61  
G   N9    C4     sing Y N 62  
G   C8    N7     doub Y N 63  
G   C8    H8     sing N N 64  
G   N7    C5     sing Y N 65  
G   C5    C6     sing N N 66  
G   C5    C4     doub Y N 67  
G   C6    O6     doub N N 68  
G   C6    N1     sing N N 69  
G   N1    C2     sing N N 70  
G   N1    H1     sing N N 71  
G   C2    N2     sing N N 72  
G   C2    N3     doub N N 73  
G   N2    H21    sing N N 74  
G   N2    H22    sing N N 75  
G   N3    C4     sing N N 76  
P5P N1    C2     sing Y N 77  
P5P N1    C6     doub Y N 78  
P5P C2    N3     doub Y N 79  
P5P C2    H2     sing N N 80  
P5P N3    C4     sing Y N 81  
P5P C4    C5     doub Y N 82  
P5P C4    N9     sing Y N 83  
P5P C5    C6     sing Y N 84  
P5P C5    N7     sing Y N 85  
P5P C6    H6     sing N N 86  
P5P N7    C8     doub Y N 87  
P5P C8    N9     sing Y N 88  
P5P C8    H8     sing N N 89  
P5P N9    "C1'"  sing N N 90  
P5P "C1'" "C2'"  sing N N 91  
P5P "C1'" "O4'"  sing N N 92  
P5P "C1'" "H1'"  sing N N 93  
P5P "C2'" "O2'"  sing N N 94  
P5P "C2'" "C3'"  sing N N 95  
P5P "C2'" "H2'"  sing N N 96  
P5P "O2'" "HO2'" sing N N 97  
P5P "C3'" "O3'"  sing N N 98  
P5P "C3'" "C4'"  sing N N 99  
P5P "C3'" "H3'"  sing N N 100 
P5P "O3'" "HO3'" sing N N 101 
P5P "C4'" "O4'"  sing N N 102 
P5P "C4'" "C5'"  sing N N 103 
P5P "C4'" "H4'"  sing N N 104 
P5P "C5'" "O5'"  sing N N 105 
P5P "C5'" "H5'1" sing N N 106 
P5P "C5'" "H5'2" sing N N 107 
P5P "O5'" P      sing N N 108 
P5P P     OP1    doub N N 109 
P5P P     OP2    sing N N 110 
P5P P     OP3    sing N N 111 
P5P OP2   HOP2   sing N N 112 
P5P OP3   HOP3   sing N N 113 
U   OP3   P      sing N N 114 
U   OP3   HOP3   sing N N 115 
U   P     OP1    doub N N 116 
U   P     OP2    sing N N 117 
U   P     "O5'"  sing N N 118 
U   OP2   HOP2   sing N N 119 
U   "O5'" "C5'"  sing N N 120 
U   "C5'" "C4'"  sing N N 121 
U   "C5'" "H5'"  sing N N 122 
U   "C5'" "H5''" sing N N 123 
U   "C4'" "O4'"  sing N N 124 
U   "C4'" "C3'"  sing N N 125 
U   "C4'" "H4'"  sing N N 126 
U   "O4'" "C1'"  sing N N 127 
U   "C3'" "O3'"  sing N N 128 
U   "C3'" "C2'"  sing N N 129 
U   "C3'" "H3'"  sing N N 130 
U   "O3'" "HO3'" sing N N 131 
U   "C2'" "O2'"  sing N N 132 
U   "C2'" "C1'"  sing N N 133 
U   "C2'" "H2'"  sing N N 134 
U   "O2'" "HO2'" sing N N 135 
U   "C1'" N1     sing N N 136 
U   "C1'" "H1'"  sing N N 137 
U   N1    C2     sing N N 138 
U   N1    C6     sing N N 139 
U   C2    O2     doub N N 140 
U   C2    N3     sing N N 141 
U   N3    C4     sing N N 142 
U   N3    H3     sing N N 143 
U   C4    O4     doub N N 144 
U   C4    C5     sing N N 145 
U   C5    C6     doub N N 146 
U   C5    H5     sing N N 147 
U   C6    H6     sing N N 148 
# 
loop_
_ndb_struct_conf_na.entry_id 
_ndb_struct_conf_na.feature 
1MV6 'a-form double helix' 
1MV6 'internal loop'       
# 
loop_
_ndb_struct_na_base_pair.model_number 
_ndb_struct_na_base_pair.i_label_asym_id 
_ndb_struct_na_base_pair.i_label_comp_id 
_ndb_struct_na_base_pair.i_label_seq_id 
_ndb_struct_na_base_pair.i_symmetry 
_ndb_struct_na_base_pair.j_label_asym_id 
_ndb_struct_na_base_pair.j_label_comp_id 
_ndb_struct_na_base_pair.j_label_seq_id 
_ndb_struct_na_base_pair.j_symmetry 
_ndb_struct_na_base_pair.shear 
_ndb_struct_na_base_pair.stretch 
_ndb_struct_na_base_pair.stagger 
_ndb_struct_na_base_pair.buckle 
_ndb_struct_na_base_pair.propeller 
_ndb_struct_na_base_pair.opening 
_ndb_struct_na_base_pair.pair_number 
_ndb_struct_na_base_pair.pair_name 
_ndb_struct_na_base_pair.i_auth_asym_id 
_ndb_struct_na_base_pair.i_auth_seq_id 
_ndb_struct_na_base_pair.i_PDB_ins_code 
_ndb_struct_na_base_pair.j_auth_asym_id 
_ndb_struct_na_base_pair.j_auth_seq_id 
_ndb_struct_na_base_pair.j_PDB_ins_code 
_ndb_struct_na_base_pair.hbond_type_28 
_ndb_struct_na_base_pair.hbond_type_12 
1 A G 1 1_555 B C 8 1_555 -0.619 -0.173 -0.293 -8.258 -4.544  -1.243 1 A_G1:C8_B A 1 ? B 8 ? 19 1 
1 A G 2 1_555 B C 7 1_555 -0.370 -0.075 -0.115 -4.460 -10.259 -0.432 2 A_G2:C7_B A 2 ? B 7 ? 19 1 
1 A C 3 1_555 B G 6 1_555 0.717  -0.181 0.046  -2.369 -15.275 1.559  3 A_C3:G6_B A 3 ? B 6 ? 19 1 
1 A G 6 1_555 B C 3 1_555 -0.554 -0.185 -0.324 -5.724 -16.838 0.836  4 A_G6:C3_B A 6 ? B 3 ? 19 1 
1 A C 7 1_555 B G 2 1_555 0.445  -0.086 0.019  -6.205 -5.706  -1.054 5 A_C7:G2_B A 7 ? B 2 ? 19 1 
1 A C 8 1_555 B G 1 1_555 0.573  -0.150 -0.295 7.224  -2.004  -0.765 6 A_C8:G1_B A 8 ? B 1 ? 19 1 
# 
loop_
_ndb_struct_na_base_pair_step.model_number 
_ndb_struct_na_base_pair_step.i_label_asym_id_1 
_ndb_struct_na_base_pair_step.i_label_comp_id_1 
_ndb_struct_na_base_pair_step.i_label_seq_id_1 
_ndb_struct_na_base_pair_step.i_symmetry_1 
_ndb_struct_na_base_pair_step.j_label_asym_id_1 
_ndb_struct_na_base_pair_step.j_label_comp_id_1 
_ndb_struct_na_base_pair_step.j_label_seq_id_1 
_ndb_struct_na_base_pair_step.j_symmetry_1 
_ndb_struct_na_base_pair_step.i_label_asym_id_2 
_ndb_struct_na_base_pair_step.i_label_comp_id_2 
_ndb_struct_na_base_pair_step.i_label_seq_id_2 
_ndb_struct_na_base_pair_step.i_symmetry_2 
_ndb_struct_na_base_pair_step.j_label_asym_id_2 
_ndb_struct_na_base_pair_step.j_label_comp_id_2 
_ndb_struct_na_base_pair_step.j_label_seq_id_2 
_ndb_struct_na_base_pair_step.j_symmetry_2 
_ndb_struct_na_base_pair_step.shift 
_ndb_struct_na_base_pair_step.slide 
_ndb_struct_na_base_pair_step.rise 
_ndb_struct_na_base_pair_step.tilt 
_ndb_struct_na_base_pair_step.roll 
_ndb_struct_na_base_pair_step.twist 
_ndb_struct_na_base_pair_step.x_displacement 
_ndb_struct_na_base_pair_step.y_displacement 
_ndb_struct_na_base_pair_step.helical_rise 
_ndb_struct_na_base_pair_step.inclination 
_ndb_struct_na_base_pair_step.tip 
_ndb_struct_na_base_pair_step.helical_twist 
_ndb_struct_na_base_pair_step.step_number 
_ndb_struct_na_base_pair_step.step_name 
_ndb_struct_na_base_pair_step.i_auth_asym_id_1 
_ndb_struct_na_base_pair_step.i_auth_seq_id_1 
_ndb_struct_na_base_pair_step.i_PDB_ins_code_1 
_ndb_struct_na_base_pair_step.j_auth_asym_id_1 
_ndb_struct_na_base_pair_step.j_auth_seq_id_1 
_ndb_struct_na_base_pair_step.j_PDB_ins_code_1 
_ndb_struct_na_base_pair_step.i_auth_asym_id_2 
_ndb_struct_na_base_pair_step.i_auth_seq_id_2 
_ndb_struct_na_base_pair_step.i_PDB_ins_code_2 
_ndb_struct_na_base_pair_step.j_auth_asym_id_2 
_ndb_struct_na_base_pair_step.j_auth_seq_id_2 
_ndb_struct_na_base_pair_step.j_PDB_ins_code_2 
1 A G 1 1_555 B C 8 1_555 A G 2 1_555 B C 7 1_555 -0.021 -1.874 3.195 -0.294 4.600 30.799 -4.313 -0.013 2.891 8.600 0.549  31.134 
1 AA_G1G2:C7C8_BB A 1 ? B 8 ? A 2 ? B 7 ? 
1 A G 2 1_555 B C 7 1_555 A C 3 1_555 B G 6 1_555 0.085  -1.741 3.209 -0.310 3.402 33.470 -3.539 -0.195 3.022 5.888 0.537  33.639 
2 AA_G2C3:G6C7_BB A 2 ? B 7 ? A 3 ? B 6 ? 
1 A G 6 1_555 B C 3 1_555 A C 7 1_555 B G 2 1_555 0.111  -1.857 3.257 -1.465 4.957 33.356 -3.966 -0.418 2.951 8.572 2.534  33.743 
3 AA_G6C7:G2C3_BB A 6 ? B 3 ? A 7 ? B 2 ? 
1 A C 7 1_555 B G 2 1_555 A C 8 1_555 B G 1 1_555 0.074  -1.817 2.998 1.640  1.790 28.159 -4.096 0.190  2.878 3.669 -3.363 28.262 
4 AA_C7C8:G1G2_BB A 7 ? B 2 ? A 8 ? B 1 ? 
# 
_pdbx_nmr_spectrometer.spectrometer_id   1 
_pdbx_nmr_spectrometer.type              ? 
_pdbx_nmr_spectrometer.manufacturer      Varian 
_pdbx_nmr_spectrometer.model             INOVA 
_pdbx_nmr_spectrometer.field_strength    500 
# 
_atom_sites.entry_id                    1MV6 
_atom_sites.fract_transf_matrix[1][1]   1.000000 
_atom_sites.fract_transf_matrix[1][2]   0.000000 
_atom_sites.fract_transf_matrix[1][3]   0.000000 
_atom_sites.fract_transf_matrix[2][1]   0.000000 
_atom_sites.fract_transf_matrix[2][2]   1.000000 
_atom_sites.fract_transf_matrix[2][3]   0.000000 
_atom_sites.fract_transf_matrix[3][1]   0.000000 
_atom_sites.fract_transf_matrix[3][2]   0.000000 
_atom_sites.fract_transf_matrix[3][3]   1.000000 
_atom_sites.fract_transf_vector[1]      0.00000 
_atom_sites.fract_transf_vector[2]      0.00000 
_atom_sites.fract_transf_vector[3]      0.00000 
# 
loop_
_atom_type.symbol 
C 
H 
N 
O 
P 
# 
loop_
_atom_site.group_PDB 
_atom_site.id 
_atom_site.type_symbol 
_atom_site.label_atom_id 
_atom_site.label_alt_id 
_atom_site.label_comp_id 
_atom_site.label_asym_id 
_atom_site.label_entity_id 
_atom_site.label_seq_id 
_atom_site.pdbx_PDB_ins_code 
_atom_site.Cartn_x 
_atom_site.Cartn_y 
_atom_site.Cartn_z 
_atom_site.occupancy 
_atom_site.B_iso_or_equiv 
_atom_site.pdbx_formal_charge 
_atom_site.auth_seq_id 
_atom_site.auth_comp_id 
_atom_site.auth_asym_id 
_atom_site.auth_atom_id 
_atom_site.pdbx_PDB_model_num 
ATOM   1    O "O5'"  . G   A 1 1 ? -8.770  6.012   7.636   1.00 0.00 ? 1 G   A "O5'"  1 
ATOM   2    C "C5'"  . G   A 1 1 ? -10.045 6.556   7.362   1.00 0.00 ? 1 G   A "C5'"  1 
ATOM   3    C "C4'"  . G   A 1 1 ? -9.994  7.585   6.227   1.00 0.00 ? 1 G   A "C4'"  1 
ATOM   4    O "O4'"  . G   A 1 1 ? -9.122  8.669   6.522   1.00 0.00 ? 1 G   A "O4'"  1 
ATOM   5    C "C3'"  . G   A 1 1 ? -9.505  7.027   4.891   1.00 0.00 ? 1 G   A "C3'"  1 
ATOM   6    O "O3'"  . G   A 1 1 ? -10.475 6.231   4.228   1.00 0.00 ? 1 G   A "O3'"  1 
ATOM   7    C "C2'"  . G   A 1 1 ? -9.203  8.341   4.170   1.00 0.00 ? 1 G   A "C2'"  1 
ATOM   8    O "O2'"  . G   A 1 1 ? -10.382 8.988   3.727   1.00 0.00 ? 1 G   A "O2'"  1 
ATOM   9    C "C1'"  . G   A 1 1 ? -8.585  9.168   5.299   1.00 0.00 ? 1 G   A "C1'"  1 
ATOM   10   N N9     . G   A 1 1 ? -7.108  9.037   5.281   1.00 0.00 ? 1 G   A N9     1 
ATOM   11   C C8     . G   A 1 1 ? -6.288  8.348   6.139   1.00 0.00 ? 1 G   A C8     1 
ATOM   12   N N7     . G   A 1 1 ? -5.022  8.405   5.835   1.00 0.00 ? 1 G   A N7     1 
ATOM   13   C C5     . G   A 1 1 ? -4.990  9.186   4.682   1.00 0.00 ? 1 G   A C5     1 
ATOM   14   C C6     . G   A 1 1 ? -3.885  9.601   3.867   1.00 0.00 ? 1 G   A C6     1 
ATOM   15   O O6     . G   A 1 1 ? -2.687  9.374   4.022   1.00 0.00 ? 1 G   A O6     1 
ATOM   16   N N1     . G   A 1 1 ? -4.280  10.369  2.777   1.00 0.00 ? 1 G   A N1     1 
ATOM   17   C C2     . G   A 1 1 ? -5.580  10.742  2.528   1.00 0.00 ? 1 G   A C2     1 
ATOM   18   N N2     . G   A 1 1 ? -5.792  11.507  1.465   1.00 0.00 ? 1 G   A N2     1 
ATOM   19   N N3     . G   A 1 1 ? -6.623  10.370  3.283   1.00 0.00 ? 1 G   A N3     1 
ATOM   20   C C4     . G   A 1 1 ? -6.265  9.588   4.343   1.00 0.00 ? 1 G   A C4     1 
ATOM   21   H "H5'"  . G   A 1 1 ? -10.433 7.034   8.263   1.00 0.00 ? 1 G   A "H5'"  1 
ATOM   22   H "H5''" . G   A 1 1 ? -10.722 5.749   7.078   1.00 0.00 ? 1 G   A "H5''" 1 
ATOM   23   H "H4'"  . G   A 1 1 ? -11.000 7.984   6.083   1.00 0.00 ? 1 G   A "H4'"  1 
ATOM   24   H "H3'"  . G   A 1 1 ? -8.579  6.471   5.049   1.00 0.00 ? 1 G   A "H3'"  1 
ATOM   25   H "H2'"  . G   A 1 1 ? -8.515  8.196   3.338   1.00 0.00 ? 1 G   A "H2'"  1 
ATOM   26   H "HO2'" . G   A 1 1 ? -10.893 8.354   3.219   1.00 0.00 ? 1 G   A "HO2'" 1 
ATOM   27   H "H1'"  . G   A 1 1 ? -8.848  10.218  5.165   1.00 0.00 ? 1 G   A "H1'"  1 
ATOM   28   H H8     . G   A 1 1 ? -6.654  7.803   6.995   1.00 0.00 ? 1 G   A H8     1 
ATOM   29   H H1     . G   A 1 1 ? -3.546  10.682  2.158   1.00 0.00 ? 1 G   A H1     1 
ATOM   30   H H21    . G   A 1 1 ? -5.017  11.767  0.860   1.00 0.00 ? 1 G   A H21    1 
ATOM   31   H H22    . G   A 1 1 ? -6.734  11.795  1.264   1.00 0.00 ? 1 G   A H22    1 
ATOM   32   H "HO5'" . G   A 1 1 ? -8.220  6.705   8.011   1.00 0.00 ? 1 G   A "HO5'" 1 
ATOM   33   P P      . G   A 1 2 ? -10.064 5.157   3.089   1.00 0.00 ? 2 G   A P      1 
ATOM   34   O OP1    . G   A 1 2 ? -11.289 4.441   2.672   1.00 0.00 ? 2 G   A OP1    1 
ATOM   35   O OP2    . G   A 1 2 ? -8.894  4.392   3.570   1.00 0.00 ? 2 G   A OP2    1 
ATOM   36   O "O5'"  . G   A 1 2 ? -9.579  6.093   1.867   1.00 0.00 ? 2 G   A "O5'"  1 
ATOM   37   C "C5'"  . G   A 1 2 ? -10.501 6.802   1.060   1.00 0.00 ? 2 G   A "C5'"  1 
ATOM   38   C "C4'"  . G   A 1 2 ? -9.765  7.692   0.054   1.00 0.00 ? 2 G   A "C4'"  1 
ATOM   39   O "O4'"  . G   A 1 2 ? -8.842  8.569   0.688   1.00 0.00 ? 2 G   A "O4'"  1 
ATOM   40   C "C3'"  . G   A 1 2 ? -8.964  6.899   -0.977  1.00 0.00 ? 2 G   A "C3'"  1 
ATOM   41   O "O3'"  . G   A 1 2 ? -9.772  6.376   -2.020  1.00 0.00 ? 2 G   A "O3'"  1 
ATOM   42   C "C2'"  . G   A 1 2 ? -8.012  7.991   -1.455  1.00 0.00 ? 2 G   A "C2'"  1 
ATOM   43   O "O2'"  . G   A 1 2 ? -8.644  8.898   -2.342  1.00 0.00 ? 2 G   A "O2'"  1 
ATOM   44   C "C1'"  . G   A 1 2 ? -7.699  8.720   -0.150  1.00 0.00 ? 2 G   A "C1'"  1 
ATOM   45   N N9     . G   A 1 2 ? -6.477  8.153   0.475   1.00 0.00 ? 2 G   A N9     1 
ATOM   46   C C8     . G   A 1 2 ? -6.352  7.308   1.549   1.00 0.00 ? 2 G   A C8     1 
ATOM   47   N N7     . G   A 1 2 ? -5.119  7.005   1.851   1.00 0.00 ? 2 G   A N7     1 
ATOM   48   C C5     . G   A 1 2 ? -4.361  7.682   0.895   1.00 0.00 ? 2 G   A C5     1 
ATOM   49   C C6     . G   A 1 2 ? -2.942  7.744   0.694   1.00 0.00 ? 2 G   A C6     1 
ATOM   50   O O6     . G   A 1 2 ? -2.043  7.226   1.353   1.00 0.00 ? 2 G   A O6     1 
ATOM   51   N N1     . G   A 1 2 ? -2.591  8.495   -0.421  1.00 0.00 ? 2 G   A N1     1 
ATOM   52   C C2     . G   A 1 2 ? -3.491  9.150   -1.226  1.00 0.00 ? 2 G   A C2     1 
ATOM   53   N N2     . G   A 1 2 ? -3.004  9.800   -2.275  1.00 0.00 ? 2 G   A N2     1 
ATOM   54   N N3     . G   A 1 2 ? -4.817  9.132   -1.031  1.00 0.00 ? 2 G   A N3     1 
ATOM   55   C C4     . G   A 1 2 ? -5.191  8.375   0.041   1.00 0.00 ? 2 G   A C4     1 
ATOM   56   H "H5'"  . G   A 1 2 ? -11.135 7.427   1.687   1.00 0.00 ? 2 G   A "H5'"  1 
ATOM   57   H "H5''" . G   A 1 2 ? -11.134 6.097   0.518   1.00 0.00 ? 2 G   A "H5''" 1 
ATOM   58   H "H4'"  . G   A 1 2 ? -10.501 8.296   -0.479  1.00 0.00 ? 2 G   A "H4'"  1 
ATOM   59   H "H3'"  . G   A 1 2 ? -8.402  6.112   -0.472  1.00 0.00 ? 2 G   A "H3'"  1 
ATOM   60   H "H2'"  . G   A 1 2 ? -7.117  7.574   -1.913  1.00 0.00 ? 2 G   A "H2'"  1 
ATOM   61   H "HO2'" . G   A 1 2 ? -9.093  8.381   -3.016  1.00 0.00 ? 2 G   A "HO2'" 1 
ATOM   62   H "H1'"  . G   A 1 2 ? -7.520  9.775   -0.360  1.00 0.00 ? 2 G   A "H1'"  1 
ATOM   63   H H8     . G   A 1 2 ? -7.196  6.929   2.104   1.00 0.00 ? 2 G   A H8     1 
ATOM   64   H H1     . G   A 1 2 ? -1.605  8.551   -0.637  1.00 0.00 ? 2 G   A H1     1 
ATOM   65   H H21    . G   A 1 2 ? -2.009  9.773   -2.483  1.00 0.00 ? 2 G   A H21    1 
ATOM   66   H H22    . G   A 1 2 ? -3.650  10.285  -2.874  1.00 0.00 ? 2 G   A H22    1 
ATOM   67   P P      . C   A 1 3 ? -9.319  5.084   -2.884  1.00 0.00 ? 3 C   A P      1 
ATOM   68   O OP1    . C   A 1 3 ? -10.397 4.785   -3.854  1.00 0.00 ? 3 C   A OP1    1 
ATOM   69   O OP2    . C   A 1 3 ? -8.866  4.037   -1.943  1.00 0.00 ? 3 C   A OP2    1 
ATOM   70   O "O5'"  . C   A 1 3 ? -8.032  5.621   -3.694  1.00 0.00 ? 3 C   A "O5'"  1 
ATOM   71   C "C5'"  . C   A 1 3 ? -8.149  6.475   -4.818  1.00 0.00 ? 3 C   A "C5'"  1 
ATOM   72   C "C4'"  . C   A 1 3 ? -6.767  6.966   -5.263  1.00 0.00 ? 3 C   A "C4'"  1 
ATOM   73   O "O4'"  . C   A 1 3 ? -6.047  7.561   -4.186  1.00 0.00 ? 3 C   A "O4'"  1 
ATOM   74   C "C3'"  . C   A 1 3 ? -5.872  5.852   -5.801  1.00 0.00 ? 3 C   A "C3'"  1 
ATOM   75   O "O3'"  . C   A 1 3 ? -6.095  5.531   -7.163  1.00 0.00 ? 3 C   A "O3'"  1 
ATOM   76   C "C2'"  . C   A 1 3 ? -4.507  6.505   -5.634  1.00 0.00 ? 3 C   A "C2'"  1 
ATOM   77   O "O2'"  . C   A 1 3 ? -4.245  7.427   -6.678  1.00 0.00 ? 3 C   A "O2'"  1 
ATOM   78   C "C1'"  . C   A 1 3 ? -4.660  7.265   -4.320  1.00 0.00 ? 3 C   A "C1'"  1 
ATOM   79   N N1     . C   A 1 3 ? -4.095  6.455   -3.198  1.00 0.00 ? 3 C   A N1     1 
ATOM   80   C C2     . C   A 1 3 ? -2.699  6.398   -3.082  1.00 0.00 ? 3 C   A C2     1 
ATOM   81   O O2     . C   A 1 3 ? -1.966  7.005   -3.858  1.00 0.00 ? 3 C   A O2     1 
ATOM   82   N N3     . C   A 1 3 ? -2.140  5.657   -2.090  1.00 0.00 ? 3 C   A N3     1 
ATOM   83   C C4     . C   A 1 3 ? -2.904  4.999   -1.221  1.00 0.00 ? 3 C   A C4     1 
ATOM   84   N N4     . C   A 1 3 ? -2.285  4.318   -0.267  1.00 0.00 ? 3 C   A N4     1 
ATOM   85   C C5     . C   A 1 3 ? -4.335  5.033   -1.301  1.00 0.00 ? 3 C   A C5     1 
ATOM   86   C C6     . C   A 1 3 ? -4.883  5.760   -2.308  1.00 0.00 ? 3 C   A C6     1 
ATOM   87   H "H5'"  . C   A 1 3 ? -8.760  7.339   -4.561  1.00 0.00 ? 3 C   A "H5'"  1 
ATOM   88   H "H5''" . C   A 1 3 ? -8.622  5.939   -5.642  1.00 0.00 ? 3 C   A "H5''" 1 
ATOM   89   H "H4'"  . C   A 1 3 ? -6.892  7.711   -6.050  1.00 0.00 ? 3 C   A "H4'"  1 
ATOM   90   H "H3'"  . C   A 1 3 ? -5.960  4.974   -5.159  1.00 0.00 ? 3 C   A "H3'"  1 
ATOM   91   H "H2'"  . C   A 1 3 ? -3.718  5.759   -5.586  1.00 0.00 ? 3 C   A "H2'"  1 
ATOM   92   H "HO2'" . C   A 1 3 ? -4.567  7.026   -7.492  1.00 0.00 ? 3 C   A "HO2'" 1 
ATOM   93   H "H1'"  . C   A 1 3 ? -4.099  8.197   -4.390  1.00 0.00 ? 3 C   A "H1'"  1 
ATOM   94   H H41    . C   A 1 3 ? -1.273  4.380   -0.237  1.00 0.00 ? 3 C   A H41    1 
ATOM   95   H H42    . C   A 1 3 ? -2.806  3.830   0.441   1.00 0.00 ? 3 C   A H42    1 
ATOM   96   H H5     . C   A 1 3 ? -4.975  4.501   -0.615  1.00 0.00 ? 3 C   A H5     1 
ATOM   97   H H6     . C   A 1 3 ? -5.957  5.786   -2.406  1.00 0.00 ? 3 C   A H6     1 
HETATM 98   N N1     . P5P A 1 4 ? -2.449  0.277   -0.742  1.00 0.00 ? 4 P5P A N1     1 
HETATM 99   C C2     . P5P A 1 4 ? -1.298  0.590   -1.337  1.00 0.00 ? 4 P5P A C2     1 
HETATM 100  N N3     . P5P A 1 4 ? -1.104  1.373   -2.396  1.00 0.00 ? 4 P5P A N3     1 
HETATM 101  C C4     . P5P A 1 4 ? -2.274  1.867   -2.886  1.00 0.00 ? 4 P5P A C4     1 
HETATM 102  C C5     . P5P A 1 4 ? -3.530  1.625   -2.385  1.00 0.00 ? 4 P5P A C5     1 
HETATM 103  C C6     . P5P A 1 4 ? -3.592  0.785   -1.250  1.00 0.00 ? 4 P5P A C6     1 
HETATM 104  N N7     . P5P A 1 4 ? -4.494  2.282   -3.139  1.00 0.00 ? 4 P5P A N7     1 
HETATM 105  C C8     . P5P A 1 4 ? -3.796  2.884   -4.063  1.00 0.00 ? 4 P5P A C8     1 
HETATM 106  N N9     . P5P A 1 4 ? -2.438  2.688   -3.977  1.00 0.00 ? 4 P5P A N9     1 
HETATM 107  C "C1'"  . P5P A 1 4 ? -1.354  3.189   -4.862  1.00 0.00 ? 4 P5P A "C1'"  1 
HETATM 108  C "C2'"  . P5P A 1 4 ? -0.822  2.068   -5.754  1.00 0.00 ? 4 P5P A "C2'"  1 
HETATM 109  O "O2'"  . P5P A 1 4 ? 0.530   2.336   -6.081  1.00 0.00 ? 4 P5P A "O2'"  1 
HETATM 110  C "C3'"  . P5P A 1 4 ? -1.739  2.180   -6.973  1.00 0.00 ? 4 P5P A "C3'"  1 
HETATM 111  O "O3'"  . P5P A 1 4 ? -1.194  1.620   -8.158  1.00 0.00 ? 4 P5P A "O3'"  1 
HETATM 112  C "C4'"  . P5P A 1 4 ? -1.889  3.698   -7.071  1.00 0.00 ? 4 P5P A "C4'"  1 
HETATM 113  O "O4'"  . P5P A 1 4 ? -1.842  4.201   -5.737  1.00 0.00 ? 4 P5P A "O4'"  1 
HETATM 114  C "C5'"  . P5P A 1 4 ? -3.147  4.145   -7.834  1.00 0.00 ? 4 P5P A "C5'"  1 
HETATM 115  O "O5'"  . P5P A 1 4 ? -4.324  3.684   -7.195  1.00 0.00 ? 4 P5P A "O5'"  1 
HETATM 116  P P      . P5P A 1 4 ? -5.808  4.047   -7.729  1.00 0.00 ? 4 P5P A P      1 
HETATM 117  O OP1    . P5P A 1 4 ? -5.770  4.130   -9.205  1.00 0.00 ? 4 P5P A OP1    1 
HETATM 118  O OP2    . P5P A 1 4 ? -6.760  3.134   -7.065  1.00 0.00 ? 4 P5P A OP2    1 
HETATM 119  H H2     . P5P A 1 4 ? -0.407  0.161   -0.901  1.00 0.00 ? 4 P5P A H2     1 
HETATM 120  H H6     . P5P A 1 4 ? -4.542  0.544   -0.795  1.00 0.00 ? 4 P5P A H6     1 
HETATM 121  H H8     . P5P A 1 4 ? -4.252  3.490   -4.826  1.00 0.00 ? 4 P5P A H8     1 
HETATM 122  H "H1'"  . P5P A 1 4 ? -0.541  3.575   -4.242  1.00 0.00 ? 4 P5P A "H1'"  1 
HETATM 123  H "H2'"  . P5P A 1 4 ? -0.911  1.089   -5.279  1.00 0.00 ? 4 P5P A "H2'"  1 
HETATM 124  H "HO2'" . P5P A 1 4 ? 0.819   1.658   -6.705  1.00 0.00 ? 4 P5P A "HO2'" 1 
HETATM 125  H "H3'"  . P5P A 1 4 ? -2.704  1.726   -6.743  1.00 0.00 ? 4 P5P A "H3'"  1 
HETATM 126  H "H4'"  . P5P A 1 4 ? -1.015  4.082   -7.597  1.00 0.00 ? 4 P5P A "H4'"  1 
HETATM 127  H "H5'1" . P5P A 1 4 ? -3.159  5.232   -7.892  1.00 0.00 ? 4 P5P A "H5'1" 1 
HETATM 128  H "H5'2" . P5P A 1 4 ? -3.107  3.742   -8.848  1.00 0.00 ? 4 P5P A "H5'2" 1 
HETATM 129  N N1     . P5P A 1 5 ? 3.960   -2.137  -0.989  1.00 0.00 ? 5 P5P A N1     1 
HETATM 130  C C2     . P5P A 1 5 ? 4.937   -1.924  -1.868  1.00 0.00 ? 5 P5P A C2     1 
HETATM 131  N N3     . P5P A 1 5 ? 4.841   -1.433  -3.105  1.00 0.00 ? 5 P5P A N3     1 
HETATM 132  C C4     . P5P A 1 5 ? 3.549   -1.140  -3.429  1.00 0.00 ? 5 P5P A C4     1 
HETATM 133  C C5     . P5P A 1 5 ? 2.447   -1.308  -2.627  1.00 0.00 ? 5 P5P A C5     1 
HETATM 134  C C6     . P5P A 1 5 ? 2.694   -1.827  -1.338  1.00 0.00 ? 5 P5P A C6     1 
HETATM 135  N N7     . P5P A 1 5 ? 1.288   -0.927  -3.293  1.00 0.00 ? 5 P5P A N7     1 
HETATM 136  C C8     . P5P A 1 5 ? 1.721   -0.535  -4.459  1.00 0.00 ? 5 P5P A C8     1 
HETATM 137  N N9     . P5P A 1 5 ? 3.086   -0.610  -4.611  1.00 0.00 ? 5 P5P A N9     1 
HETATM 138  C "C1'"  . P5P A 1 5 ? 3.930   -0.200  -5.760  1.00 0.00 ? 5 P5P A "C1'"  1 
HETATM 139  C "C2'"  . P5P A 1 5 ? 4.340   -1.413  -6.595  1.00 0.00 ? 5 P5P A "C2'"  1 
HETATM 140  O "O2'"  . P5P A 1 5 ? 5.608   -1.170  -7.178  1.00 0.00 ? 5 P5P A "O2'"  1 
HETATM 141  C "C3'"  . P5P A 1 5 ? 3.229   -1.450  -7.641  1.00 0.00 ? 5 P5P A "C3'"  1 
HETATM 142  O "O3'"  . P5P A 1 5 ? 3.593   -2.162  -8.816  1.00 0.00 ? 5 P5P A "O3'"  1 
HETATM 143  C "C4'"  . P5P A 1 5 ? 3.052   0.049   -7.888  1.00 0.00 ? 5 P5P A "C4'"  1 
HETATM 144  O "O4'"  . P5P A 1 5 ? 3.217   0.680   -6.625  1.00 0.00 ? 5 P5P A "O4'"  1 
HETATM 145  C "C5'"  . P5P A 1 5 ? 1.714   0.397   -8.547  1.00 0.00 ? 5 P5P A "C5'"  1 
HETATM 146  O "O5'"  . P5P A 1 5 ? 0.627   -0.054  -7.761  1.00 0.00 ? 5 P5P A "O5'"  1 
HETATM 147  P P      . P5P A 1 5 ? -0.893  0.041   -8.296  1.00 0.00 ? 5 P5P A P      1 
HETATM 148  O OP1    . P5P A 1 5 ? -0.904  -0.312  -9.733  1.00 0.00 ? 5 P5P A OP1    1 
HETATM 149  O OP2    . P5P A 1 5 ? -1.756  -0.692  -7.345  1.00 0.00 ? 5 P5P A OP2    1 
HETATM 150  H H2     . P5P A 1 5 ? 5.932   -2.184  -1.539  1.00 0.00 ? 5 P5P A H2     1 
HETATM 151  H H6     . P5P A 1 5 ? 1.881   -2.004  -0.653  1.00 0.00 ? 5 P5P A H6     1 
HETATM 152  H H8     . P5P A 1 5 ? 1.062   -0.171  -5.231  1.00 0.00 ? 5 P5P A H8     1 
HETATM 153  H "H1'"  . P5P A 1 5 ? 4.824   0.294   -5.374  1.00 0.00 ? 5 P5P A "H1'"  1 
HETATM 154  H "H2'"  . P5P A 1 5 ? 4.369   -2.324  -6.000  1.00 0.00 ? 5 P5P A "H2'"  1 
HETATM 155  H "HO2'" . P5P A 1 5 ? 5.714   -1.785  -7.910  1.00 0.00 ? 5 P5P A "HO2'" 1 
HETATM 156  H "H3'"  . P5P A 1 5 ? 2.319   -1.854  -7.195  1.00 0.00 ? 5 P5P A "H3'"  1 
HETATM 157  H "H4'"  . P5P A 1 5 ? 3.858   0.384   -8.541  1.00 0.00 ? 5 P5P A "H4'"  1 
HETATM 158  H "H5'1" . P5P A 1 5 ? 1.646   1.477   -8.684  1.00 0.00 ? 5 P5P A "H5'1" 1 
HETATM 159  H "H5'2" . P5P A 1 5 ? 1.675   -0.082  -9.526  1.00 0.00 ? 5 P5P A "H5'2" 1 
ATOM   160  P P      . G   A 1 6 ? 3.242   -3.730  -9.008  1.00 0.00 ? 6 G   A P      1 
ATOM   161  O OP1    . G   A 1 6 ? 3.667   -4.132  -10.366 1.00 0.00 ? 6 G   A OP1    1 
ATOM   162  O OP2    . G   A 1 6 ? 1.845   -3.957  -8.577  1.00 0.00 ? 6 G   A OP2    1 
ATOM   163  O "O5'"  . G   A 1 6 ? 4.213   -4.446  -7.938  1.00 0.00 ? 6 G   A "O5'"  1 
ATOM   164  C "C5'"  . G   A 1 6 ? 5.594   -4.626  -8.183  1.00 0.00 ? 6 G   A "C5'"  1 
ATOM   165  C "C4'"  . G   A 1 6 ? 6.302   -5.134  -6.922  1.00 0.00 ? 6 G   A "C4'"  1 
ATOM   166  O "O4'"  . G   A 1 6 ? 6.141   -4.225  -5.840  1.00 0.00 ? 6 G   A "O4'"  1 
ATOM   167  C "C3'"  . G   A 1 6 ? 5.794   -6.485  -6.414  1.00 0.00 ? 6 G   A "C3'"  1 
ATOM   168  O "O3'"  . G   A 1 6 ? 6.324   -7.602  -7.110  1.00 0.00 ? 6 G   A "O3'"  1 
ATOM   169  C "C2'"  . G   A 1 6 ? 6.288   -6.423  -4.972  1.00 0.00 ? 6 G   A "C2'"  1 
ATOM   170  O "O2'"  . G   A 1 6 ? 7.681   -6.659  -4.877  1.00 0.00 ? 6 G   A "O2'"  1 
ATOM   171  C "C1'"  . G   A 1 6 ? 6.012   -4.962  -4.629  1.00 0.00 ? 6 G   A "C1'"  1 
ATOM   172  N N9     . G   A 1 6 ? 4.656   -4.836  -4.041  1.00 0.00 ? 6 G   A N9     1 
ATOM   173  C C8     . G   A 1 6 ? 3.461   -4.511  -4.635  1.00 0.00 ? 6 G   A C8     1 
ATOM   174  N N7     . G   A 1 6 ? 2.444   -4.499  -3.821  1.00 0.00 ? 6 G   A N7     1 
ATOM   175  C C5     . G   A 1 6 ? 2.993   -4.868  -2.597  1.00 0.00 ? 6 G   A C5     1 
ATOM   176  C C6     . G   A 1 6 ? 2.383   -5.026  -1.308  1.00 0.00 ? 6 G   A C6     1 
ATOM   177  O O6     . G   A 1 6 ? 1.221   -4.805  -0.977  1.00 0.00 ? 6 G   A O6     1 
ATOM   178  N N1     . G   A 1 6 ? 3.274   -5.487  -0.348  1.00 0.00 ? 6 G   A N1     1 
ATOM   179  C C2     . G   A 1 6 ? 4.609   -5.717  -0.578  1.00 0.00 ? 6 G   A C2     1 
ATOM   180  N N2     . G   A 1 6 ? 5.321   -6.190  0.436   1.00 0.00 ? 6 G   A N2     1 
ATOM   181  N N3     . G   A 1 6 ? 5.204   -5.532  -1.763  1.00 0.00 ? 6 G   A N3     1 
ATOM   182  C C4     . G   A 1 6 ? 4.342   -5.110  -2.733  1.00 0.00 ? 6 G   A C4     1 
ATOM   183  H "H5'"  . G   A 1 6 ? 6.043   -3.676  -8.476  1.00 0.00 ? 6 G   A "H5'"  1 
ATOM   184  H "H5''" . G   A 1 6 ? 5.733   -5.347  -8.989  1.00 0.00 ? 6 G   A "H5''" 1 
ATOM   185  H "H4'"  . G   A 1 6 ? 7.368   -5.227  -7.134  1.00 0.00 ? 6 G   A "H4'"  1 
ATOM   186  H "H3'"  . G   A 1 6 ? 4.702   -6.491  -6.432  1.00 0.00 ? 6 G   A "H3'"  1 
ATOM   187  H "H2'"  . G   A 1 6 ? 5.740   -7.107  -4.325  1.00 0.00 ? 6 G   A "H2'"  1 
ATOM   188  H "HO2'" . G   A 1 6 ? 7.893   -7.395  -5.458  1.00 0.00 ? 6 G   A "HO2'" 1 
ATOM   189  H "H1'"  . G   A 1 6 ? 6.742   -4.615  -3.897  1.00 0.00 ? 6 G   A "H1'"  1 
ATOM   190  H H8     . G   A 1 6 ? 3.360   -4.280  -5.682  1.00 0.00 ? 6 G   A H8     1 
ATOM   191  H H1     . G   A 1 6 ? 2.895   -5.663  0.572   1.00 0.00 ? 6 G   A H1     1 
ATOM   192  H H21    . G   A 1 6 ? 4.872   -6.395  1.325   1.00 0.00 ? 6 G   A H21    1 
ATOM   193  H H22    . G   A 1 6 ? 6.303   -6.356  0.294   1.00 0.00 ? 6 G   A H22    1 
ATOM   194  P P      . C   A 1 7 ? 5.563   -9.030  -7.117  1.00 0.00 ? 7 C   A P      1 
ATOM   195  O OP1    . C   A 1 7 ? 6.387   -9.984  -7.892  1.00 0.00 ? 7 C   A OP1    1 
ATOM   196  O OP2    . C   A 1 7 ? 4.154   -8.798  -7.502  1.00 0.00 ? 7 C   A OP2    1 
ATOM   197  O "O5'"  . C   A 1 7 ? 5.582   -9.482  -5.566  1.00 0.00 ? 7 C   A "O5'"  1 
ATOM   198  C "C5'"  . C   A 1 7 ? 6.750   -9.989  -4.944  1.00 0.00 ? 7 C   A "C5'"  1 
ATOM   199  C "C4'"  . C   A 1 7 ? 6.500   -10.295 -3.463  1.00 0.00 ? 7 C   A "C4'"  1 
ATOM   200  O "O4'"  . C   A 1 7 ? 6.056   -9.155  -2.734  1.00 0.00 ? 7 C   A "O4'"  1 
ATOM   201  C "C3'"  . C   A 1 7 ? 5.430   -11.360 -3.243  1.00 0.00 ? 7 C   A "C3'"  1 
ATOM   202  O "O3'"  . C   A 1 7 ? 5.882   -12.674 -3.531  1.00 0.00 ? 7 C   A "O3'"  1 
ATOM   203  C "C2'"  . C   A 1 7 ? 5.118   -11.110 -1.768  1.00 0.00 ? 7 C   A "C2'"  1 
ATOM   204  O "O2'"  . C   A 1 7 ? 6.093   -11.638 -0.886  1.00 0.00 ? 7 C   A "O2'"  1 
ATOM   205  C "C1'"  . C   A 1 7 ? 5.179   -9.582  -1.693  1.00 0.00 ? 7 C   A "C1'"  1 
ATOM   206  N N1     . C   A 1 7 ? 3.806   -9.007  -1.799  1.00 0.00 ? 7 C   A N1     1 
ATOM   207  C C2     . C   A 1 7 ? 2.982   -9.059  -0.665  1.00 0.00 ? 7 C   A C2     1 
ATOM   208  O O2     . C   A 1 7 ? 3.372   -9.565  0.387   1.00 0.00 ? 7 C   A O2     1 
ATOM   209  N N3     . C   A 1 7 ? 1.718   -8.563  -0.737  1.00 0.00 ? 7 C   A N3     1 
ATOM   210  C C4     . C   A 1 7 ? 1.255   -8.048  -1.877  1.00 0.00 ? 7 C   A C4     1 
ATOM   211  N N4     . C   A 1 7 ? 0.023   -7.562  -1.881  1.00 0.00 ? 7 C   A N4     1 
ATOM   212  C C5     . C   A 1 7 ? 2.056   -8.010  -3.067  1.00 0.00 ? 7 C   A C5     1 
ATOM   213  C C6     . C   A 1 7 ? 3.317   -8.498  -2.983  1.00 0.00 ? 7 C   A C6     1 
ATOM   214  H "H5'"  . C   A 1 7 ? 7.558   -9.263  -5.021  1.00 0.00 ? 7 C   A "H5'"  1 
ATOM   215  H "H5''" . C   A 1 7 ? 7.059   -10.908 -5.445  1.00 0.00 ? 7 C   A "H5''" 1 
ATOM   216  H "H4'"  . C   A 1 7 ? 7.429   -10.649 -3.016  1.00 0.00 ? 7 C   A "H4'"  1 
ATOM   217  H "H3'"  . C   A 1 7 ? 4.554   -11.113 -3.845  1.00 0.00 ? 7 C   A "H3'"  1 
ATOM   218  H "H2'"  . C   A 1 7 ? 4.135   -11.493 -1.509  1.00 0.00 ? 7 C   A "H2'"  1 
ATOM   219  H "HO2'" . C   A 1 7 ? 5.714   -11.678 -0.003  1.00 0.00 ? 7 C   A "HO2'" 1 
ATOM   220  H "H1'"  . C   A 1 7 ? 5.602   -9.286  -0.731  1.00 0.00 ? 7 C   A "H1'"  1 
ATOM   221  H H41    . C   A 1 7 ? -0.499  -7.583  -1.010  1.00 0.00 ? 7 C   A H41    1 
ATOM   222  H H42    . C   A 1 7 ? -0.340  -7.097  -2.696  1.00 0.00 ? 7 C   A H42    1 
ATOM   223  H H5     . C   A 1 7 ? 1.698   -7.603  -4.000  1.00 0.00 ? 7 C   A H5     1 
ATOM   224  H H6     . C   A 1 7 ? 3.945   -8.480  -3.863  1.00 0.00 ? 7 C   A H6     1 
ATOM   225  P P      . C   A 1 8 ? 4.854   -13.897 -3.782  1.00 0.00 ? 8 C   A P      1 
ATOM   226  O OP1    . C   A 1 8 ? 5.645   -15.098 -4.132  1.00 0.00 ? 8 C   A OP1    1 
ATOM   227  O OP2    . C   A 1 8 ? 3.792   -13.428 -4.700  1.00 0.00 ? 8 C   A OP2    1 
ATOM   228  O "O5'"  . C   A 1 8 ? 4.180   -14.140 -2.336  1.00 0.00 ? 8 C   A "O5'"  1 
ATOM   229  C "C5'"  . C   A 1 8 ? 4.899   -14.720 -1.264  1.00 0.00 ? 8 C   A "C5'"  1 
ATOM   230  C "C4'"  . C   A 1 8 ? 4.097   -14.627 0.038   1.00 0.00 ? 8 C   A "C4'"  1 
ATOM   231  O "O4'"  . C   A 1 8 ? 3.730   -13.286 0.348   1.00 0.00 ? 8 C   A "O4'"  1 
ATOM   232  C "C3'"  . C   A 1 8 ? 2.792   -15.422 0.013   1.00 0.00 ? 8 C   A "C3'"  1 
ATOM   233  O "O3'"  . C   A 1 8 ? 2.957   -16.812 0.248   1.00 0.00 ? 8 C   A "O3'"  1 
ATOM   234  C "C2'"  . C   A 1 8 ? 2.057   -14.746 1.165   1.00 0.00 ? 8 C   A "C2'"  1 
ATOM   235  O "O2'"  . C   A 1 8 ? 2.530   -15.194 2.423   1.00 0.00 ? 8 C   A "O2'"  1 
ATOM   236  C "C1'"  . C   A 1 8 ? 2.457   -13.284 0.989   1.00 0.00 ? 8 C   A "C1'"  1 
ATOM   237  N N1     . C   A 1 8 ? 1.405   -12.540 0.232   1.00 0.00 ? 8 C   A N1     1 
ATOM   238  C C2     . C   A 1 8 ? 0.268   -12.124 0.935   1.00 0.00 ? 8 C   A C2     1 
ATOM   239  O O2     . C   A 1 8 ? 0.101   -12.417 2.117   1.00 0.00 ? 8 C   A O2     1 
ATOM   240  N N3     . C   A 1 8 ? -0.682  -11.395 0.295   1.00 0.00 ? 8 C   A N3     1 
ATOM   241  C C4     . C   A 1 8 ? -0.550  -11.093 -0.996  1.00 0.00 ? 8 C   A C4     1 
ATOM   242  N N4     . C   A 1 8 ? -1.511  -10.372 -1.552  1.00 0.00 ? 8 C   A N4     1 
ATOM   243  C C5     . C   A 1 8 ? 0.559   -11.567 -1.770  1.00 0.00 ? 8 C   A C5     1 
ATOM   244  C C6     . C   A 1 8 ? 1.504   -12.291 -1.119  1.00 0.00 ? 8 C   A C6     1 
ATOM   245  H "H5'"  . C   A 1 8 ? 5.847   -14.197 -1.133  1.00 0.00 ? 8 C   A "H5'"  1 
ATOM   246  H "H5''" . C   A 1 8 ? 5.107   -15.767 -1.488  1.00 0.00 ? 8 C   A "H5''" 1 
ATOM   247  H "H4'"  . C   A 1 8 ? 4.714   -15.010 0.853   1.00 0.00 ? 8 C   A "H4'"  1 
ATOM   248  H "H3'"  . C   A 1 8 ? 2.267   -15.233 -0.926  1.00 0.00 ? 8 C   A "H3'"  1 
ATOM   249  H "H2'"  . C   A 1 8 ? 0.982   -14.887 1.090   1.00 0.00 ? 8 C   A "H2'"  1 
ATOM   250  H "HO2'" . C   A 1 8 ? 2.685   -16.140 2.355   1.00 0.00 ? 8 C   A "HO2'" 1 
ATOM   251  H "H1'"  . C   A 1 8 ? 2.552   -12.831 1.977   1.00 0.00 ? 8 C   A "H1'"  1 
ATOM   252  H H41    . C   A 1 8 ? -2.286  -10.081 -0.964  1.00 0.00 ? 8 C   A H41    1 
ATOM   253  H H42    . C   A 1 8 ? -1.478  -10.136 -2.529  1.00 0.00 ? 8 C   A H42    1 
ATOM   254  H H5     . C   A 1 8 ? 0.663   -11.371 -2.826  1.00 0.00 ? 8 C   A H5     1 
ATOM   255  H H6     . C   A 1 8 ? 2.346   -12.669 -1.676  1.00 0.00 ? 8 C   A H6     1 
ATOM   256  P P      . U   A 1 9 ? 1.860   -17.892 -0.252  1.00 0.00 ? 9 U   A P      1 
ATOM   257  O OP1    . U   A 1 9 ? 2.268   -19.223 0.247   1.00 0.00 ? 9 U   A OP1    1 
ATOM   258  O OP2    . U   A 1 9 ? 1.646   -17.684 -1.701  1.00 0.00 ? 9 U   A OP2    1 
ATOM   259  O "O5'"  . U   A 1 9 ? 0.505   -17.450 0.514   1.00 0.00 ? 9 U   A "O5'"  1 
ATOM   260  C "C5'"  . U   A 1 9 ? 0.265   -17.753 1.877   1.00 0.00 ? 9 U   A "C5'"  1 
ATOM   261  C "C4'"  . U   A 1 9 ? -1.056  -17.128 2.348   1.00 0.00 ? 9 U   A "C4'"  1 
ATOM   262  O "O4'"  . U   A 1 9 ? -1.063  -15.715 2.186   1.00 0.00 ? 9 U   A "O4'"  1 
ATOM   263  C "C3'"  . U   A 1 9 ? -2.280  -17.635 1.587   1.00 0.00 ? 9 U   A "C3'"  1 
ATOM   264  O "O3'"  . U   A 1 9 ? -2.750  -18.884 2.047   1.00 0.00 ? 9 U   A "O3'"  1 
ATOM   265  C "C2'"  . U   A 1 9 ? -3.284  -16.525 1.885   1.00 0.00 ? 9 U   A "C2'"  1 
ATOM   266  O "O2'"  . U   A 1 9 ? -3.884  -16.680 3.162   1.00 0.00 ? 9 U   A "O2'"  1 
ATOM   267  C "C1'"  . U   A 1 9 ? -2.387  -15.280 1.890   1.00 0.00 ? 9 U   A "C1'"  1 
ATOM   268  N N1     . U   A 1 9 ? -2.478  -14.574 0.579   1.00 0.00 ? 9 U   A N1     1 
ATOM   269  C C2     . U   A 1 9 ? -3.589  -13.747 0.369   1.00 0.00 ? 9 U   A C2     1 
ATOM   270  O O2     . U   A 1 9 ? -4.455  -13.564 1.223   1.00 0.00 ? 9 U   A O2     1 
ATOM   271  N N3     . U   A 1 9 ? -3.697  -13.145 -0.875  1.00 0.00 ? 9 U   A N3     1 
ATOM   272  C C4     . U   A 1 9 ? -2.841  -13.346 -1.945  1.00 0.00 ? 9 U   A C4     1 
ATOM   273  O O4     . U   A 1 9 ? -3.056  -12.796 -3.021  1.00 0.00 ? 9 U   A O4     1 
ATOM   274  C C5     . U   A 1 9 ? -1.728  -14.231 -1.659  1.00 0.00 ? 9 U   A C5     1 
ATOM   275  C C6     . U   A 1 9 ? -1.575  -14.804 -0.439  1.00 0.00 ? 9 U   A C6     1 
ATOM   276  H "H5'"  . U   A 1 9 ? 1.076   -17.367 2.493   1.00 0.00 ? 9 U   A "H5'"  1 
ATOM   277  H "H5''" . U   A 1 9 ? 0.211   -18.835 2.007   1.00 0.00 ? 9 U   A "H5''" 1 
ATOM   278  H "H4'"  . U   A 1 9 ? -1.192  -17.349 3.406   1.00 0.00 ? 9 U   A "H4'"  1 
ATOM   279  H "H3'"  . U   A 1 9 ? -2.073  -17.671 0.516   1.00 0.00 ? 9 U   A "H3'"  1 
ATOM   280  H "HO3'" . U   A 1 9 ? -3.299  -18.698 2.818   1.00 0.00 ? 9 U   A "HO3'" 1 
ATOM   281  H "H2'"  . U   A 1 9 ? -4.053  -16.478 1.111   1.00 0.00 ? 9 U   A "H2'"  1 
ATOM   282  H "HO2'" . U   A 1 9 ? -4.524  -15.974 3.294   1.00 0.00 ? 9 U   A "HO2'" 1 
ATOM   283  H "H1'"  . U   A 1 9 ? -2.717  -14.596 2.675   1.00 0.00 ? 9 U   A "H1'"  1 
ATOM   284  H H3     . U   A 1 9 ? -4.462  -12.505 -1.016  1.00 0.00 ? 9 U   A H3     1 
ATOM   285  H H5     . U   A 1 9 ? -1.010  -14.426 -2.442  1.00 0.00 ? 9 U   A H5     1 
ATOM   286  H H6     . U   A 1 9 ? -0.731  -15.454 -0.273  1.00 0.00 ? 9 U   A H6     1 
ATOM   287  O "O5'"  . G   B 1 1 ? -9.767  -7.836  4.951   1.00 0.00 ? 1 G   B "O5'"  1 
ATOM   288  C "C5'"  . G   B 1 1 ? -9.722  -8.348  6.269   1.00 0.00 ? 1 G   B "C5'"  1 
ATOM   289  C "C4'"  . G   B 1 1 ? -8.412  -9.095  6.542   1.00 0.00 ? 1 G   B "C4'"  1 
ATOM   290  O "O4'"  . G   B 1 1 ? -8.205  -10.159 5.621   1.00 0.00 ? 1 G   B "O4'"  1 
ATOM   291  C "C3'"  . G   B 1 1 ? -7.165  -8.220  6.444   1.00 0.00 ? 1 G   B "C3'"  1 
ATOM   292  O "O3'"  . G   B 1 1 ? -6.998  -7.356  7.558   1.00 0.00 ? 1 G   B "O3'"  1 
ATOM   293  C "C2'"  . G   B 1 1 ? -6.095  -9.304  6.321   1.00 0.00 ? 1 G   B "C2'"  1 
ATOM   294  O "O2'"  . G   B 1 1 ? -5.761  -9.921  7.552   1.00 0.00 ? 1 G   B "O2'"  1 
ATOM   295  C "C1'"  . G   B 1 1 ? -6.802  -10.338 5.445   1.00 0.00 ? 1 G   B "C1'"  1 
ATOM   296  N N9     . G   B 1 1 ? -6.389  -10.152 4.034   1.00 0.00 ? 1 G   B N9     1 
ATOM   297  C C8     . G   B 1 1 ? -7.035  -9.504  3.011   1.00 0.00 ? 1 G   B C8     1 
ATOM   298  N N7     . G   B 1 1 ? -6.354  -9.446  1.901   1.00 0.00 ? 1 G   B N7     1 
ATOM   299  C C5     . G   B 1 1 ? -5.153  -10.087 2.207   1.00 0.00 ? 1 G   B C5     1 
ATOM   300  C C6     . G   B 1 1 ? -3.986  -10.326 1.408   1.00 0.00 ? 1 G   B C6     1 
ATOM   301  O O6     . G   B 1 1 ? -3.789  -10.039 0.230   1.00 0.00 ? 1 G   B O6     1 
ATOM   302  N N1     . G   B 1 1 ? -2.980  -10.983 2.109   1.00 0.00 ? 1 G   B N1     1 
ATOM   303  C C2     . G   B 1 1 ? -3.099  -11.407 3.411   1.00 0.00 ? 1 G   B C2     1 
ATOM   304  N N2     . G   B 1 1 ? -2.067  -12.059 3.929   1.00 0.00 ? 1 G   B N2     1 
ATOM   305  N N3     . G   B 1 1 ? -4.182  -11.199 4.169   1.00 0.00 ? 1 G   B N3     1 
ATOM   306  C C4     . G   B 1 1 ? -5.174  -10.530 3.512   1.00 0.00 ? 1 G   B C4     1 
ATOM   307  H "H5'"  . G   B 1 1 ? -10.560 -9.029  6.418   1.00 0.00 ? 1 G   B "H5'"  1 
ATOM   308  H "H5''" . G   B 1 1 ? -9.814  -7.521  6.975   1.00 0.00 ? 1 G   B "H5''" 1 
ATOM   309  H "H4'"  . G   B 1 1 ? -8.453  -9.513  7.550   1.00 0.00 ? 1 G   B "H4'"  1 
ATOM   310  H "H3'"  . G   B 1 1 ? -7.206  -7.647  5.516   1.00 0.00 ? 1 G   B "H3'"  1 
ATOM   311  H "H2'"  . G   B 1 1 ? -5.196  -8.922  5.843   1.00 0.00 ? 1 G   B "H2'"  1 
ATOM   312  H "HO2'" . G   B 1 1 ? -4.860  -9.664  7.775   1.00 0.00 ? 1 G   B "HO2'" 1 
ATOM   313  H "H1'"  . G   B 1 1 ? -6.510  -11.340 5.763   1.00 0.00 ? 1 G   B "H1'"  1 
ATOM   314  H H8     . G   B 1 1 ? -8.020  -9.077  3.113   1.00 0.00 ? 1 G   B H8     1 
ATOM   315  H H1     . G   B 1 1 ? -2.127  -11.168 1.600   1.00 0.00 ? 1 G   B H1     1 
ATOM   316  H H21    . G   B 1 1 ? -1.222  -12.201 3.380   1.00 0.00 ? 1 G   B H21    1 
ATOM   317  H H22    . G   B 1 1 ? -2.127  -12.372 4.883   1.00 0.00 ? 1 G   B H22    1 
ATOM   318  H "HO5'" . G   B 1 1 ? -9.801  -8.580  4.344   1.00 0.00 ? 1 G   B "HO5'" 1 
ATOM   319  P P      . G   B 1 2 ? -5.987  -6.094  7.523   1.00 0.00 ? 2 G   B P      1 
ATOM   320  O OP1    . G   B 1 2 ? -6.170  -5.324  8.773   1.00 0.00 ? 2 G   B OP1    1 
ATOM   321  O OP2    . G   B 1 2 ? -6.134  -5.415  6.216   1.00 0.00 ? 2 G   B OP2    1 
ATOM   322  O "O5'"  . G   B 1 2 ? -4.531  -6.785  7.560   1.00 0.00 ? 2 G   B "O5'"  1 
ATOM   323  C "C5'"  . G   B 1 2 ? -4.020  -7.381  8.737   1.00 0.00 ? 2 G   B "C5'"  1 
ATOM   324  C "C4'"  . G   B 1 2 ? -2.735  -8.153  8.427   1.00 0.00 ? 2 G   B "C4'"  1 
ATOM   325  O "O4'"  . G   B 1 2 ? -2.915  -9.080  7.359   1.00 0.00 ? 2 G   B "O4'"  1 
ATOM   326  C "C3'"  . G   B 1 2 ? -1.565  -7.257  8.023   1.00 0.00 ? 2 G   B "C3'"  1 
ATOM   327  O "O3'"  . G   B 1 2 ? -0.928  -6.646  9.136   1.00 0.00 ? 2 G   B "O3'"  1 
ATOM   328  C "C2'"  . G   B 1 2 ? -0.686  -8.291  7.323   1.00 0.00 ? 2 G   B "C2'"  1 
ATOM   329  O "O2'"  . G   B 1 2 ? -0.008  -9.131  8.241   1.00 0.00 ? 2 G   B "O2'"  1 
ATOM   330  C "C1'"  . G   B 1 2 ? -1.723  -9.125  6.577   1.00 0.00 ? 2 G   B "C1'"  1 
ATOM   331  N N9     . G   B 1 2 ? -1.927  -8.587  5.205   1.00 0.00 ? 2 G   B N9     1 
ATOM   332  C C8     . G   B 1 2 ? -2.948  -7.812  4.710   1.00 0.00 ? 2 G   B C8     1 
ATOM   333  N N7     . G   B 1 2 ? -2.840  -7.528  3.443   1.00 0.00 ? 2 G   B N7     1 
ATOM   334  C C5     . G   B 1 2 ? -1.637  -8.121  3.065   1.00 0.00 ? 2 G   B C5     1 
ATOM   335  C C6     . G   B 1 2 ? -0.962  -8.144  1.800   1.00 0.00 ? 2 G   B C6     1 
ATOM   336  O O6     . G   B 1 2 ? -1.324  -7.676  0.723   1.00 0.00 ? 2 G   B O6     1 
ATOM   337  N N1     . G   B 1 2 ? 0.271   -8.780  1.862   1.00 0.00 ? 2 G   B N1     1 
ATOM   338  C C2     . G   B 1 2 ? 0.777   -9.376  2.993   1.00 0.00 ? 2 G   B C2     1 
ATOM   339  N N2     . G   B 1 2 ? 1.989   -9.908  2.900   1.00 0.00 ? 2 G   B N2     1 
ATOM   340  N N3     . G   B 1 2 ? 0.138   -9.406  4.171   1.00 0.00 ? 2 G   B N3     1 
ATOM   341  C C4     . G   B 1 2 ? -1.061  -8.752  4.148   1.00 0.00 ? 2 G   B C4     1 
ATOM   342  H "H5'"  . G   B 1 2 ? -4.757  -8.071  9.148   1.00 0.00 ? 2 G   B "H5'"  1 
ATOM   343  H "H5''" . G   B 1 2 ? -3.811  -6.610  9.480   1.00 0.00 ? 2 G   B "H5''" 1 
ATOM   344  H "H4'"  . G   B 1 2 ? -2.440  -8.710  9.318   1.00 0.00 ? 2 G   B "H4'"  1 
ATOM   345  H "H3'"  . G   B 1 2 ? -1.911  -6.514  7.302   1.00 0.00 ? 2 G   B "H3'"  1 
ATOM   346  H "H2'"  . G   B 1 2 ? 0.023   -7.826  6.643   1.00 0.00 ? 2 G   B "H2'"  1 
ATOM   347  H "HO2'" . G   B 1 2 ? 0.476   -8.569  8.852   1.00 0.00 ? 2 G   B "HO2'" 1 
ATOM   348  H "H1'"  . G   B 1 2 ? -1.366  -10.151 6.493   1.00 0.00 ? 2 G   B "H1'"  1 
ATOM   349  H H8     . G   B 1 2 ? -3.775  -7.471  5.309   1.00 0.00 ? 2 G   B H8     1 
ATOM   350  H H1     . G   B 1 2 ? 0.819   -8.781  1.013   1.00 0.00 ? 2 G   B H1     1 
ATOM   351  H H21    . G   B 1 2 ? 2.523   -9.820  2.038   1.00 0.00 ? 2 G   B H21    1 
ATOM   352  H H22    . G   B 1 2 ? 2.376   -10.354 3.714   1.00 0.00 ? 2 G   B H22    1 
ATOM   353  P P      . C   B 1 3 ? -0.065  -5.282  8.994   1.00 0.00 ? 3 C   B P      1 
ATOM   354  O OP1    . C   B 1 3 ? 0.379   -4.880  10.347  1.00 0.00 ? 3 C   B OP1    1 
ATOM   355  O OP2    . C   B 1 3 ? -0.836  -4.332  8.160   1.00 0.00 ? 3 C   B OP2    1 
ATOM   356  O "O5'"  . C   B 1 3 ? 1.229   -5.746  8.151   1.00 0.00 ? 3 C   B "O5'"  1 
ATOM   357  C "C5'"  . C   B 1 3 ? 2.261   -6.530  8.715   1.00 0.00 ? 3 C   B "C5'"  1 
ATOM   358  C "C4'"  . C   B 1 3 ? 3.214   -7.043  7.628   1.00 0.00 ? 3 C   B "C4'"  1 
ATOM   359  O "O4'"  . C   B 1 3 ? 2.522   -7.715  6.579   1.00 0.00 ? 3 C   B "O4'"  1 
ATOM   360  C "C3'"  . C   B 1 3 ? 4.056   -5.959  6.957   1.00 0.00 ? 3 C   B "C3'"  1 
ATOM   361  O "O3'"  . C   B 1 3 ? 5.105   -5.520  7.815   1.00 0.00 ? 3 C   B "O3'"  1 
ATOM   362  C "C2'"  . C   B 1 3 ? 4.454   -6.702  5.679   1.00 0.00 ? 3 C   B "C2'"  1 
ATOM   363  O "O2'"  . C   B 1 3 ? 5.471   -7.670  5.887   1.00 0.00 ? 3 C   B "O2'"  1 
ATOM   364  C "C1'"  . C   B 1 3 ? 3.157   -7.431  5.335   1.00 0.00 ? 3 C   B "C1'"  1 
ATOM   365  N N1     . C   B 1 3 ? 2.300   -6.626  4.406   1.00 0.00 ? 3 C   B N1     1 
ATOM   366  C C2     . C   B 1 3 ? 2.677   -6.555  3.058   1.00 0.00 ? 3 C   B C2     1 
ATOM   367  O O2     . C   B 1 3 ? 3.726   -7.057  2.656   1.00 0.00 ? 3 C   B O2     1 
ATOM   368  N N3     . C   B 1 3 ? 1.863   -5.924  2.171   1.00 0.00 ? 3 C   B N3     1 
ATOM   369  C C4     . C   B 1 3 ? 0.715   -5.376  2.565   1.00 0.00 ? 3 C   B C4     1 
ATOM   370  N N4     . C   B 1 3 ? -0.049  -4.811  1.644   1.00 0.00 ? 3 C   B N4     1 
ATOM   371  C C5     . C   B 1 3 ? 0.307   -5.401  3.936   1.00 0.00 ? 3 C   B C5     1 
ATOM   372  C C6     . C   B 1 3 ? 1.132   -6.021  4.815   1.00 0.00 ? 3 C   B C6     1 
ATOM   373  H "H5'"  . C   B 1 3 ? 1.830   -7.387  9.230   1.00 0.00 ? 3 C   B "H5'"  1 
ATOM   374  H "H5''" . C   B 1 3 ? 2.822   -5.936  9.438   1.00 0.00 ? 3 C   B "H5''" 1 
ATOM   375  H "H4'"  . C   B 1 3 ? 3.901   -7.754  8.086   1.00 0.00 ? 3 C   B "H4'"  1 
ATOM   376  H "H3'"  . C   B 1 3 ? 3.419   -5.116  6.694   1.00 0.00 ? 3 C   B "H3'"  1 
ATOM   377  H "H2'"  . C   B 1 3 ? 4.747   -6.010  4.890   1.00 0.00 ? 3 C   B "H2'"  1 
ATOM   378  H "HO2'" . C   B 1 3 ? 6.240   -7.212  6.277   1.00 0.00 ? 3 C   B "HO2'" 1 
ATOM   379  H "H1'"  . C   B 1 3 ? 3.409   -8.369  4.839   1.00 0.00 ? 3 C   B "H1'"  1 
ATOM   380  H H41    . C   B 1 3 ? 0.283   -4.823  0.685   1.00 0.00 ? 3 C   B H41    1 
ATOM   381  H H42    . C   B 1 3 ? -0.933  -4.398  1.889   1.00 0.00 ? 3 C   B H42    1 
ATOM   382  H H5     . C   B 1 3 ? -0.611  -4.953  4.284   1.00 0.00 ? 3 C   B H5     1 
ATOM   383  H H6     . C   B 1 3 ? 0.846   -6.043  5.850   1.00 0.00 ? 3 C   B H6     1 
HETATM 384  N N1     . P5P B 1 4 ? -0.515  -1.431  2.917   1.00 0.00 ? 4 P5P B N1     1 
HETATM 385  C C2     . P5P B 1 4 ? 0.331   -1.525  1.891   1.00 0.00 ? 4 P5P B C2     1 
HETATM 386  N N3     . P5P B 1 4 ? 1.598   -1.935  1.901   1.00 0.00 ? 4 P5P B N3     1 
HETATM 387  C C4     . P5P B 1 4 ? 2.008   -2.279  3.155   1.00 0.00 ? 4 P5P B C4     1 
HETATM 388  C C5     . P5P B 1 4 ? 1.254   -2.222  4.302   1.00 0.00 ? 4 P5P B C5     1 
HETATM 389  C C6     . P5P B 1 4 ? -0.075  -1.771  4.147   1.00 0.00 ? 4 P5P B C6     1 
HETATM 390  N N7     . P5P B 1 4 ? 1.998   -2.631  5.404   1.00 0.00 ? 4 P5P B N7     1 
HETATM 391  C C8     . P5P B 1 4 ? 3.161   -2.920  4.890   1.00 0.00 ? 4 P5P B C8     1 
HETATM 392  N N9     . P5P B 1 4 ? 3.239   -2.768  3.526   1.00 0.00 ? 4 P5P B N9     1 
HETATM 393  C "C1'"  . P5P B 1 4 ? 4.398   -2.993  2.628   1.00 0.00 ? 4 P5P B "C1'"  1 
HETATM 394  C "C2'"  . P5P B 1 4 ? 5.321   -1.771  2.606   1.00 0.00 ? 4 P5P B "C2'"  1 
HETATM 395  O "O2'"  . P5P B 1 4 ? 5.988   -1.712  1.357   1.00 0.00 ? 4 P5P B "O2'"  1 
HETATM 396  C "C3'"  . P5P B 1 4 ? 6.294   -2.091  3.740   1.00 0.00 ? 4 P5P B "C3'"  1 
HETATM 397  O "O3'"  . P5P B 1 4 ? 7.538   -1.414  3.650   1.00 0.00 ? 4 P5P B "O3'"  1 
HETATM 398  C "C4'"  . P5P B 1 4 ? 6.441   -3.600  3.539   1.00 0.00 ? 4 P5P B "C4'"  1 
HETATM 399  O "O4'"  . P5P B 1 4 ? 5.169   -4.084  3.119   1.00 0.00 ? 4 P5P B "O4'"  1 
HETATM 400  C "C5'"  . P5P B 1 4 ? 6.978   -4.351  4.761   1.00 0.00 ? 4 P5P B "C5'"  1 
HETATM 401  O "O5'"  . P5P B 1 4 ? 6.200   -4.138  5.929   1.00 0.00 ? 4 P5P B "O5'"  1 
HETATM 402  P P      . P5P B 1 4 ? 6.524   -4.935  7.299   1.00 0.00 ? 4 P5P B P      1 
HETATM 403  O OP1    . P5P B 1 4 ? 7.359   -6.112  6.964   1.00 0.00 ? 4 P5P B OP1    1 
HETATM 404  O OP2    . P5P B 1 4 ? 7.002   -3.960  8.300   1.00 0.00 ? 4 P5P B OP2    1 
HETATM 405  H H2     . P5P B 1 4 ? -0.064  -1.241  0.927   1.00 0.00 ? 4 P5P B H2     1 
HETATM 406  H H6     . P5P B 1 4 ? -0.735  -1.697  4.999   1.00 0.00 ? 4 P5P B H6     1 
HETATM 407  H H8     . P5P B 1 4 ? 3.992   -3.256  5.488   1.00 0.00 ? 4 P5P B H8     1 
HETATM 408  H "H1'"  . P5P B 1 4 ? 4.040   -3.197  1.617   1.00 0.00 ? 4 P5P B "H1'"  1 
HETATM 409  H "H2'"  . P5P B 1 4 ? 4.776   -0.844  2.792   1.00 0.00 ? 4 P5P B "H2'"  1 
HETATM 410  H "HO2'" . P5P B 1 4 ? 6.654   -1.014  1.415   1.00 0.00 ? 4 P5P B "HO2'" 1 
HETATM 411  H "H3'"  . P5P B 1 4 ? 5.820   -1.885  4.700   1.00 0.00 ? 4 P5P B "H3'"  1 
HETATM 412  H "H4'"  . P5P B 1 4 ? 7.137   -3.757  2.715   1.00 0.00 ? 4 P5P B "H4'"  1 
HETATM 413  H "H5'1" . P5P B 1 4 ? 7.001   -5.415  4.524   1.00 0.00 ? 4 P5P B "H5'1" 1 
HETATM 414  H "H5'2" . P5P B 1 4 ? 7.999   -4.018  4.956   1.00 0.00 ? 4 P5P B "H5'2" 1 
HETATM 415  N N1     . P5P B 1 5 ? 2.085   2.674   -3.249  1.00 0.00 ? 5 P5P B N1     1 
HETATM 416  C C2     . P5P B 1 5 ? 3.272   2.655   -3.851  1.00 0.00 ? 5 P5P B C2     1 
HETATM 417  N N3     . P5P B 1 5 ? 4.442   2.256   -3.351  1.00 0.00 ? 5 P5P B N3     1 
HETATM 418  C C4     . P5P B 1 5 ? 4.319   1.830   -2.060  1.00 0.00 ? 5 P5P B C4     1 
HETATM 419  C C5     . P5P B 1 5 ? 3.165   1.794   -1.317  1.00 0.00 ? 5 P5P B C5     1 
HETATM 420  C C6     . P5P B 1 5 ? 1.999   2.240   -1.973  1.00 0.00 ? 5 P5P B C6     1 
HETATM 421  N N7     . P5P B 1 5 ? 3.417   1.329   -0.031  1.00 0.00 ? 5 P5P B N7     1 
HETATM 422  C C8     . P5P B 1 5 ? 4.701   1.097   -0.038  1.00 0.00 ? 5 P5P B C8     1 
HETATM 423  N N9     . P5P B 1 5 ? 5.314   1.350   -1.242  1.00 0.00 ? 5 P5P B N9     1 
HETATM 424  C "C1'"  . P5P B 1 5 ? 6.730   1.167   -1.636  1.00 0.00 ? 5 P5P B "C1'"  1 
HETATM 425  C "C2'"  . P5P B 1 5 ? 7.490   2.488   -1.526  1.00 0.00 ? 5 P5P B "C2'"  1 
HETATM 426  O "O2'"  . P5P B 1 5 ? 8.489   2.528   -2.530  1.00 0.00 ? 5 P5P B "O2'"  1 
HETATM 427  C "C3'"  . P5P B 1 5 ? 8.091   2.380   -0.128  1.00 0.00 ? 5 P5P B "C3'"  1 
HETATM 428  O "O3'"  . P5P B 1 5 ? 9.216   3.226   0.062   1.00 0.00 ? 5 P5P B "O3'"  1 
HETATM 429  C "C4'"  . P5P B 1 5 ? 8.448   0.894   -0.112  1.00 0.00 ? 5 P5P B "C4'"  1 
HETATM 430  O "O4'"  . P5P B 1 5 ? 7.382   0.233   -0.779  1.00 0.00 ? 5 P5P B "O4'"  1 
HETATM 431  C "C5'"  . P5P B 1 5 ? 8.692   0.341   1.295   1.00 0.00 ? 5 P5P B "C5'"  1 
HETATM 432  O "O5'"  . P5P B 1 5 ? 7.581   0.570   2.141   1.00 0.00 ? 5 P5P B "O5'"  1 
HETATM 433  P P      . P5P B 1 5 ? 7.641   0.196   3.710   1.00 0.00 ? 5 P5P B P      1 
HETATM 434  O OP1    . P5P B 1 5 ? 8.977   0.561   4.229   1.00 0.00 ? 5 P5P B OP1    1 
HETATM 435  O OP2    . P5P B 1 5 ? 6.421   0.727   4.356   1.00 0.00 ? 5 P5P B OP2    1 
HETATM 436  H H2     . P5P B 1 5 ? 3.288   3.009   -4.871  1.00 0.00 ? 5 P5P B H2     1 
HETATM 437  H H6     . P5P B 1 5 ? 1.058   2.275   -1.448  1.00 0.00 ? 5 P5P B H6     1 
HETATM 438  H H8     . P5P B 1 5 ? 5.230   0.726   0.826   1.00 0.00 ? 5 P5P B H8     1 
HETATM 439  H "H1'"  . P5P B 1 5 ? 6.762   0.813   -2.668  1.00 0.00 ? 5 P5P B "H1'"  1 
HETATM 440  H "H2'"  . P5P B 1 5 ? 6.829   3.347   -1.616  1.00 0.00 ? 5 P5P B "H2'"  1 
HETATM 441  H "HO2'" . P5P B 1 5 ? 9.125   3.206   -2.282  1.00 0.00 ? 5 P5P B "HO2'" 1 
HETATM 442  H "H3'"  . P5P B 1 5 ? 7.319   2.575   0.618   1.00 0.00 ? 5 P5P B "H3'"  1 
HETATM 443  H "H4'"  . P5P B 1 5 ? 9.355   0.753   -0.700  1.00 0.00 ? 5 P5P B "H4'"  1 
HETATM 444  H "H5'1" . P5P B 1 5 ? 8.892   -0.729  1.232   1.00 0.00 ? 5 P5P B "H5'1" 1 
HETATM 445  H "H5'2" . P5P B 1 5 ? 9.570   0.838   1.712   1.00 0.00 ? 5 P5P B "H5'2" 1 
ATOM   446  P P      . G   B 1 6 ? 9.064   4.728   0.642   1.00 0.00 ? 6 G   B P      1 
ATOM   447  O OP1    . G   B 1 6 ? 10.420  5.303   0.792   1.00 0.00 ? 6 G   B OP1    1 
ATOM   448  O OP2    . G   B 1 6 ? 8.148   4.695   1.803   1.00 0.00 ? 6 G   B OP2    1 
ATOM   449  O "O5'"  . G   B 1 6 ? 8.315   5.500   -0.560  1.00 0.00 ? 6 G   B "O5'"  1 
ATOM   450  C "C5'"  . G   B 1 6 ? 9.002   5.924   -1.723  1.00 0.00 ? 6 G   B "C5'"  1 
ATOM   451  C "C4'"  . G   B 1 6 ? 8.010   6.443   -2.769  1.00 0.00 ? 6 G   B "C4'"  1 
ATOM   452  O "O4'"  . G   B 1 6 ? 7.050   5.449   -3.103  1.00 0.00 ? 6 G   B "O4'"  1 
ATOM   453  C "C3'"  . G   B 1 6 ? 7.207   7.660   -2.310  1.00 0.00 ? 6 G   B "C3'"  1 
ATOM   454  O "O3'"  . G   B 1 6 ? 7.936   8.876   -2.382  1.00 0.00 ? 6 G   B "O3'"  1 
ATOM   455  C "C2'"  . G   B 1 6 ? 6.032   7.585   -3.285  1.00 0.00 ? 6 G   B "C2'"  1 
ATOM   456  O "O2'"  . G   B 1 6 ? 6.346   8.043   -4.590  1.00 0.00 ? 6 G   B "O2'"  1 
ATOM   457  C "C1'"  . G   B 1 6 ? 5.799   6.077   -3.347  1.00 0.00 ? 6 G   B "C1'"  1 
ATOM   458  N N9     . G   B 1 6 ? 4.768   5.690   -2.354  1.00 0.00 ? 6 G   B N9     1 
ATOM   459  C C8     . G   B 1 6 ? 4.904   5.240   -1.065  1.00 0.00 ? 6 G   B C8     1 
ATOM   460  N N7     . G   B 1 6 ? 3.772   5.007   -0.461  1.00 0.00 ? 6 G   B N7     1 
ATOM   461  C C5     . G   B 1 6 ? 2.807   5.346   -1.408  1.00 0.00 ? 6 G   B C5     1 
ATOM   462  C C6     . G   B 1 6 ? 1.374   5.285   -1.354  1.00 0.00 ? 6 G   B C6     1 
ATOM   463  O O6     . G   B 1 6 ? 0.652   4.856   -0.455  1.00 0.00 ? 6 G   B O6     1 
ATOM   464  N N1     . G   B 1 6 ? 0.774   5.779   -2.507  1.00 0.00 ? 6 G   B N1     1 
ATOM   465  C C2     . G   B 1 6 ? 1.467   6.224   -3.607  1.00 0.00 ? 6 G   B C2     1 
ATOM   466  N N2     . G   B 1 6 ? 0.750   6.688   -4.622  1.00 0.00 ? 6 G   B N2     1 
ATOM   467  N N3     . G   B 1 6 ? 2.803   6.248   -3.692  1.00 0.00 ? 6 G   B N3     1 
ATOM   468  C C4     . G   B 1 6 ? 3.415   5.795   -2.559  1.00 0.00 ? 6 G   B C4     1 
ATOM   469  H "H5'"  . G   B 1 6 ? 9.555   5.087   -2.149  1.00 0.00 ? 6 G   B "H5'"  1 
ATOM   470  H "H5''" . G   B 1 6 ? 9.703   6.718   -1.466  1.00 0.00 ? 6 G   B "H5''" 1 
ATOM   471  H "H4'"  . G   B 1 6 ? 8.557   6.716   -3.672  1.00 0.00 ? 6 G   B "H4'"  1 
ATOM   472  H "H3'"  . G   B 1 6 ? 6.847   7.487   -1.294  1.00 0.00 ? 6 G   B "H3'"  1 
ATOM   473  H "H2'"  . G   B 1 6 ? 5.164   8.114   -2.899  1.00 0.00 ? 6 G   B "H2'"  1 
ATOM   474  H "HO2'" . G   B 1 6 ? 5.528   8.140   -5.085  1.00 0.00 ? 6 G   B "HO2'" 1 
ATOM   475  H "H1'"  . G   B 1 6 ? 5.436   5.800   -4.338  1.00 0.00 ? 6 G   B "H1'"  1 
ATOM   476  H H8     . G   B 1 6 ? 5.859   5.082   -0.589  1.00 0.00 ? 6 G   B H8     1 
ATOM   477  H H1     . G   B 1 6 ? -0.236  5.809   -2.510  1.00 0.00 ? 6 G   B H1     1 
ATOM   478  H H21    . G   B 1 6 ? -0.262  6.745   -4.541  1.00 0.00 ? 6 G   B H21    1 
ATOM   479  H H22    . G   B 1 6 ? 1.227   7.008   -5.446  1.00 0.00 ? 6 G   B H22    1 
ATOM   480  P P      . C   B 1 7 ? 7.485   10.188  -1.550  1.00 0.00 ? 7 C   B P      1 
ATOM   481  O OP1    . C   B 1 7 ? 8.443   11.274  -1.853  1.00 0.00 ? 7 C   B OP1    1 
ATOM   482  O OP2    . C   B 1 7 ? 7.257   9.785   -0.145  1.00 0.00 ? 7 C   B OP2    1 
ATOM   483  O "O5'"  . C   B 1 7 ? 6.053   10.583  -2.185  1.00 0.00 ? 7 C   B "O5'"  1 
ATOM   484  C "C5'"  . C   B 1 7 ? 5.938   11.169  -3.468  1.00 0.00 ? 7 C   B "C5'"  1 
ATOM   485  C "C4'"  . C   B 1 7 ? 4.467   11.296  -3.882  1.00 0.00 ? 7 C   B "C4'"  1 
ATOM   486  O "O4'"  . C   B 1 7 ? 3.784   10.045  -3.888  1.00 0.00 ? 7 C   B "O4'"  1 
ATOM   487  C "C3'"  . C   B 1 7 ? 3.655   12.206  -2.963  1.00 0.00 ? 7 C   B "C3'"  1 
ATOM   488  O "O3'"  . C   B 1 7 ? 3.884   13.588  -3.202  1.00 0.00 ? 7 C   B "O3'"  1 
ATOM   489  C "C2'"  . C   B 1 7 ? 2.244   11.761  -3.340  1.00 0.00 ? 7 C   B "C2'"  1 
ATOM   490  O "O2'"  . C   B 1 7 ? 1.834   12.299  -4.585  1.00 0.00 ? 7 C   B "O2'"  1 
ATOM   491  C "C1'"  . C   B 1 7 ? 2.426   10.251  -3.498  1.00 0.00 ? 7 C   B "C1'"  1 
ATOM   492  N N1     . C   B 1 7 ? 2.062   9.540   -2.233  1.00 0.00 ? 7 C   B N1     1 
ATOM   493  C C2     . C   B 1 7 ? 0.704   9.305   -1.975  1.00 0.00 ? 7 C   B C2     1 
ATOM   494  O O2     . C   B 1 7 ? -0.171  9.696   -2.744  1.00 0.00 ? 7 C   B O2     1 
ATOM   495  N N3     . C   B 1 7 ? 0.345   8.648   -0.839  1.00 0.00 ? 7 C   B N3     1 
ATOM   496  C C4     . C   B 1 7 ? 1.271   8.241   0.031   1.00 0.00 ? 7 C   B C4     1 
ATOM   497  N N4     . C   B 1 7 ? 0.866   7.578   1.104   1.00 0.00 ? 7 C   B N4     1 
ATOM   498  C C5     . C   B 1 7 ? 2.664   8.500   -0.178  1.00 0.00 ? 7 C   B C5     1 
ATOM   499  C C6     . C   B 1 7 ? 3.011   9.154   -1.313  1.00 0.00 ? 7 C   B C6     1 
ATOM   500  H "H5'"  . C   B 1 7 ? 6.461   10.558  -4.202  1.00 0.00 ? 7 C   B "H5'"  1 
ATOM   501  H "H5''" . C   B 1 7 ? 6.391   12.161  -3.456  1.00 0.00 ? 7 C   B "H5''" 1 
ATOM   502  H "H4'"  . C   B 1 7 ? 4.428   11.709  -4.891  1.00 0.00 ? 7 C   B "H4'"  1 
ATOM   503  H "H3'"  . C   B 1 7 ? 3.859   11.944  -1.924  1.00 0.00 ? 7 C   B "H3'"  1 
ATOM   504  H "H2'"  . C   B 1 7 ? 1.522   12.008  -2.567  1.00 0.00 ? 7 C   B "H2'"  1 
ATOM   505  H "HO2'" . C   B 1 7 ? 2.007   13.244  -4.567  1.00 0.00 ? 7 C   B "HO2'" 1 
ATOM   506  H "H1'"  . C   B 1 7 ? 1.767   9.900   -4.295  1.00 0.00 ? 7 C   B "H1'"  1 
ATOM   507  H H41    . C   B 1 7 ? -0.128  7.396   1.207   1.00 0.00 ? 7 C   B H41    1 
ATOM   508  H H42    . C   B 1 7 ? 1.534   7.190   1.748   1.00 0.00 ? 7 C   B H42    1 
ATOM   509  H H5     . C   B 1 7 ? 3.429   8.192   0.520   1.00 0.00 ? 7 C   B H5     1 
ATOM   510  H H6     . C   B 1 7 ? 4.053   9.364   -1.492  1.00 0.00 ? 7 C   B H6     1 
ATOM   511  P P      . C   B 1 8 ? 3.583   14.710  -2.076  1.00 0.00 ? 8 C   B P      1 
ATOM   512  O OP1    . C   B 1 8 ? 4.012   16.021  -2.609  1.00 0.00 ? 8 C   B OP1    1 
ATOM   513  O OP2    . C   B 1 8 ? 4.121   14.231  -0.784  1.00 0.00 ? 8 C   B OP2    1 
ATOM   514  O "O5'"  . C   B 1 8 ? 1.973   14.705  -1.974  1.00 0.00 ? 8 C   B "O5'"  1 
ATOM   515  C "C5'"  . C   B 1 8 ? 1.155   15.298  -2.967  1.00 0.00 ? 8 C   B "C5'"  1 
ATOM   516  C "C4'"  . C   B 1 8 ? -0.324  15.002  -2.697  1.00 0.00 ? 8 C   B "C4'"  1 
ATOM   517  O "O4'"  . C   B 1 8 ? -0.586  13.605  -2.616  1.00 0.00 ? 8 C   B "O4'"  1 
ATOM   518  C "C3'"  . C   B 1 8 ? -0.840  15.597  -1.387  1.00 0.00 ? 8 C   B "C3'"  1 
ATOM   519  O "O3'"  . C   B 1 8 ? -1.148  16.980  -1.466  1.00 0.00 ? 8 C   B "O3'"  1 
ATOM   520  C "C2'"  . C   B 1 8 ? -2.094  14.752  -1.197  1.00 0.00 ? 8 C   B "C2'"  1 
ATOM   521  O "O2'"  . C   B 1 8 ? -3.149  15.183  -2.039  1.00 0.00 ? 8 C   B "O2'"  1 
ATOM   522  C "C1'"  . C   B 1 8 ? -1.625  13.378  -1.668  1.00 0.00 ? 8 C   B "C1'"  1 
ATOM   523  N N1     . C   B 1 8 ? -1.196  12.542  -0.507  1.00 0.00 ? 8 C   B N1     1 
ATOM   524  C C2     . C   B 1 8 ? -2.195  11.934  0.265   1.00 0.00 ? 8 C   B C2     1 
ATOM   525  O O2     . C   B 1 8 ? -3.389  12.125  0.039   1.00 0.00 ? 8 C   B O2     1 
ATOM   526  N N3     . C   B 1 8 ? -1.839  11.127  1.297   1.00 0.00 ? 8 C   B N3     1 
ATOM   527  C C4     . C   B 1 8 ? -0.556  10.929  1.592   1.00 0.00 ? 8 C   B C4     1 
ATOM   528  N N4     . C   B 1 8 ? -0.282  10.132  2.613   1.00 0.00 ? 8 C   B N4     1 
ATOM   529  C C5     . C   B 1 8 ? 0.494   11.588  0.873   1.00 0.00 ? 8 C   B C5     1 
ATOM   530  C C6     . C   B 1 8 ? 0.128   12.387  -0.160  1.00 0.00 ? 8 C   B C6     1 
ATOM   531  H "H5'"  . C   B 1 8 ? 1.419   14.901  -3.947  1.00 0.00 ? 8 C   B "H5'"  1 
ATOM   532  H "H5''" . C   B 1 8 ? 1.310   16.377  -2.973  1.00 0.00 ? 8 C   B "H5''" 1 
ATOM   533  H "H4'"  . C   B 1 8 ? -0.916  15.415  -3.516  1.00 0.00 ? 8 C   B "H4'"  1 
ATOM   534  H "H3'"  . C   B 1 8 ? -0.127  15.391  -0.587  1.00 0.00 ? 8 C   B "H3'"  1 
ATOM   535  H "H2'"  . C   B 1 8 ? -2.418  14.742  -0.159  1.00 0.00 ? 8 C   B "H2'"  1 
ATOM   536  H "HO2'" . C   B 1 8 ? -3.141  16.145  -2.047  1.00 0.00 ? 8 C   B "HO2'" 1 
ATOM   537  H "H1'"  . C   B 1 8 ? -2.460  12.877  -2.162  1.00 0.00 ? 8 C   B "H1'"  1 
ATOM   538  H H41    . C   B 1 8 ? -1.064  9.706   3.101   1.00 0.00 ? 8 C   B H41    1 
ATOM   539  H H42    . C   B 1 8 ? 0.667   9.966   2.899   1.00 0.00 ? 8 C   B H42    1 
ATOM   540  H H5     . C   B 1 8 ? 1.539   11.472  1.121   1.00 0.00 ? 8 C   B H5     1 
ATOM   541  H H6     . C   B 1 8 ? 0.894   12.902  -0.716  1.00 0.00 ? 8 C   B H6     1 
ATOM   542  P P      . U   B 1 9 ? -1.145  17.922  -0.152  1.00 0.00 ? 9 U   B P      1 
ATOM   543  O OP1    . U   B 1 9 ? -1.618  19.267  -0.552  1.00 0.00 ? 9 U   B OP1    1 
ATOM   544  O OP2    . U   B 1 9 ? 0.166   17.773  0.514   1.00 0.00 ? 9 U   B OP2    1 
ATOM   545  O "O5'"  . U   B 1 9 ? -2.262  17.251  0.805   1.00 0.00 ? 9 U   B "O5'"  1 
ATOM   546  C "C5'"  . U   B 1 9 ? -3.653  17.420  0.588   1.00 0.00 ? 9 U   B "C5'"  1 
ATOM   547  C "C4'"  . U   B 1 9 ? -4.470  16.610  1.603   1.00 0.00 ? 9 U   B "C4'"  1 
ATOM   548  O "O4'"  . U   B 1 9 ? -4.219  15.211  1.520   1.00 0.00 ? 9 U   B "O4'"  1 
ATOM   549  C "C3'"  . U   B 1 9 ? -4.195  16.997  3.057   1.00 0.00 ? 9 U   B "C3'"  1 
ATOM   550  O "O3'"  . U   B 1 9 ? -4.869  18.176  3.464   1.00 0.00 ? 9 U   B "O3'"  1 
ATOM   551  C "C2'"  . U   B 1 9 ? -4.710  15.756  3.781   1.00 0.00 ? 9 U   B "C2'"  1 
ATOM   552  O "O2'"  . U   B 1 9 ? -6.122  15.766  3.892   1.00 0.00 ? 9 U   B "O2'"  1 
ATOM   553  C "C1'"  . U   B 1 9 ? -4.294  14.634  2.822   1.00 0.00 ? 9 U   B "C1'"  1 
ATOM   554  N N1     . U   B 1 9 ? -3.003  14.020  3.257   1.00 0.00 ? 9 U   B N1     1 
ATOM   555  C C2     . U   B 1 9 ? -3.051  13.072  4.286   1.00 0.00 ? 9 U   B C2     1 
ATOM   556  O O2     . U   B 1 9 ? -4.099  12.707  4.815   1.00 0.00 ? 9 U   B O2     1 
ATOM   557  N N3     . U   B 1 9 ? -1.839  12.555  4.722   1.00 0.00 ? 9 U   B N3     1 
ATOM   558  C C4     . U   B 1 9 ? -0.588  12.940  4.269   1.00 0.00 ? 9 U   B C4     1 
ATOM   559  O O4     . U   B 1 9 ? 0.425   12.447  4.755   1.00 0.00 ? 9 U   B O4     1 
ATOM   560  C C5     . U   B 1 9 ? -0.618  13.934  3.214   1.00 0.00 ? 9 U   B C5     1 
ATOM   561  C C6     . U   B 1 9 ? -1.790  14.433  2.745   1.00 0.00 ? 9 U   B C6     1 
ATOM   562  H "H5'"  . U   B 1 9 ? -3.915  17.093  -0.417  1.00 0.00 ? 9 U   B "H5'"  1 
ATOM   563  H "H5''" . U   B 1 9 ? -3.909  18.475  0.690   1.00 0.00 ? 9 U   B "H5''" 1 
ATOM   564  H "H4'"  . U   B 1 9 ? -5.531  16.773  1.402   1.00 0.00 ? 9 U   B "H4'"  1 
ATOM   565  H "H3'"  . U   B 1 9 ? -3.121  17.095  3.221   1.00 0.00 ? 9 U   B "H3'"  1 
ATOM   566  H "HO3'" . U   B 1 9 ? -4.525  18.449  4.317   1.00 0.00 ? 9 U   B "HO3'" 1 
ATOM   567  H "H2'"  . U   B 1 9 ? -4.253  15.650  4.766   1.00 0.00 ? 9 U   B "H2'"  1 
ATOM   568  H "HO2'" . U   B 1 9 ? -6.397  16.676  4.050   1.00 0.00 ? 9 U   B "HO2'" 1 
ATOM   569  H "H1'"  . U   B 1 9 ? -5.065  13.861  2.827   1.00 0.00 ? 9 U   B "H1'"  1 
ATOM   570  H H3     . U   B 1 9 ? -1.869  11.837  5.427   1.00 0.00 ? 9 U   B H3     1 
ATOM   571  H H5     . U   B 1 9 ? 0.319   14.274  2.799   1.00 0.00 ? 9 U   B H5     1 
ATOM   572  H H6     . U   B 1 9 ? -1.761  15.166  1.956   1.00 0.00 ? 9 U   B H6     1 
ATOM   573  O "O5'"  . G   A 1 1 ? -8.523  5.974   8.453   1.00 0.00 ? 1 G   A "O5'"  2 
ATOM   574  C "C5'"  . G   A 1 1 ? -9.831  6.407   8.131   1.00 0.00 ? 1 G   A "C5'"  2 
ATOM   575  C "C4'"  . G   A 1 1 ? -9.836  7.350   6.923   1.00 0.00 ? 1 G   A "C4'"  2 
ATOM   576  O "O4'"  . G   A 1 1 ? -9.040  8.507   7.141   1.00 0.00 ? 1 G   A "O4'"  2 
ATOM   577  C "C3'"  . G   A 1 1 ? -9.299  6.728   5.634   1.00 0.00 ? 1 G   A "C3'"  2 
ATOM   578  O "O3'"  . G   A 1 1 ? -10.205 5.816   5.032   1.00 0.00 ? 1 G   A "O3'"  2 
ATOM   579  C "C2'"  . G   A 1 1 ? -9.081  8.003   4.817   1.00 0.00 ? 1 G   A "C2'"  2 
ATOM   580  O "O2'"  . G   A 1 1 ? -10.297 8.534   4.322   1.00 0.00 ? 1 G   A "O2'"  2 
ATOM   581  C "C1'"  . G   A 1 1 ? -8.528  8.951   5.884   1.00 0.00 ? 1 G   A "C1'"  2 
ATOM   582  N N9     . G   A 1 1 ? -7.045  8.917   5.878   1.00 0.00 ? 1 G   A N9     2 
ATOM   583  C C8     . G   A 1 1 ? -6.186  8.330   6.774   1.00 0.00 ? 1 G   A C8     2 
ATOM   584  N N7     . G   A 1 1 ? -4.926  8.449   6.467   1.00 0.00 ? 1 G   A N7     2 
ATOM   585  C C5     . G   A 1 1 ? -4.938  9.167   5.272   1.00 0.00 ? 1 G   A C5     2 
ATOM   586  C C6     . G   A 1 1 ? -3.859  9.603   4.434   1.00 0.00 ? 1 G   A C6     2 
ATOM   587  O O6     . G   A 1 1 ? -2.650  9.459   4.598   1.00 0.00 ? 1 G   A O6     2 
ATOM   588  N N1     . G   A 1 1 ? -4.299  10.283  3.304   1.00 0.00 ? 1 G   A N1     2 
ATOM   589  C C2     . G   A 1 1 ? -5.620  10.557  3.033   1.00 0.00 ? 1 G   A C2     2 
ATOM   590  N N2     . G   A 1 1 ? -5.877  11.242  1.928   1.00 0.00 ? 1 G   A N2     2 
ATOM   591  N N3     . G   A 1 1 ? -6.639  10.163  3.809   1.00 0.00 ? 1 G   A N3     2 
ATOM   592  C C4     . G   A 1 1 ? -6.234  9.467   4.911   1.00 0.00 ? 1 G   A C4     2 
ATOM   593  H "H5'"  . G   A 1 1 ? -10.259 6.924   8.992   1.00 0.00 ? 1 G   A "H5'"  2 
ATOM   594  H "H5''" . G   A 1 1 ? -10.447 5.537   7.905   1.00 0.00 ? 1 G   A "H5''" 2 
ATOM   595  H "H4'"  . G   A 1 1 ? -10.865 7.669   6.744   1.00 0.00 ? 1 G   A "H4'"  2 
ATOM   596  H "H3'"  . G   A 1 1 ? -8.338  6.253   5.837   1.00 0.00 ? 1 G   A "H3'"  2 
ATOM   597  H "H2'"  . G   A 1 1 ? -8.378  7.846   4.001   1.00 0.00 ? 1 G   A "H2'"  2 
ATOM   598  H "HO2'" . G   A 1 1 ? -10.736 7.845   3.818   1.00 0.00 ? 1 G   A "HO2'" 2 
ATOM   599  H "H1'"  . G   A 1 1 ? -8.860  9.969   5.672   1.00 0.00 ? 1 G   A "H1'"  2 
ATOM   600  H H8     . G   A 1 1 ? -6.521  7.811   7.658   1.00 0.00 ? 1 G   A H8     2 
ATOM   601  H H1     . G   A 1 1 ? -3.584  10.600  2.663   1.00 0.00 ? 1 G   A H1     2 
ATOM   602  H H21    . G   A 1 1 ? -5.118  11.517  1.309   1.00 0.00 ? 1 G   A H21    2 
ATOM   603  H H22    . G   A 1 1 ? -6.836  11.454  1.710   1.00 0.00 ? 1 G   A H22    2 
ATOM   604  H "HO5'" . G   A 1 1 ? -8.028  6.729   8.780   1.00 0.00 ? 1 G   A "HO5'" 2 
ATOM   605  P P      . G   A 1 2 ? -9.712  4.696   3.975   1.00 0.00 ? 2 G   A P      2 
ATOM   606  O OP1    . G   A 1 2 ? -10.875 3.849   3.630   1.00 0.00 ? 2 G   A OP1    2 
ATOM   607  O OP2    . G   A 1 2 ? -8.478  4.070   4.499   1.00 0.00 ? 2 G   A OP2    2 
ATOM   608  O "O5'"  . G   A 1 2 ? -9.314  5.569   2.678   1.00 0.00 ? 2 G   A "O5'"  2 
ATOM   609  C "C5'"  . G   A 1 2 ? -10.297 6.122   1.823   1.00 0.00 ? 2 G   A "C5'"  2 
ATOM   610  C "C4'"  . G   A 1 2 ? -9.648  6.990   0.743   1.00 0.00 ? 2 G   A "C4'"  2 
ATOM   611  O "O4'"  . G   A 1 2 ? -8.818  8.006   1.298   1.00 0.00 ? 2 G   A "O4'"  2 
ATOM   612  C "C3'"  . G   A 1 2 ? -8.762  6.203   -0.222  1.00 0.00 ? 2 G   A "C3'"  2 
ATOM   613  O "O3'"  . G   A 1 2 ? -9.501  5.507   -1.215  1.00 0.00 ? 2 G   A "O3'"  2 
ATOM   614  C "C2'"  . G   A 1 2 ? -7.926  7.343   -0.796  1.00 0.00 ? 2 G   A "C2'"  2 
ATOM   615  O "O2'"  . G   A 1 2 ? -8.650  8.113   -1.741  1.00 0.00 ? 2 G   A "O2'"  2 
ATOM   616  C "C1'"  . G   A 1 2 ? -7.690  8.196   0.449   1.00 0.00 ? 2 G   A "C1'"  2 
ATOM   617  N N9     . G   A 1 2 ? -6.427  7.790   1.112   1.00 0.00 ? 2 G   A N9     2 
ATOM   618  C C8     . G   A 1 2 ? -6.229  7.044   2.248   1.00 0.00 ? 2 G   A C8     2 
ATOM   619  N N7     . G   A 1 2 ? -4.976  6.875   2.566   1.00 0.00 ? 2 G   A N7     2 
ATOM   620  C C5     . G   A 1 2 ? -4.280  7.534   1.555   1.00 0.00 ? 2 G   A C5     2 
ATOM   621  C C6     . G   A 1 2 ? -2.871  7.699   1.338   1.00 0.00 ? 2 G   A C6     2 
ATOM   622  O O6     . G   A 1 2 ? -1.935  7.322   2.038   1.00 0.00 ? 2 G   A O6     2 
ATOM   623  N N1     . G   A 1 2 ? -2.585  8.365   0.151   1.00 0.00 ? 2 G   A N1     2 
ATOM   624  C C2     . G   A 1 2 ? -3.538  8.874   -0.697  1.00 0.00 ? 2 G   A C2     2 
ATOM   625  N N2     . G   A 1 2 ? -3.108  9.468   -1.802  1.00 0.00 ? 2 G   A N2     2 
ATOM   626  N N3     . G   A 1 2 ? -4.856  8.772   -0.486  1.00 0.00 ? 2 G   A N3     2 
ATOM   627  C C4     . G   A 1 2 ? -5.165  8.081   0.651   1.00 0.00 ? 2 G   A C4     2 
ATOM   628  H "H5'"  . G   A 1 2 ? -10.986 6.736   2.402   1.00 0.00 ? 2 G   A "H5'"  2 
ATOM   629  H "H5''" . G   A 1 2 ? -10.861 5.321   1.344   1.00 0.00 ? 2 G   A "H5''" 2 
ATOM   630  H "H4'"  . G   A 1 2 ? -10.435 7.473   0.163   1.00 0.00 ? 2 G   A "H4'"  2 
ATOM   631  H "H3'"  . G   A 1 2 ? -8.123  5.523   0.346   1.00 0.00 ? 2 G   A "H3'"  2 
ATOM   632  H "H2'"  . G   A 1 2 ? -6.996  6.983   -1.232  1.00 0.00 ? 2 G   A "H2'"  2 
ATOM   633  H "HO2'" . G   A 1 2 ? -9.054  7.504   -2.365  1.00 0.00 ? 2 G   A "HO2'" 2 
ATOM   634  H "H1'"  . G   A 1 2 ? -7.607  9.244   0.158   1.00 0.00 ? 2 G   A "H1'"  2 
ATOM   635  H H8     . G   A 1 2 ? -7.037  6.636   2.834   1.00 0.00 ? 2 G   A H8     2 
ATOM   636  H H1     . G   A 1 2 ? -1.608  8.466   -0.086  1.00 0.00 ? 2 G   A H1     2 
ATOM   637  H H21    . G   A 1 2 ? -2.115  9.503   -2.019  1.00 0.00 ? 2 G   A H21    2 
ATOM   638  H H22    . G   A 1 2 ? -3.795  9.843   -2.434  1.00 0.00 ? 2 G   A H22    2 
ATOM   639  P P      . C   A 1 3 ? -8.886  4.232   -1.999  1.00 0.00 ? 3 C   A P      2 
ATOM   640  O OP1    . C   A 1 3 ? -9.927  3.717   -2.915  1.00 0.00 ? 3 C   A OP1    2 
ATOM   641  O OP2    . C   A 1 3 ? -8.274  3.329   -0.999  1.00 0.00 ? 3 C   A OP2    2 
ATOM   642  O "O5'"  . C   A 1 3 ? -7.701  4.879   -2.880  1.00 0.00 ? 3 C   A "O5'"  2 
ATOM   643  C "C5'"  . C   A 1 3 ? -7.957  5.639   -4.048  1.00 0.00 ? 3 C   A "C5'"  2 
ATOM   644  C "C4'"  . C   A 1 3 ? -6.656  6.229   -4.604  1.00 0.00 ? 3 C   A "C4'"  2 
ATOM   645  O "O4'"  . C   A 1 3 ? -5.922  6.942   -3.614  1.00 0.00 ? 3 C   A "O4'"  2 
ATOM   646  C "C3'"  . C   A 1 3 ? -5.714  5.164   -5.157  1.00 0.00 ? 3 C   A "C3'"  2 
ATOM   647  O "O3'"  . C   A 1 3 ? -6.019  4.793   -6.490  1.00 0.00 ? 3 C   A "O3'"  2 
ATOM   648  C "C2'"  . C   A 1 3 ? -4.390  5.915   -5.104  1.00 0.00 ? 3 C   A "C2'"  2 
ATOM   649  O "O2'"  . C   A 1 3 ? -4.246  6.776   -6.221  1.00 0.00 ? 3 C   A "O2'"  2 
ATOM   650  C "C1'"  . C   A 1 3 ? -4.526  6.761   -3.841  1.00 0.00 ? 3 C   A "C1'"  2 
ATOM   651  N N1     . C   A 1 3 ? -3.810  6.118   -2.699  1.00 0.00 ? 3 C   A N1     2 
ATOM   652  C C2     . C   A 1 3 ? -2.413  6.220   -2.664  1.00 0.00 ? 3 C   A C2     2 
ATOM   653  O O2     . C   A 1 3 ? -1.789  6.778   -3.565  1.00 0.00 ? 3 C   A O2     2 
ATOM   654  N N3     . C   A 1 3 ? -1.730  5.699   -1.612  1.00 0.00 ? 3 C   A N3     2 
ATOM   655  C C4     . C   A 1 3 ? -2.378  5.101   -0.614  1.00 0.00 ? 3 C   A C4     2 
ATOM   656  N N4     . C   A 1 3 ? -1.654  4.648   0.397   1.00 0.00 ? 3 C   A N4     2 
ATOM   657  C C5     . C   A 1 3 ? -3.804  4.955   -0.621  1.00 0.00 ? 3 C   A C5     2 
ATOM   658  C C6     . C   A 1 3 ? -4.475  5.465   -1.684  1.00 0.00 ? 3 C   A C6     2 
ATOM   659  H "H5'"  . C   A 1 3 ? -8.641  6.454   -3.814  1.00 0.00 ? 3 C   A "H5'"  2 
ATOM   660  H "H5''" . C   A 1 3 ? -8.416  5.004   -4.807  1.00 0.00 ? 3 C   A "H5''" 2 
ATOM   661  H "H4'"  . C   A 1 3 ? -6.900  6.917   -5.414  1.00 0.00 ? 3 C   A "H4'"  2 
ATOM   662  H "H3'"  . C   A 1 3 ? -5.688  4.302   -4.486  1.00 0.00 ? 3 C   A "H3'"  2 
ATOM   663  H "H2'"  . C   A 1 3 ? -3.552  5.225   -5.049  1.00 0.00 ? 3 C   A "H2'"  2 
ATOM   664  H "HO2'" . C   A 1 3 ? -4.613  6.308   -6.980  1.00 0.00 ? 3 C   A "HO2'" 2 
ATOM   665  H "H1'"  . C   A 1 3 ? -4.068  7.734   -4.028  1.00 0.00 ? 3 C   A "H1'"  2 
ATOM   666  H H41    . C   A 1 3 ? -0.645  4.737   0.337   1.00 0.00 ? 3 C   A H41    2 
ATOM   667  H H42    . C   A 1 3 ? -2.091  4.203   1.187   1.00 0.00 ? 3 C   A H42    2 
ATOM   668  H H5     . C   A 1 3 ? -4.349  4.461   0.170   1.00 0.00 ? 3 C   A H5     2 
ATOM   669  H H6     . C   A 1 3 ? -5.548  5.361   -1.723  1.00 0.00 ? 3 C   A H6     2 
HETATM 670  N N1     . P5P A 1 4 ? -1.541  1.384   0.481   1.00 0.00 ? 4 P5P A N1     2 
HETATM 671  C C2     . P5P A 1 4 ? -0.478  1.738   -0.242  1.00 0.00 ? 4 P5P A C2     2 
HETATM 672  N N3     . P5P A 1 4 ? -0.435  2.113   -1.521  1.00 0.00 ? 4 P5P A N3     2 
HETATM 673  C C4     . P5P A 1 4 ? -1.672  2.113   -2.090  1.00 0.00 ? 4 P5P A C4     2 
HETATM 674  C C5     . P5P A 1 4 ? -2.851  1.773   -1.471  1.00 0.00 ? 4 P5P A C5     2 
HETATM 675  C C6     . P5P A 1 4 ? -2.752  1.386   -0.116  1.00 0.00 ? 4 P5P A C6     2 
HETATM 676  N N7     . P5P A 1 4 ? -3.919  1.893   -2.349  1.00 0.00 ? 4 P5P A N7     2 
HETATM 677  C C8     . P5P A 1 4 ? -3.358  2.288   -3.457  1.00 0.00 ? 4 P5P A C8     2 
HETATM 678  N N9     . P5P A 1 4 ? -1.994  2.452   -3.385  1.00 0.00 ? 4 P5P A N9     2 
HETATM 679  C "C1'"  . P5P A 1 4 ? -1.030  2.841   -4.447  1.00 0.00 ? 4 P5P A "C1'"  2 
HETATM 680  C "C2'"  . P5P A 1 4 ? -0.577  1.631   -5.268  1.00 0.00 ? 4 P5P A "C2'"  2 
HETATM 681  O "O2'"  . P5P A 1 4 ? 0.733   1.858   -5.759  1.00 0.00 ? 4 P5P A "O2'"  2 
HETATM 682  C "C3'"  . P5P A 1 4 ? -1.610  1.618   -6.398  1.00 0.00 ? 4 P5P A "C3'"  2 
HETATM 683  O "O3'"  . P5P A 1 4 ? -1.193  0.962   -7.584  1.00 0.00 ? 4 P5P A "O3'"  2 
HETATM 684  C "C4'"  . P5P A 1 4 ? -1.787  3.120   -6.628  1.00 0.00 ? 4 P5P A "C4'"  2 
HETATM 685  O "O4'"  . P5P A 1 4 ? -1.645  3.747   -5.357  1.00 0.00 ? 4 P5P A "O4'"  2 
HETATM 686  C "C5'"  . P5P A 1 4 ? -3.104  3.486   -7.330  1.00 0.00 ? 4 P5P A "C5'"  2 
HETATM 687  O "O5'"  . P5P A 1 4 ? -4.214  3.013   -6.594  1.00 0.00 ? 4 P5P A "O5'"  2 
HETATM 688  P P      . P5P A 1 4 ? -5.741  3.301   -7.029  1.00 0.00 ? 4 P5P A P      2 
HETATM 689  O OP1    . P5P A 1 4 ? -5.817  3.332   -8.505  1.00 0.00 ? 4 P5P A OP1    2 
HETATM 690  O OP2    . P5P A 1 4 ? -6.611  2.387   -6.261  1.00 0.00 ? 4 P5P A OP2    2 
HETATM 691  H H2     . P5P A 1 4 ? 0.469   1.722   0.275   1.00 0.00 ? 4 P5P A H2     2 
HETATM 692  H H6     . P5P A 1 4 ? -3.633  1.104   0.441   1.00 0.00 ? 4 P5P A H6     2 
HETATM 693  H H8     . P5P A 1 4 ? -3.931  2.468   -4.351  1.00 0.00 ? 4 P5P A H8     2 
HETATM 694  H "H1'"  . P5P A 1 4 ? -0.157  3.305   -3.983  1.00 0.00 ? 4 P5P A "H1'"  2 
HETATM 695  H "H2'"  . P5P A 1 4 ? -0.608  0.709   -4.685  1.00 0.00 ? 4 P5P A "H2'"  2 
HETATM 696  H "HO2'" . P5P A 1 4 ? 0.928   1.167   -6.404  1.00 0.00 ? 4 P5P A "HO2'" 2 
HETATM 697  H "H3'"  . P5P A 1 4 ? -2.539  1.179   -6.031  1.00 0.00 ? 4 P5P A "H3'"  2 
HETATM 698  H "H4'"  . P5P A 1 4 ? -0.962  3.459   -7.255  1.00 0.00 ? 4 P5P A "H4'"  2 
HETATM 699  H "H5'1" . P5P A 1 4 ? -3.162  4.569   -7.435  1.00 0.00 ? 4 P5P A "H5'1" 2 
HETATM 700  H "H5'2" . P5P A 1 4 ? -3.113  3.035   -8.324  1.00 0.00 ? 4 P5P A "H5'2" 2 
HETATM 701  N N1     . P5P A 1 5 ? 6.670   -2.210  -2.501  1.00 0.00 ? 5 P5P A N1     2 
HETATM 702  C C2     . P5P A 1 5 ? 7.220   -1.768  -3.630  1.00 0.00 ? 5 P5P A C2     2 
HETATM 703  N N3     . P5P A 1 5 ? 6.621   -1.176  -4.661  1.00 0.00 ? 5 P5P A N3     2 
HETATM 704  C C4     . P5P A 1 5 ? 5.277   -1.053  -4.458  1.00 0.00 ? 5 P5P A C4     2 
HETATM 705  C C5     . P5P A 1 5 ? 4.577   -1.454  -3.348  1.00 0.00 ? 5 P5P A C5     2 
HETATM 706  C C6     . P5P A 1 5 ? 5.341   -2.051  -2.319  1.00 0.00 ? 5 P5P A C6     2 
HETATM 707  N N7     . P5P A 1 5 ? 3.223   -1.181  -3.501  1.00 0.00 ? 5 P5P A N7     2 
HETATM 708  C C8     . P5P A 1 5 ? 3.142   -0.652  -4.690  1.00 0.00 ? 5 P5P A C8     2 
HETATM 709  N N9     . P5P A 1 5 ? 4.351   -0.531  -5.332  1.00 0.00 ? 5 P5P A N9     2 
HETATM 710  C "C1'"  . P5P A 1 5 ? 4.647   -0.047  -6.699  1.00 0.00 ? 5 P5P A "C1'"  2 
HETATM 711  C "C2'"  . P5P A 1 5 ? 4.915   -1.246  -7.608  1.00 0.00 ? 5 P5P A "C2'"  2 
HETATM 712  O "O2'"  . P5P A 1 5 ? 5.857   -0.889  -8.606  1.00 0.00 ? 5 P5P A "O2'"  2 
HETATM 713  C "C3'"  . P5P A 1 5 ? 3.534   -1.497  -8.199  1.00 0.00 ? 5 P5P A "C3'"  2 
HETATM 714  O "O3'"  . P5P A 1 5 ? 3.617   -2.257  -9.394  1.00 0.00 ? 5 P5P A "O3'"  2 
HETATM 715  C "C4'"  . P5P A 1 5 ? 3.077   -0.053  -8.397  1.00 0.00 ? 5 P5P A "C4'"  2 
HETATM 716  O "O4'"  . P5P A 1 5 ? 3.541   0.659   -7.255  1.00 0.00 ? 5 P5P A "O4'"  2 
HETATM 717  C "C5'"  . P5P A 1 5 ? 1.568   0.084   -8.606  1.00 0.00 ? 5 P5P A "C5'"  2 
HETATM 718  O "O5'"  . P5P A 1 5 ? 0.834   -0.464  -7.526  1.00 0.00 ? 5 P5P A "O5'"  2 
HETATM 719  P P      . P5P A 1 5 ? -0.772  -0.596  -7.615  1.00 0.00 ? 5 P5P A P      2 
HETATM 720  O OP1    . P5P A 1 5 ? -1.125  -1.149  -8.940  1.00 0.00 ? 5 P5P A OP1    2 
HETATM 721  O OP2    . P5P A 1 5 ? -1.256  -1.250  -6.380  1.00 0.00 ? 5 P5P A OP2    2 
HETATM 722  H H2     . P5P A 1 5 ? 8.287   -1.908  -3.721  1.00 0.00 ? 5 P5P A H2     2 
HETATM 723  H H6     . P5P A 1 5 ? 4.875   -2.390  -1.408  1.00 0.00 ? 5 P5P A H6     2 
HETATM 724  H H8     . P5P A 1 5 ? 2.207   -0.335  -5.127  1.00 0.00 ? 5 P5P A H8     2 
HETATM 725  H "H1'"  . P5P A 1 5 ? 5.530   0.593   -6.664  1.00 0.00 ? 5 P5P A "H1'"  2 
HETATM 726  H "H2'"  . P5P A 1 5 ? 5.268   -2.109  -7.050  1.00 0.00 ? 5 P5P A "H2'"  2 
HETATM 727  H "HO2'" . P5P A 1 5 ? 5.697   -1.456  -9.367  1.00 0.00 ? 5 P5P A "HO2'" 2 
HETATM 728  H "H3'"  . P5P A 1 5 ? 2.897   -1.985  -7.457  1.00 0.00 ? 5 P5P A "H3'"  2 
HETATM 729  H "H4'"  . P5P A 1 5 ? 3.582   0.349   -9.275  1.00 0.00 ? 5 P5P A "H4'"  2 
HETATM 730  H "H5'1" . P5P A 1 5 ? 1.316   1.139   -8.720  1.00 0.00 ? 5 P5P A "H5'1" 2 
HETATM 731  H "H5'2" . P5P A 1 5 ? 1.302   -0.440  -9.524  1.00 0.00 ? 5 P5P A "H5'2" 2 
ATOM   732  P P      . G   A 1 6 ? 3.210   -3.821  -9.424  1.00 0.00 ? 6 G   A P      2 
ATOM   733  O OP1    . G   A 1 6 ? 3.618   -4.378  -10.733 1.00 0.00 ? 6 G   A OP1    2 
ATOM   734  O OP2    . G   A 1 6 ? 1.804   -3.940  -8.981  1.00 0.00 ? 6 G   A OP2    2 
ATOM   735  O "O5'"  . G   A 1 6 ? 4.144   -4.472  -8.277  1.00 0.00 ? 6 G   A "O5'"  2 
ATOM   736  C "C5'"  . G   A 1 6 ? 5.531   -4.686  -8.462  1.00 0.00 ? 6 G   A "C5'"  2 
ATOM   737  C "C4'"  . G   A 1 6 ? 6.185   -5.161  -7.159  1.00 0.00 ? 6 G   A "C4'"  2 
ATOM   738  O "O4'"  . G   A 1 6 ? 6.023   -4.211  -6.112  1.00 0.00 ? 6 G   A "O4'"  2 
ATOM   739  C "C3'"  . G   A 1 6 ? 5.627   -6.479  -6.619  1.00 0.00 ? 6 G   A "C3'"  2 
ATOM   740  O "O3'"  . G   A 1 6 ? 6.159   -7.630  -7.258  1.00 0.00 ? 6 G   A "O3'"  2 
ATOM   741  C "C2'"  . G   A 1 6 ? 6.070   -6.374  -5.162  1.00 0.00 ? 6 G   A "C2'"  2 
ATOM   742  O "O2'"  . G   A 1 6 ? 7.453   -6.639  -5.006  1.00 0.00 ? 6 G   A "O2'"  2 
ATOM   743  C "C1'"  . G   A 1 6 ? 5.821   -4.894  -4.881  1.00 0.00 ? 6 G   A "C1'"  2 
ATOM   744  N N9     . G   A 1 6 ? 4.445   -4.704  -4.361  1.00 0.00 ? 6 G   A N9     2 
ATOM   745  C C8     . G   A 1 6 ? 3.306   -4.299  -5.012  1.00 0.00 ? 6 G   A C8     2 
ATOM   746  N N7     . G   A 1 6 ? 2.236   -4.298  -4.266  1.00 0.00 ? 6 G   A N7     2 
ATOM   747  C C5     . G   A 1 6 ? 2.693   -4.723  -3.020  1.00 0.00 ? 6 G   A C5     2 
ATOM   748  C C6     . G   A 1 6 ? 1.997   -4.923  -1.783  1.00 0.00 ? 6 G   A C6     2 
ATOM   749  O O6     . G   A 1 6 ? 0.809   -4.738  -1.527  1.00 0.00 ? 6 G   A O6     2 
ATOM   750  N N1     . G   A 1 6 ? 2.823   -5.401  -0.771  1.00 0.00 ? 6 G   A N1     2 
ATOM   751  C C2     . G   A 1 6 ? 4.169   -5.638  -0.922  1.00 0.00 ? 6 G   A C2     2 
ATOM   752  N N2     . G   A 1 6 ? 4.823   -6.107  0.132   1.00 0.00 ? 6 G   A N2     2 
ATOM   753  N N3     . G   A 1 6 ? 4.836   -5.443  -2.065  1.00 0.00 ? 6 G   A N3     2 
ATOM   754  C C4     . G   A 1 6 ? 4.044   -4.987  -3.078  1.00 0.00 ? 6 G   A C4     2 
ATOM   755  H "H5'"  . G   A 1 6 ? 6.008   -3.756  -8.774  1.00 0.00 ? 6 G   A "H5'"  2 
ATOM   756  H "H5''" . G   A 1 6 ? 5.685   -5.439  -9.236  1.00 0.00 ? 6 G   A "H5''" 2 
ATOM   757  H "H4'"  . G   A 1 6 ? 7.254   -5.290  -7.335  1.00 0.00 ? 6 G   A "H4'"  2 
ATOM   758  H "H3'"  . G   A 1 6 ? 4.537   -6.463  -6.677  1.00 0.00 ? 6 G   A "H3'"  2 
ATOM   759  H "H2'"  . G   A 1 6 ? 5.481   -7.019  -4.512  1.00 0.00 ? 6 G   A "H2'"  2 
ATOM   760  H "HO2'" . G   A 1 6 ? 7.665   -7.405  -5.546  1.00 0.00 ? 6 G   A "HO2'" 2 
ATOM   761  H "H1'"  . G   A 1 6 ? 6.531   -4.541  -4.129  1.00 0.00 ? 6 G   A "H1'"  2 
ATOM   762  H H8     . G   A 1 6 ? 3.289   -4.006  -6.049  1.00 0.00 ? 6 G   A H8     2 
ATOM   763  H H1     . G   A 1 6 ? 2.389   -5.558  0.127   1.00 0.00 ? 6 G   A H1     2 
ATOM   764  H H21    . G   A 1 6 ? 4.334   -6.290  1.004   1.00 0.00 ? 6 G   A H21    2 
ATOM   765  H H22    . G   A 1 6 ? 5.815   -6.260  0.046   1.00 0.00 ? 6 G   A H22    2 
ATOM   766  P P      . C   A 1 7 ? 5.378   -9.048  -7.239  1.00 0.00 ? 7 C   A P      2 
ATOM   767  O OP1    . C   A 1 7 ? 6.195   -10.029 -7.987  1.00 0.00 ? 7 C   A OP1    2 
ATOM   768  O OP2    . C   A 1 7 ? 3.974   -8.806  -7.638  1.00 0.00 ? 7 C   A OP2    2 
ATOM   769  O "O5'"  . C   A 1 7 ? 5.384   -9.466  -5.678  1.00 0.00 ? 7 C   A "O5'"  2 
ATOM   770  C "C5'"  . C   A 1 7 ? 6.547   -9.954  -5.035  1.00 0.00 ? 7 C   A "C5'"  2 
ATOM   771  C "C4'"  . C   A 1 7 ? 6.293   -10.176 -3.539  1.00 0.00 ? 7 C   A "C4'"  2 
ATOM   772  O "O4'"  . C   A 1 7 ? 5.812   -9.004  -2.890  1.00 0.00 ? 7 C   A "O4'"  2 
ATOM   773  C "C3'"  . C   A 1 7 ? 5.253   -11.255 -3.258  1.00 0.00 ? 7 C   A "C3'"  2 
ATOM   774  O "O3'"  . C   A 1 7 ? 5.749   -12.573 -3.444  1.00 0.00 ? 7 C   A "O3'"  2 
ATOM   775  C "C2'"  . C   A 1 7 ? 4.915   -10.914 -1.807  1.00 0.00 ? 7 C   A "C2'"  2 
ATOM   776  O "O2'"  . C   A 1 7 ? 5.894   -11.348 -0.879  1.00 0.00 ? 7 C   A "O2'"  2 
ATOM   777  C "C1'"  . C   A 1 7 ? 4.929   -9.383  -1.838  1.00 0.00 ? 7 C   A "C1'"  2 
ATOM   778  N N1     . C   A 1 7 ? 3.540   -8.861  -2.003  1.00 0.00 ? 7 C   A N1     2 
ATOM   779  C C2     . C   A 1 7 ? 2.700   -8.871  -0.880  1.00 0.00 ? 7 C   A C2     2 
ATOM   780  O O2     . C   A 1 7 ? 3.097   -9.282  0.211   1.00 0.00 ? 7 C   A O2     2 
ATOM   781  N N3     . C   A 1 7 ? 1.418   -8.436  -1.001  1.00 0.00 ? 7 C   A N3     2 
ATOM   782  C C4     . C   A 1 7 ? 0.957   -8.006  -2.177  1.00 0.00 ? 7 C   A C4     2 
ATOM   783  N N4     . C   A 1 7 ? -0.295  -7.576  -2.229  1.00 0.00 ? 7 C   A N4     2 
ATOM   784  C C5     . C   A 1 7 ? 1.781   -7.994  -3.350  1.00 0.00 ? 7 C   A C5     2 
ATOM   785  C C6     . C   A 1 7 ? 3.059   -8.430  -3.220  1.00 0.00 ? 7 C   A C6     2 
ATOM   786  H "H5'"  . C   A 1 7 ? 7.360   -9.241  -5.150  1.00 0.00 ? 7 C   A "H5'"  2 
ATOM   787  H "H5''" . C   A 1 7 ? 6.846   -10.901 -5.488  1.00 0.00 ? 7 C   A "H5''" 2 
ATOM   788  H "H4'"  . C   A 1 7 ? 7.229   -10.475 -3.065  1.00 0.00 ? 7 C   A "H4'"  2 
ATOM   789  H "H3'"  . C   A 1 7 ? 4.378   -11.079 -3.887  1.00 0.00 ? 7 C   A "H3'"  2 
ATOM   790  H "H2'"  . C   A 1 7 ? 3.940   -11.308 -1.533  1.00 0.00 ? 7 C   A "H2'"  2 
ATOM   791  H "HO2'" . C   A 1 7 ? 5.501   -11.345 -0.001  1.00 0.00 ? 7 C   A "HO2'" 2 
ATOM   792  H "H1'"  . C   A 1 7 ? 5.327   -9.009  -0.892  1.00 0.00 ? 7 C   A "H1'"  2 
ATOM   793  H H41    . C   A 1 7 ? -0.835  -7.572  -1.369  1.00 0.00 ? 7 C   A H41    2 
ATOM   794  H H42    . C   A 1 7 ? -0.660  -7.170  -3.074  1.00 0.00 ? 7 C   A H42    2 
ATOM   795  H H5     . C   A 1 7 ? 1.428   -7.649  -4.310  1.00 0.00 ? 7 C   A H5     2 
ATOM   796  H H6     . C   A 1 7 ? 3.704   -8.431  -4.086  1.00 0.00 ? 7 C   A H6     2 
ATOM   797  P P      . C   A 1 8 ? 4.762   -13.846 -3.603  1.00 0.00 ? 8 C   A P      2 
ATOM   798  O OP1    . C   A 1 8 ? 5.595   -15.042 -3.854  1.00 0.00 ? 8 C   A OP1    2 
ATOM   799  O OP2    . C   A 1 8 ? 3.694   -13.483 -4.561  1.00 0.00 ? 8 C   A OP2    2 
ATOM   800  O "O5'"  . C   A 1 8 ? 4.082   -13.998 -2.148  1.00 0.00 ? 8 C   A "O5'"  2 
ATOM   801  C "C5'"  . C   A 1 8 ? 4.806   -14.476 -1.030  1.00 0.00 ? 8 C   A "C5'"  2 
ATOM   802  C "C4'"  . C   A 1 8 ? 3.987   -14.312 0.257   1.00 0.00 ? 8 C   A "C4'"  2 
ATOM   803  O "O4'"  . C   A 1 8 ? 3.574   -12.963 0.464   1.00 0.00 ? 8 C   A "O4'"  2 
ATOM   804  C "C3'"  . C   A 1 8 ? 2.707   -15.147 0.281   1.00 0.00 ? 8 C   A "C3'"  2 
ATOM   805  O "O3'"  . C   A 1 8 ? 2.915   -16.509 0.622   1.00 0.00 ? 8 C   A "O3'"  2 
ATOM   806  C "C2'"  . C   A 1 8 ? 1.938   -14.411 1.372   1.00 0.00 ? 8 C   A "C2'"  2 
ATOM   807  O "O2'"  . C   A 1 8 ? 2.412   -14.746 2.664   1.00 0.00 ? 8 C   A "O2'"  2 
ATOM   808  C "C1'"  . C   A 1 8 ? 2.292   -12.955 1.088   1.00 0.00 ? 8 C   A "C1'"  2 
ATOM   809  N N1     . C   A 1 8 ? 1.227   -12.310 0.261   1.00 0.00 ? 8 C   A N1     2 
ATOM   810  C C2     . C   A 1 8 ? 0.065   -11.878 0.913   1.00 0.00 ? 8 C   A C2     2 
ATOM   811  O O2     . C   A 1 8 ? -0.111  -12.077 2.114   1.00 0.00 ? 8 C   A O2     2 
ATOM   812  N N3     . C   A 1 8 ? -0.900  -11.241 0.201   1.00 0.00 ? 8 C   A N3     2 
ATOM   813  C C4     . C   A 1 8 ? -0.758  -11.043 -1.108  1.00 0.00 ? 8 C   A C4     2 
ATOM   814  N N4     . C   A 1 8 ? -1.736  -10.411 -1.738  1.00 0.00 ? 8 C   A N4     2 
ATOM   815  C C5     . C   A 1 8 ? 0.380   -11.538 -1.826  1.00 0.00 ? 8 C   A C5     2 
ATOM   816  C C6     . C   A 1 8 ? 1.339   -12.169 -1.104  1.00 0.00 ? 8 C   A C6     2 
ATOM   817  H "H5'"  . C   A 1 8 ? 5.736   -13.917 -0.929  1.00 0.00 ? 8 C   A "H5'"  2 
ATOM   818  H "H5''" . C   A 1 8 ? 5.046   -15.530 -1.171  1.00 0.00 ? 8 C   A "H5''" 2 
ATOM   819  H "H4'"  . C   A 1 8 ? 4.607   -14.613 1.103   1.00 0.00 ? 8 C   A "H4'"  2 
ATOM   820  H "H3'"  . C   A 1 8 ? 2.188   -15.048 -0.673  1.00 0.00 ? 8 C   A "H3'"  2 
ATOM   821  H "H2'"  . C   A 1 8 ? 0.869   -14.594 1.299   1.00 0.00 ? 8 C   A "H2'"  2 
ATOM   822  H "HO2'" . C   A 1 8 ? 2.599   -15.690 2.669   1.00 0.00 ? 8 C   A "HO2'" 2 
ATOM   823  H "H1'"  . C   A 1 8 ? 2.357   -12.422 2.039   1.00 0.00 ? 8 C   A "H1'"  2 
ATOM   824  H H41    . C   A 1 8 ? -2.531  -10.103 -1.186  1.00 0.00 ? 8 C   A H41    2 
ATOM   825  H H42    . C   A 1 8 ? -1.696  -10.257 -2.731  1.00 0.00 ? 8 C   A H42    2 
ATOM   826  H H5     . C   A 1 8 ? 0.494   -11.426 -2.893  1.00 0.00 ? 8 C   A H5     2 
ATOM   827  H H6     . C   A 1 8 ? 2.202   -12.559 -1.617  1.00 0.00 ? 8 C   A H6     2 
ATOM   828  P P      . U   A 1 9 ? 1.866   -17.661 0.185   1.00 0.00 ? 9 U   A P      2 
ATOM   829  O OP1    . U   A 1 9 ? 2.304   -18.935 0.795   1.00 0.00 ? 9 U   A OP1    2 
ATOM   830  O OP2    . U   A 1 9 ? 1.682   -17.574 -1.281  1.00 0.00 ? 9 U   A OP2    2 
ATOM   831  O "O5'"  . U   A 1 9 ? 0.480   -17.207 0.881   1.00 0.00 ? 9 U   A "O5'"  2 
ATOM   832  C "C5'"  . U   A 1 9 ? 0.216   -17.407 2.260   1.00 0.00 ? 9 U   A "C5'"  2 
ATOM   833  C "C4'"  . U   A 1 9 ? -1.141  -16.802 2.646   1.00 0.00 ? 9 U   A "C4'"  2 
ATOM   834  O "O4'"  . U   A 1 9 ? -1.200  -15.409 2.371   1.00 0.00 ? 9 U   A "O4'"  2 
ATOM   835  C "C3'"  . U   A 1 9 ? -2.321  -17.421 1.899   1.00 0.00 ? 9 U   A "C3'"  2 
ATOM   836  O "O3'"  . U   A 1 9 ? -2.756  -18.647 2.448   1.00 0.00 ? 9 U   A "O3'"  2 
ATOM   837  C "C2'"  . U   A 1 9 ? -3.377  -16.333 2.079   1.00 0.00 ? 9 U   A "C2'"  2 
ATOM   838  O "O2'"  . U   A 1 9 ? -4.006  -16.409 3.349   1.00 0.00 ? 9 U   A "O2'"  2 
ATOM   839  C "C1'"  . U   A 1 9 ? -2.530  -15.055 2.004   1.00 0.00 ? 9 U   A "C1'"  2 
ATOM   840  N N1     . U   A 1 9 ? -2.609  -14.464 0.637   1.00 0.00 ? 9 U   A N1     2 
ATOM   841  C C2     . U   A 1 9 ? -3.753  -13.718 0.325   1.00 0.00 ? 9 U   A C2     2 
ATOM   842  O O2     . U   A 1 9 ? -4.662  -13.520 1.129   1.00 0.00 ? 9 U   A O2     2 
ATOM   843  N N3     . U   A 1 9 ? -3.843  -13.217 -0.966  1.00 0.00 ? 9 U   A N3     2 
ATOM   844  C C4     . U   A 1 9 ? -2.934  -13.449 -1.985  1.00 0.00 ? 9 U   A C4     2 
ATOM   845  O O4     . U   A 1 9 ? -3.132  -12.991 -3.105  1.00 0.00 ? 9 U   A O4     2 
ATOM   846  C C5     . U   A 1 9 ? -1.790  -14.249 -1.592  1.00 0.00 ? 9 U   A C5     2 
ATOM   847  C C6     . U   A 1 9 ? -1.656  -14.720 -0.328  1.00 0.00 ? 9 U   A C6     2 
ATOM   848  H "H5'"  . U   A 1 9 ? 0.995   -16.939 2.859   1.00 0.00 ? 9 U   A "H5'"  2 
ATOM   849  H "H5''" . U   A 1 9 ? 0.202   -18.477 2.477   1.00 0.00 ? 9 U   A "H5''" 2 
ATOM   850  H "H4'"  . U   A 1 9 ? -1.297  -16.944 3.716   1.00 0.00 ? 9 U   A "H4'"  2 
ATOM   851  H "H3'"  . U   A 1 9 ? -2.082  -17.534 0.840   1.00 0.00 ? 9 U   A "H3'"  2 
ATOM   852  H "HO3'" . U   A 1 9 ? -3.334  -18.422 3.185   1.00 0.00 ? 9 U   A "HO3'" 2 
ATOM   853  H "H2'"  . U   A 1 9 ? -4.126  -16.381 1.285   1.00 0.00 ? 9 U   A "H2'"  2 
ATOM   854  H "HO2'" . U   A 1 9 ? -4.675  -15.720 3.407   1.00 0.00 ? 9 U   A "HO2'" 2 
ATOM   855  H "H1'"  . U   A 1 9 ? -2.911  -14.325 2.720   1.00 0.00 ? 9 U   A "H1'"  2 
ATOM   856  H H3     . U   A 1 9 ? -4.634  -12.633 -1.183  1.00 0.00 ? 9 U   A H3     2 
ATOM   857  H H5     . U   A 1 9 ? -1.033  -14.464 -2.332  1.00 0.00 ? 9 U   A H5     2 
ATOM   858  H H6     . U   A 1 9 ? -0.786  -15.309 -0.081  1.00 0.00 ? 9 U   A H6     2 
ATOM   859  O "O5'"  . G   B 1 1 ? -9.852  -7.626  3.950   1.00 0.00 ? 1 G   B "O5'"  2 
ATOM   860  C "C5'"  . G   B 1 1 ? -10.170 -8.162  5.221   1.00 0.00 ? 1 G   B "C5'"  2 
ATOM   861  C "C4'"  . G   B 1 1 ? -9.010  -8.970  5.819   1.00 0.00 ? 1 G   B "C4'"  2 
ATOM   862  O "O4'"  . G   B 1 1 ? -8.734  -10.152 5.078   1.00 0.00 ? 1 G   B "O4'"  2 
ATOM   863  C "C3'"  . G   B 1 1 ? -7.692  -8.195  5.906   1.00 0.00 ? 1 G   B "C3'"  2 
ATOM   864  O "O3'"  . G   B 1 1 ? -7.639  -7.326  7.027   1.00 0.00 ? 1 G   B "O3'"  2 
ATOM   865  C "C2'"  . G   B 1 1 ? -6.703  -9.354  6.003   1.00 0.00 ? 1 G   B "C2'"  2 
ATOM   866  O "O2'"  . G   B 1 1 ? -6.681  -9.926  7.299   1.00 0.00 ? 1 G   B "O2'"  2 
ATOM   867  C "C1'"  . G   B 1 1 ? -7.325  -10.362 5.035   1.00 0.00 ? 1 G   B "C1'"  2 
ATOM   868  N N9     . G   B 1 1 ? -6.808  -10.156 3.660   1.00 0.00 ? 1 G   B N9     2 
ATOM   869  C C8     . G   B 1 1 ? -7.442  -9.614  2.568   1.00 0.00 ? 1 G   B C8     2 
ATOM   870  N N7     . G   B 1 1 ? -6.705  -9.555  1.495   1.00 0.00 ? 1 G   B N7     2 
ATOM   871  C C5     . G   B 1 1 ? -5.484  -10.094 1.897   1.00 0.00 ? 1 G   B C5     2 
ATOM   872  C C6     . G   B 1 1 ? -4.269  -10.298 1.164   1.00 0.00 ? 1 G   B C6     2 
ATOM   873  O O6     . G   B 1 1 ? -4.035  -10.055 -0.018  1.00 0.00 ? 1 G   B O6     2 
ATOM   874  N N1     . G   B 1 1 ? -3.262  -10.861 1.939   1.00 0.00 ? 1 G   B N1     2 
ATOM   875  C C2     . G   B 1 1 ? -3.417  -11.229 3.254   1.00 0.00 ? 1 G   B C2     2 
ATOM   876  N N2     . G   B 1 1 ? -2.370  -11.787 3.849   1.00 0.00 ? 1 G   B N2     2 
ATOM   877  N N3     . G   B 1 1 ? -4.547  -11.054 3.953   1.00 0.00 ? 1 G   B N3     2 
ATOM   878  C C4     . G   B 1 1 ? -5.544  -10.475 3.220   1.00 0.00 ? 1 G   B C4     2 
ATOM   879  H "H5'"  . G   B 1 1 ? -11.043 -8.810  5.131   1.00 0.00 ? 1 G   B "H5'"  2 
ATOM   880  H "H5''" . G   B 1 1 ? -10.411 -7.343  5.899   1.00 0.00 ? 1 G   B "H5''" 2 
ATOM   881  H "H4'"  . G   B 1 1 ? -9.288  -9.273  6.829   1.00 0.00 ? 1 G   B "H4'"  2 
ATOM   882  H "H3'"  . G   B 1 1 ? -7.524  -7.652  4.976   1.00 0.00 ? 1 G   B "H3'"  2 
ATOM   883  H "H2'"  . G   B 1 1 ? -5.700  -9.056  5.701   1.00 0.00 ? 1 G   B "H2'"  2 
ATOM   884  H "HO2'" . G   B 1 1 ? -6.629  -9.207  7.933   1.00 0.00 ? 1 G   B "HO2'" 2 
ATOM   885  H "H1'"  . G   B 1 1 ? -7.078  -11.374 5.355   1.00 0.00 ? 1 G   B "H1'"  2 
ATOM   886  H H8     . G   B 1 1 ? -8.465  -9.270  2.593   1.00 0.00 ? 1 G   B H8     2 
ATOM   887  H H1     . G   B 1 1 ? -2.376  -11.018 1.478   1.00 0.00 ? 1 G   B H1     2 
ATOM   888  H H21    . G   B 1 1 ? -1.494  -11.898 3.343   1.00 0.00 ? 1 G   B H21    2 
ATOM   889  H H22    . G   B 1 1 ? -2.455  -12.055 4.815   1.00 0.00 ? 1 G   B H22    2 
ATOM   890  H "HO5'" . G   B 1 1 ? -10.593 -7.101  3.637   1.00 0.00 ? 1 G   B "HO5'" 2 
ATOM   891  P P      . G   B 1 2 ? -6.669  -6.030  7.057   1.00 0.00 ? 2 G   B P      2 
ATOM   892  O OP1    . G   B 1 2 ? -6.910  -5.308  8.325   1.00 0.00 ? 2 G   B OP1    2 
ATOM   893  O OP2    . G   B 1 2 ? -6.803  -5.317  5.768   1.00 0.00 ? 2 G   B OP2    2 
ATOM   894  O "O5'"  . G   B 1 2 ? -5.197  -6.686  7.115   1.00 0.00 ? 2 G   B "O5'"  2 
ATOM   895  C "C5'"  . G   B 1 2 ? -4.686  -7.273  8.298   1.00 0.00 ? 2 G   B "C5'"  2 
ATOM   896  C "C4'"  . G   B 1 2 ? -3.316  -7.904  8.038   1.00 0.00 ? 2 G   B "C4'"  2 
ATOM   897  O "O4'"  . G   B 1 2 ? -3.359  -8.857  6.982   1.00 0.00 ? 2 G   B "O4'"  2 
ATOM   898  C "C3'"  . G   B 1 2 ? -2.247  -6.883  7.653   1.00 0.00 ? 2 G   B "C3'"  2 
ATOM   899  O "O3'"  . G   B 1 2 ? -1.725  -6.191  8.778   1.00 0.00 ? 2 G   B "O3'"  2 
ATOM   900  C "C2'"  . G   B 1 2 ? -1.231  -7.808  6.989   1.00 0.00 ? 2 G   B "C2'"  2 
ATOM   901  O "O2'"  . G   B 1 2 ? -0.468  -8.532  7.936   1.00 0.00 ? 2 G   B "O2'"  2 
ATOM   902  C "C1'"  . G   B 1 2 ? -2.141  -8.785  6.247   1.00 0.00 ? 2 G   B "C1'"  2 
ATOM   903  N N9     . G   B 1 2 ? -2.366  -8.329  4.854   1.00 0.00 ? 2 G   B N9     2 
ATOM   904  C C8     . G   B 1 2 ? -3.456  -7.707  4.297   1.00 0.00 ? 2 G   B C8     2 
ATOM   905  N N7     . G   B 1 2 ? -3.335  -7.456  3.023   1.00 0.00 ? 2 G   B N7     2 
ATOM   906  C C5     . G   B 1 2 ? -2.063  -7.928  2.704   1.00 0.00 ? 2 G   B C5     2 
ATOM   907  C C6     . G   B 1 2 ? -1.352  -7.948  1.457   1.00 0.00 ? 2 G   B C6     2 
ATOM   908  O O6     . G   B 1 2 ? -1.722  -7.566  0.350   1.00 0.00 ? 2 G   B O6     2 
ATOM   909  N N1     . G   B 1 2 ? -0.071  -8.476  1.578   1.00 0.00 ? 2 G   B N1     2 
ATOM   910  C C2     . G   B 1 2 ? 0.454   -8.966  2.750   1.00 0.00 ? 2 G   B C2     2 
ATOM   911  N N2     . G   B 1 2 ? 1.702   -9.416  2.712   1.00 0.00 ? 2 G   B N2     2 
ATOM   912  N N3     . G   B 1 2 ? -0.208  -8.987  3.914   1.00 0.00 ? 2 G   B N3     2 
ATOM   913  C C4     . G   B 1 2 ? -1.458  -8.449  3.828   1.00 0.00 ? 2 G   B C4     2 
ATOM   914  H "H5'"  . G   B 1 2 ? -5.368  -8.043  8.653   1.00 0.00 ? 2 G   B "H5'"  2 
ATOM   915  H "H5''" . G   B 1 2 ? -4.586  -6.511  9.073   1.00 0.00 ? 2 G   B "H5''" 2 
ATOM   916  H "H4'"  . G   B 1 2 ? -2.989  -8.414  8.945   1.00 0.00 ? 2 G   B "H4'"  2 
ATOM   917  H "H3'"  . G   B 1 2 ? -2.656  -6.192  6.913   1.00 0.00 ? 2 G   B "H3'"  2 
ATOM   918  H "H2'"  . G   B 1 2 ? -0.575  -7.265  6.309   1.00 0.00 ? 2 G   B "H2'"  2 
ATOM   919  H "HO2'" . G   B 1 2 ? -0.075  -7.900  8.542   1.00 0.00 ? 2 G   B "HO2'" 2 
ATOM   920  H "H1'"  . G   B 1 2 ? -1.663  -9.765  6.215   1.00 0.00 ? 2 G   B "H1'"  2 
ATOM   921  H H8     . G   B 1 2 ? -4.343  -7.456  4.859   1.00 0.00 ? 2 G   B H8     2 
ATOM   922  H H1     . G   B 1 2 ? 0.492   -8.488  0.739   1.00 0.00 ? 2 G   B H1     2 
ATOM   923  H H21    . G   B 1 2 ? 2.244   -9.358  1.854   1.00 0.00 ? 2 G   B H21    2 
ATOM   924  H H22    . G   B 1 2 ? 2.102   -9.775  3.562   1.00 0.00 ? 2 G   B H22    2 
ATOM   925  P P      . C   B 1 3 ? -1.016  -4.744  8.640   1.00 0.00 ? 3 C   B P      2 
ATOM   926  O OP1    . C   B 1 3 ? -0.663  -4.277  10.000  1.00 0.00 ? 3 C   B OP1    2 
ATOM   927  O OP2    . C   B 1 3 ? -1.860  -3.897  7.769   1.00 0.00 ? 3 C   B OP2    2 
ATOM   928  O "O5'"  . C   B 1 3 ? 0.345   -5.083  7.844   1.00 0.00 ? 3 C   B "O5'"  2 
ATOM   929  C "C5'"  . C   B 1 3 ? 1.455   -5.694  8.474   1.00 0.00 ? 3 C   B "C5'"  2 
ATOM   930  C "C4'"  . C   B 1 3 ? 2.515   -6.076  7.434   1.00 0.00 ? 3 C   B "C4'"  2 
ATOM   931  O "O4'"  . C   B 1 3 ? 1.964   -6.864  6.383   1.00 0.00 ? 3 C   B "O4'"  2 
ATOM   932  C "C3'"  . C   B 1 3 ? 3.173   -4.868  6.769   1.00 0.00 ? 3 C   B "C3'"  2 
ATOM   933  O "O3'"  . C   B 1 3 ? 4.230   -4.308  7.532   1.00 0.00 ? 3 C   B "O3'"  2 
ATOM   934  C "C2'"  . C   B 1 3 ? 3.705   -5.528  5.504   1.00 0.00 ? 3 C   B "C2'"  2 
ATOM   935  O "O2'"  . C   B 1 3 ? 4.919   -6.215  5.750   1.00 0.00 ? 3 C   B "O2'"  2 
ATOM   936  C "C1'"  . C   B 1 3 ? 2.623   -6.546  5.160   1.00 0.00 ? 3 C   B "C1'"  2 
ATOM   937  N N1     . C   B 1 3 ? 1.714   -6.003  4.106   1.00 0.00 ? 3 C   B N1     2 
ATOM   938  C C2     . C   B 1 3 ? 2.157   -6.046  2.776   1.00 0.00 ? 3 C   B C2     2 
ATOM   939  O O2     . C   B 1 3 ? 3.251   -6.521  2.477   1.00 0.00 ? 3 C   B O2     2 
ATOM   940  N N3     . C   B 1 3 ? 1.360   -5.552  1.791   1.00 0.00 ? 3 C   B N3     2 
ATOM   941  C C4     . C   B 1 3 ? 0.168   -5.032  2.079   1.00 0.00 ? 3 C   B C4     2 
ATOM   942  N N4     . C   B 1 3 ? -0.567  -4.588  1.070   1.00 0.00 ? 3 C   B N4     2 
ATOM   943  C C5     . C   B 1 3 ? -0.314  -4.956  3.427   1.00 0.00 ? 3 C   B C5     2 
ATOM   944  C C6     . C   B 1 3 ? 0.495   -5.437  4.404   1.00 0.00 ? 3 C   B C6     2 
ATOM   945  H "H5'"  . C   B 1 3 ? 1.133   -6.596  8.993   1.00 0.00 ? 3 C   B "H5'"  2 
ATOM   946  H "H5''" . C   B 1 3 ? 1.892   -5.007  9.199   1.00 0.00 ? 3 C   B "H5''" 2 
ATOM   947  H "H4'"  . C   B 1 3 ? 3.297   -6.657  7.926   1.00 0.00 ? 3 C   B "H4'"  2 
ATOM   948  H "H3'"  . C   B 1 3 ? 2.415   -4.124  6.517   1.00 0.00 ? 3 C   B "H3'"  2 
ATOM   949  H "H2'"  . C   B 1 3 ? 3.835   -4.796  4.714   1.00 0.00 ? 3 C   B "H2'"  2 
ATOM   950  H "HO2'" . C   B 1 3 ? 5.445   -5.655  6.330   1.00 0.00 ? 3 C   B "HO2'" 2 
ATOM   951  H "H1'"  . C   B 1 3 ? 3.104   -7.446  4.773   1.00 0.00 ? 3 C   B "H1'"  2 
ATOM   952  H H41    . C   B 1 3 ? -0.179  -4.656  0.134   1.00 0.00 ? 3 C   B H41    2 
ATOM   953  H H42    . C   B 1 3 ? -1.493  -4.230  1.225   1.00 0.00 ? 3 C   B H42    2 
ATOM   954  H H5     . C   B 1 3 ? -1.269  -4.525  3.685   1.00 0.00 ? 3 C   B H5     2 
ATOM   955  H H6     . C   B 1 3 ? 0.168   -5.375  5.429   1.00 0.00 ? 3 C   B H6     2 
HETATM 956  N N1     . P5P B 1 4 ? 0.387   -1.384  -0.100  1.00 0.00 ? 4 P5P B N1     2 
HETATM 957  C C2     . P5P B 1 4 ? 1.540   -1.811  -0.611  1.00 0.00 ? 4 P5P B C2     2 
HETATM 958  N N3     . P5P B 1 4 ? 2.621   -2.248  0.035   1.00 0.00 ? 4 P5P B N3     2 
HETATM 959  C C4     . P5P B 1 4 ? 2.436   -2.236  1.387   1.00 0.00 ? 4 P5P B C4     2 
HETATM 960  C C5     . P5P B 1 4 ? 1.306   -1.826  2.052   1.00 0.00 ? 4 P5P B C5     2 
HETATM 961  C C6     . P5P B 1 4 ? 0.241   -1.374  1.242   1.00 0.00 ? 4 P5P B C6     2 
HETATM 962  N N7     . P5P B 1 4 ? 1.470   -1.953  3.425   1.00 0.00 ? 4 P5P B N7     2 
HETATM 963  C C8     . P5P B 1 4 ? 2.682   -2.419  3.545   1.00 0.00 ? 4 P5P B C8     2 
HETATM 964  N N9     . P5P B 1 4 ? 3.338   -2.619  2.352   1.00 0.00 ? 4 P5P B N9     2 
HETATM 965  C "C1'"  . P5P B 1 4 ? 4.730   -3.068  2.092   1.00 0.00 ? 4 P5P B "C1'"  2 
HETATM 966  C "C2'"  . P5P B 1 4 ? 5.632   -1.872  1.784   1.00 0.00 ? 4 P5P B "C2'"  2 
HETATM 967  O "O2'"  . P5P B 1 4 ? 6.585   -2.313  0.834   1.00 0.00 ? 4 P5P B "O2'"  2 
HETATM 968  C "C3'"  . P5P B 1 4 ? 6.175   -1.560  3.183   1.00 0.00 ? 4 P5P B "C3'"  2 
HETATM 969  O "O3'"  . P5P B 1 4 ? 7.278   -0.655  3.288   1.00 0.00 ? 4 P5P B "O3'"  2 
HETATM 970  C "C4'"  . P5P B 1 4 ? 6.348   -2.965  3.772   1.00 0.00 ? 4 P5P B "C4'"  2 
HETATM 971  O "O4'"  . P5P B 1 4 ? 5.302   -3.746  3.204   1.00 0.00 ? 4 P5P B "O4'"  2 
HETATM 972  C "C5'"  . P5P B 1 4 ? 6.325   -3.022  5.308   1.00 0.00 ? 4 P5P B "C5'"  2 
HETATM 973  O "O5'"  . P5P B 1 4 ? 5.067   -2.616  5.811   1.00 0.00 ? 4 P5P B "O5'"  2 
HETATM 974  P P      . P5P B 1 4 ? 4.664   -2.760  7.370   1.00 0.00 ? 4 P5P B P      2 
HETATM 975  O OP1    . P5P B 1 4 ? 5.875   -2.543  8.189   1.00 0.00 ? 4 P5P B OP1    2 
HETATM 976  O OP2    . P5P B 1 4 ? 3.459   -1.936  7.601   1.00 0.00 ? 4 P5P B OP2    2 
HETATM 977  H H2     . P5P B 1 4 ? 1.593   -1.811  -1.688  1.00 0.00 ? 4 P5P B H2     2 
HETATM 978  H H6     . P5P B 1 4 ? -0.682  -1.028  1.683   1.00 0.00 ? 4 P5P B H6     2 
HETATM 979  H H8     . P5P B 1 4 ? 3.119   -2.625  4.507   1.00 0.00 ? 4 P5P B H8     2 
HETATM 980  H "H1'"  . P5P B 1 4 ? 4.713   -3.738  1.233   1.00 0.00 ? 4 P5P B "H1'"  2 
HETATM 981  H "H2'"  . P5P B 1 4 ? 5.060   -1.034  1.387   1.00 0.00 ? 4 P5P B "H2'"  2 
HETATM 982  H "HO2'" . P5P B 1 4 ? 7.464   -2.343  1.258   1.00 0.00 ? 4 P5P B "HO2'" 2 
HETATM 983  H "H3'"  . P5P B 1 4 ? 5.356   -1.089  3.727   1.00 0.00 ? 4 P5P B "H3'"  2 
HETATM 984  H "H4'"  . P5P B 1 4 ? 7.291   -3.388  3.435   1.00 0.00 ? 4 P5P B "H4'"  2 
HETATM 985  H "H5'1" . P5P B 1 4 ? 6.530   -4.045  5.621   1.00 0.00 ? 4 P5P B "H5'1" 2 
HETATM 986  H "H5'2" . P5P B 1 4 ? 7.105   -2.371  5.704   1.00 0.00 ? 4 P5P B "H5'2" 2 
HETATM 987  N N1     . P5P B 1 5 ? 2.874   2.463   -3.378  1.00 0.00 ? 5 P5P B N1     2 
HETATM 988  C C2     . P5P B 1 5 ? 4.010   2.667   -4.043  1.00 0.00 ? 5 P5P B C2     2 
HETATM 989  N N3     . P5P B 1 5 ? 5.251   2.345   -3.676  1.00 0.00 ? 5 P5P B N3     2 
HETATM 990  C C4     . P5P B 1 5 ? 5.268   1.732   -2.456  1.00 0.00 ? 5 P5P B C4     2 
HETATM 991  C C5     . P5P B 1 5 ? 4.184   1.462   -1.658  1.00 0.00 ? 5 P5P B C5     2 
HETATM 992  C C6     . P5P B 1 5 ? 2.931   1.850   -2.176  1.00 0.00 ? 5 P5P B C6     2 
HETATM 993  N N7     . P5P B 1 5 ? 4.579   0.842   -0.479  1.00 0.00 ? 5 P5P B N7     2 
HETATM 994  C C8     . P5P B 1 5 ? 5.875   0.752   -0.600  1.00 0.00 ? 5 P5P B C8     2 
HETATM 995  N N9     . P5P B 1 5 ? 6.366   1.251   -1.781  1.00 0.00 ? 5 P5P B N9     2 
HETATM 996  C "C1'"  . P5P B 1 5 ? 7.766   1.337   -2.249  1.00 0.00 ? 5 P5P B "C1'"  2 
HETATM 997  C "C2'"  . P5P B 1 5 ? 8.342   2.704   -1.896  1.00 0.00 ? 5 P5P B "C2'"  2 
HETATM 998  O "O2'"  . P5P B 1 5 ? 9.276   3.066   -2.900  1.00 0.00 ? 5 P5P B "O2'"  2 
HETATM 999  C "C3'"  . P5P B 1 5 ? 8.978   2.431   -0.532  1.00 0.00 ? 5 P5P B "C3'"  2 
HETATM 1000 O "O3'"  . P5P B 1 5 ? 9.961   3.388   -0.169  1.00 0.00 ? 5 P5P B "O3'"  2 
HETATM 1001 C "C4'"  . P5P B 1 5 ? 9.537   1.032   -0.785  1.00 0.00 ? 5 P5P B "C4'"  2 
HETATM 1002 O "O4'"  . P5P B 1 5 ? 8.590   0.368   -1.613  1.00 0.00 ? 5 P5P B "O4'"  2 
HETATM 1003 C "C5'"  . P5P B 1 5 ? 9.831   0.226   0.486   1.00 0.00 ? 5 P5P B "C5'"  2 
HETATM 1004 O "O5'"  . P5P B 1 5 ? 8.694   0.098   1.321   1.00 0.00 ? 5 P5P B "O5'"  2 
HETATM 1005 P P      . P5P B 1 5 ? 8.747   -0.846  2.623   1.00 0.00 ? 5 P5P B P      2 
HETATM 1006 O OP1    . P5P B 1 5 ? 8.892   -2.239  2.143   1.00 0.00 ? 5 P5P B OP1    2 
HETATM 1007 O OP2    . P5P B 1 5 ? 9.750   -0.284  3.553   1.00 0.00 ? 5 P5P B OP2    2 
HETATM 1008 H H2     . P5P B 1 5 ? 3.912   3.158   -4.999  1.00 0.00 ? 5 P5P B H2     2 
HETATM 1009 H H6     . P5P B 1 5 ? 2.030   1.659   -1.617  1.00 0.00 ? 5 P5P B H6     2 
HETATM 1010 H H8     . P5P B 1 5 ? 6.508   0.313   0.156   1.00 0.00 ? 5 P5P B H8     2 
HETATM 1011 H "H1'"  . P5P B 1 5 ? 7.782   1.192   -3.331  1.00 0.00 ? 5 P5P B "H1'"  2 
HETATM 1012 H "H2'"  . P5P B 1 5 ? 7.560   3.454   -1.816  1.00 0.00 ? 5 P5P B "H2'"  2 
HETATM 1013 H "HO2'" . P5P B 1 5 ? 8.801   3.527   -3.598  1.00 0.00 ? 5 P5P B "HO2'" 2 
HETATM 1014 H "H3'"  . P5P B 1 5 ? 8.198   2.372   0.228   1.00 0.00 ? 5 P5P B "H3'"  2 
HETATM 1015 H "H4'"  . P5P B 1 5 ? 10.463  1.137   -1.349  1.00 0.00 ? 5 P5P B "H4'"  2 
HETATM 1016 H "H5'1" . P5P B 1 5 ? 10.175  -0.767  0.193   1.00 0.00 ? 5 P5P B "H5'1" 2 
HETATM 1017 H "H5'2" . P5P B 1 5 ? 10.627  0.721   1.044   1.00 0.00 ? 5 P5P B "H5'2" 2 
ATOM   1018 P P      . G   B 1 6 ? 9.569   4.797   0.525   1.00 0.00 ? 6 G   B P      2 
ATOM   1019 O OP1    . G   B 1 6 ? 10.819  5.550   0.774   1.00 0.00 ? 6 G   B OP1    2 
ATOM   1020 O OP2    . G   B 1 6 ? 8.649   4.518   1.649   1.00 0.00 ? 6 G   B OP2    2 
ATOM   1021 O "O5'"  . G   B 1 6 ? 8.727   5.582   -0.610  1.00 0.00 ? 6 G   B "O5'"  2 
ATOM   1022 C "C5'"  . G   B 1 6 ? 9.349   6.158   -1.743  1.00 0.00 ? 6 G   B "C5'"  2 
ATOM   1023 C "C4'"  . G   B 1 6 ? 8.303   6.588   -2.780  1.00 0.00 ? 6 G   B "C4'"  2 
ATOM   1024 O "O4'"  . G   B 1 6 ? 7.444   5.514   -3.153  1.00 0.00 ? 6 G   B "O4'"  2 
ATOM   1025 C "C3'"  . G   B 1 6 ? 7.384   7.715   -2.311  1.00 0.00 ? 6 G   B "C3'"  2 
ATOM   1026 O "O3'"  . G   B 1 6 ? 7.970   9.003   -2.411  1.00 0.00 ? 6 G   B "O3'"  2 
ATOM   1027 C "C2'"  . G   B 1 6 ? 6.224   7.529   -3.287  1.00 0.00 ? 6 G   B "C2'"  2 
ATOM   1028 O "O2'"  . G   B 1 6 ? 6.539   8.002   -4.585  1.00 0.00 ? 6 G   B "O2'"  2 
ATOM   1029 C "C1'"  . G   B 1 6 ? 6.122   6.008   -3.340  1.00 0.00 ? 6 G   B "C1'"  2 
ATOM   1030 N N9     . G   B 1 6 ? 5.176   5.532   -2.297  1.00 0.00 ? 6 G   B N9     2 
ATOM   1031 C C8     . G   B 1 6 ? 5.419   5.052   -1.033  1.00 0.00 ? 6 G   B C8     2 
ATOM   1032 N N7     . G   B 1 6 ? 4.345   4.757   -0.355  1.00 0.00 ? 6 G   B N7     2 
ATOM   1033 C C5     . G   B 1 6 ? 3.302   5.081   -1.219  1.00 0.00 ? 6 G   B C5     2 
ATOM   1034 C C6     . G   B 1 6 ? 1.881   4.998   -1.042  1.00 0.00 ? 6 G   B C6     2 
ATOM   1035 O O6     . G   B 1 6 ? 1.250   4.589   -0.069  1.00 0.00 ? 6 G   B O6     2 
ATOM   1036 N N1     . G   B 1 6 ? 1.175   5.475   -2.140  1.00 0.00 ? 6 G   B N1     2 
ATOM   1037 C C2     . G   B 1 6 ? 1.765   5.958   -3.285  1.00 0.00 ? 6 G   B C2     2 
ATOM   1038 N N2     . G   B 1 6 ? 0.960   6.424   -4.230  1.00 0.00 ? 6 G   B N2     2 
ATOM   1039 N N3     . G   B 1 6 ? 3.090   6.027   -3.473  1.00 0.00 ? 6 G   B N3     2 
ATOM   1040 C C4     . G   B 1 6 ? 3.805   5.573   -2.403  1.00 0.00 ? 6 G   B C4     2 
ATOM   1041 H "H5'"  . G   B 1 6 ? 10.019  5.431   -2.201  1.00 0.00 ? 6 G   B "H5'"  2 
ATOM   1042 H "H5''" . G   B 1 6 ? 9.935   7.027   -1.437  1.00 0.00 ? 6 G   B "H5''" 2 
ATOM   1043 H "H4'"  . G   B 1 6 ? 8.827   6.930   -3.673  1.00 0.00 ? 6 G   B "H4'"  2 
ATOM   1044 H "H3'"  . G   B 1 6 ? 7.050   7.510   -1.292  1.00 0.00 ? 6 G   B "H3'"  2 
ATOM   1045 H "H2'"  . G   B 1 6 ? 5.307   7.991   -2.925  1.00 0.00 ? 6 G   B "H2'"  2 
ATOM   1046 H "HO2'" . G   B 1 6 ? 6.983   8.848   -4.488  1.00 0.00 ? 6 G   B "HO2'" 2 
ATOM   1047 H "H1'"  . G   B 1 6 ? 5.741   5.703   -4.316  1.00 0.00 ? 6 G   B "H1'"  2 
ATOM   1048 H H8     . G   B 1 6 ? 6.406   4.928   -0.622  1.00 0.00 ? 6 G   B H8     2 
ATOM   1049 H H1     . G   B 1 6 ? 0.167   5.485   -2.060  1.00 0.00 ? 6 G   B H1     2 
ATOM   1050 H H21    . G   B 1 6 ? -0.046  6.451   -4.087  1.00 0.00 ? 6 G   B H21    2 
ATOM   1051 H H22    . G   B 1 6 ? 1.374   6.769   -5.080  1.00 0.00 ? 6 G   B H22    2 
ATOM   1052 P P      . C   B 1 7 ? 7.419   10.256  -1.547  1.00 0.00 ? 7 C   B P      2 
ATOM   1053 O OP1    . C   B 1 7 ? 8.250   11.436  -1.871  1.00 0.00 ? 7 C   B OP1    2 
ATOM   1054 O OP2    . C   B 1 7 ? 7.278   9.821   -0.140  1.00 0.00 ? 7 C   B OP2    2 
ATOM   1055 O "O5'"  . C   B 1 7 ? 5.937   10.498  -2.141  1.00 0.00 ? 7 C   B "O5'"  2 
ATOM   1056 C "C5'"  . C   B 1 7 ? 5.724   11.097  -3.407  1.00 0.00 ? 7 C   B "C5'"  2 
ATOM   1057 C "C4'"  . C   B 1 7 ? 4.229   11.146  -3.743  1.00 0.00 ? 7 C   B "C4'"  2 
ATOM   1058 O "O4'"  . C   B 1 7 ? 3.610   9.865   -3.691  1.00 0.00 ? 7 C   B "O4'"  2 
ATOM   1059 C "C3'"  . C   B 1 7 ? 3.439   12.025  -2.781  1.00 0.00 ? 7 C   B "C3'"  2 
ATOM   1060 O "O3'"  . C   B 1 7 ? 3.636   13.410  -3.020  1.00 0.00 ? 7 C   B "O3'"  2 
ATOM   1061 C "C2'"  . C   B 1 7 ? 2.027   11.523  -3.072  1.00 0.00 ? 7 C   B "C2'"  2 
ATOM   1062 O "O2'"  . C   B 1 7 ? 1.481   12.031  -4.277  1.00 0.00 ? 7 C   B "O2'"  2 
ATOM   1063 C "C1'"  . C   B 1 7 ? 2.262   10.018  -3.247  1.00 0.00 ? 7 C   B "C1'"  2 
ATOM   1064 N N1     . C   B 1 7 ? 1.968   9.290   -1.977  1.00 0.00 ? 7 C   B N1     2 
ATOM   1065 C C2     . C   B 1 7 ? 0.623   9.114   -1.619  1.00 0.00 ? 7 C   B C2     2 
ATOM   1066 O O2     . C   B 1 7 ? -0.287  9.549   -2.323  1.00 0.00 ? 7 C   B O2     2 
ATOM   1067 N N3     . C   B 1 7 ? 0.320   8.475   -0.457  1.00 0.00 ? 7 C   B N3     2 
ATOM   1068 C C4     . C   B 1 7 ? 1.288   8.016   0.337   1.00 0.00 ? 7 C   B C4     2 
ATOM   1069 N N4     . C   B 1 7 ? 0.930   7.396   1.453   1.00 0.00 ? 7 C   B N4     2 
ATOM   1070 C C5     . C   B 1 7 ? 2.673   8.191   0.013   1.00 0.00 ? 7 C   B C5     2 
ATOM   1071 C C6     . C   B 1 7 ? 2.967   8.835   -1.144  1.00 0.00 ? 7 C   B C6     2 
ATOM   1072 H "H5'"  . C   B 1 7 ? 6.241   10.531  -4.179  1.00 0.00 ? 7 C   B "H5'"  2 
ATOM   1073 H "H5''" . C   B 1 7 ? 6.118   12.114  -3.402  1.00 0.00 ? 7 C   B "H5''" 2 
ATOM   1074 H "H4'"  . C   B 1 7 ? 4.107   11.549  -4.750  1.00 0.00 ? 7 C   B "H4'"  2 
ATOM   1075 H "H3'"  . C   B 1 7 ? 3.712   11.766  -1.756  1.00 0.00 ? 7 C   B "H3'"  2 
ATOM   1076 H "H2'"  . C   B 1 7 ? 1.358   11.738  -2.243  1.00 0.00 ? 7 C   B "H2'"  2 
ATOM   1077 H "HO2'" . C   B 1 7 ? 0.535   11.857  -4.280  1.00 0.00 ? 7 C   B "HO2'" 2 
ATOM   1078 H "H1'"  . C   B 1 7 ? 1.591   9.638   -4.020  1.00 0.00 ? 7 C   B "H1'"  2 
ATOM   1079 H H41    . C   B 1 7 ? -0.061  7.306   1.656   1.00 0.00 ? 7 C   B H41    2 
ATOM   1080 H H42    . C   B 1 7 ? 1.624   6.980   2.049   1.00 0.00 ? 7 C   B H42    2 
ATOM   1081 H H5     . C   B 1 7 ? 3.472   7.832   0.645   1.00 0.00 ? 7 C   B H5     2 
ATOM   1082 H H6     . C   B 1 7 ? 4.002   8.985   -1.411  1.00 0.00 ? 7 C   B H6     2 
ATOM   1083 P P      . C   B 1 8 ? 3.307   14.529  -1.902  1.00 0.00 ? 8 C   B P      2 
ATOM   1084 O OP1    . C   B 1 8 ? 3.706   15.849  -2.442  1.00 0.00 ? 8 C   B OP1    2 
ATOM   1085 O OP2    . C   B 1 8 ? 3.861   14.070  -0.609  1.00 0.00 ? 8 C   B OP2    2 
ATOM   1086 O "O5'"  . C   B 1 8 ? 1.700   14.494  -1.788  1.00 0.00 ? 8 C   B "O5'"  2 
ATOM   1087 C "C5'"  . C   B 1 8 ? 0.866   14.987  -2.820  1.00 0.00 ? 8 C   B "C5'"  2 
ATOM   1088 C "C4'"  . C   B 1 8 ? -0.601  14.657  -2.528  1.00 0.00 ? 8 C   B "C4'"  2 
ATOM   1089 O "O4'"  . C   B 1 8 ? -0.816  13.259  -2.358  1.00 0.00 ? 8 C   B "O4'"  2 
ATOM   1090 C "C3'"  . C   B 1 8 ? -1.130  15.321  -1.256  1.00 0.00 ? 8 C   B "C3'"  2 
ATOM   1091 O "O3'"  . C   B 1 8 ? -1.494  16.681  -1.431  1.00 0.00 ? 8 C   B "O3'"  2 
ATOM   1092 C "C2'"  . C   B 1 8 ? -2.346  14.441  -0.990  1.00 0.00 ? 8 C   B "C2'"  2 
ATOM   1093 O "O2'"  . C   B 1 8 ? -3.427  14.771  -1.844  1.00 0.00 ? 8 C   B "O2'"  2 
ATOM   1094 C "C1'"  . C   B 1 8 ? -1.827  13.057  -1.371  1.00 0.00 ? 8 C   B "C1'"  2 
ATOM   1095 N N1     . C   B 1 8 ? -1.342  12.320  -0.166  1.00 0.00 ? 8 C   B N1     2 
ATOM   1096 C C2     . C   B 1 8 ? -2.301  11.741  0.674   1.00 0.00 ? 8 C   B C2     2 
ATOM   1097 O O2     . C   B 1 8 ? -3.506  11.897  0.481   1.00 0.00 ? 8 C   B O2     2 
ATOM   1098 N N3     . C   B 1 8 ? -1.894  10.995  1.734   1.00 0.00 ? 8 C   B N3     2 
ATOM   1099 C C4     . C   B 1 8 ? -0.597  10.823  1.986   1.00 0.00 ? 8 C   B C4     2 
ATOM   1100 N N4     . C   B 1 8 ? -0.275  10.065  3.023   1.00 0.00 ? 8 C   B N4     2 
ATOM   1101 C C5     . C   B 1 8 ? 0.413   11.462  1.197   1.00 0.00 ? 8 C   B C5     2 
ATOM   1102 C C6     . C   B 1 8 ? -0.004  12.205  0.142   1.00 0.00 ? 8 C   B C6     2 
ATOM   1103 H "H5'"  . C   B 1 8 ? 1.148   14.535  -3.771  1.00 0.00 ? 8 C   B "H5'"  2 
ATOM   1104 H "H5''" . C   B 1 8 ? 0.983   16.069  -2.900  1.00 0.00 ? 8 C   B "H5''" 2 
ATOM   1105 H "H4'"  . C   B 1 8 ? -1.208  14.997  -3.368  1.00 0.00 ? 8 C   B "H4'"  2 
ATOM   1106 H "H3'"  . C   B 1 8 ? -0.402  15.201  -0.451  1.00 0.00 ? 8 C   B "H3'"  2 
ATOM   1107 H "H2'"  . C   B 1 8 ? -2.656  14.491  0.051   1.00 0.00 ? 8 C   B "H2'"  2 
ATOM   1108 H "HO2'" . C   B 1 8 ? -3.456  15.730  -1.920  1.00 0.00 ? 8 C   B "HO2'" 2 
ATOM   1109 H "H1'"  . C   B 1 8 ? -2.650  12.490  -1.811  1.00 0.00 ? 8 C   B "H1'"  2 
ATOM   1110 H H41    . C   B 1 8 ? -1.034  9.654   3.558   1.00 0.00 ? 8 C   B H41    2 
ATOM   1111 H H42    . C   B 1 8 ? 0.687   9.921   3.278   1.00 0.00 ? 8 C   B H42    2 
ATOM   1112 H H5     . C   B 1 8 ? 1.467   11.372  1.410   1.00 0.00 ? 8 C   B H5     2 
ATOM   1113 H H6     . C   B 1 8 ? 0.732   12.706  -0.463  1.00 0.00 ? 8 C   B H6     2 
ATOM   1114 P P      . U   B 1 9 ? -1.501  17.719  -0.191  1.00 0.00 ? 9 U   B P      2 
ATOM   1115 O OP1    . U   B 1 9 ? -2.034  19.010  -0.678  1.00 0.00 ? 9 U   B OP1    2 
ATOM   1116 O OP2    . U   B 1 9 ? -0.170  17.670  0.452   1.00 0.00 ? 9 U   B OP2    2 
ATOM   1117 O "O5'"  . U   B 1 9 ? -2.569  17.078  0.838   1.00 0.00 ? 9 U   B "O5'"  2 
ATOM   1118 C "C5'"  . U   B 1 9 ? -3.970  17.177  0.642   1.00 0.00 ? 9 U   B "C5'"  2 
ATOM   1119 C "C4'"  . U   B 1 9 ? -4.733  16.415  1.734   1.00 0.00 ? 9 U   B "C4'"  2 
ATOM   1120 O "O4'"  . U   B 1 9 ? -4.436  15.023  1.736   1.00 0.00 ? 9 U   B "O4'"  2 
ATOM   1121 C "C3'"  . U   B 1 9 ? -4.431  16.911  3.148   1.00 0.00 ? 9 U   B "C3'"  2 
ATOM   1122 O "O3'"  . U   B 1 9 ? -5.136  18.091  3.494   1.00 0.00 ? 9 U   B "O3'"  2 
ATOM   1123 C "C2'"  . U   B 1 9 ? -4.881  15.705  3.969   1.00 0.00 ? 9 U   B "C2'"  2 
ATOM   1124 O "O2'"  . U   B 1 9 ? -6.290  15.678  4.126   1.00 0.00 ? 9 U   B "O2'"  2 
ATOM   1125 C "C1'"  . U   B 1 9 ? -4.456  14.535  3.077   1.00 0.00 ? 9 U   B "C1'"  2 
ATOM   1126 N N1     . U   B 1 9 ? -3.135  13.990  3.511   1.00 0.00 ? 9 U   B N1     2 
ATOM   1127 C C2     . U   B 1 9 ? -3.125  13.100  4.593   1.00 0.00 ? 9 U   B C2     2 
ATOM   1128 O O2     . U   B 1 9 ? -4.145  12.742  5.178   1.00 0.00 ? 9 U   B O2     2 
ATOM   1129 N N3     . U   B 1 9 ? -1.887  12.633  5.012   1.00 0.00 ? 9 U   B N3     2 
ATOM   1130 C C4     . U   B 1 9 ? -0.662  13.021  4.496   1.00 0.00 ? 9 U   B C4     2 
ATOM   1131 O O4     . U   B 1 9 ? 0.377   12.576  4.971   1.00 0.00 ? 9 U   B O4     2 
ATOM   1132 C C5     . U   B 1 9 ? -0.751  13.959  3.394   1.00 0.00 ? 9 U   B C5     2 
ATOM   1133 C C6     . U   B 1 9 ? -1.950  14.404  2.939   1.00 0.00 ? 9 U   B C6     2 
ATOM   1134 H "H5'"  . U   B 1 9 ? -4.240  16.766  -0.330  1.00 0.00 ? 9 U   B "H5'"  2 
ATOM   1135 H "H5''" . U   B 1 9 ? -4.266  18.227  0.672   1.00 0.00 ? 9 U   B "H5''" 2 
ATOM   1136 H "H4'"  . U   B 1 9 ? -5.803  16.530  1.552   1.00 0.00 ? 9 U   B "H4'"  2 
ATOM   1137 H "H3'"  . U   B 1 9 ? -3.358  17.056  3.273   1.00 0.00 ? 9 U   B "H3'"  2 
ATOM   1138 H "HO3'" . U   B 1 9 ? -4.776  18.435  4.316   1.00 0.00 ? 9 U   B "HO3'" 2 
ATOM   1139 H "H2'"  . U   B 1 9 ? -4.393  15.682  4.945   1.00 0.00 ? 9 U   B "H2'"  2 
ATOM   1140 H "HO2'" . U   B 1 9 ? -6.591  16.586  4.226   1.00 0.00 ? 9 U   B "HO2'" 2 
ATOM   1141 H "H1'"  . U   B 1 9 ? -5.202  13.741  3.156   1.00 0.00 ? 9 U   B "H1'"  2 
ATOM   1142 H H3     . U   B 1 9 ? -1.878  11.949  5.750   1.00 0.00 ? 9 U   B H3     2 
ATOM   1143 H H5     . U   B 1 9 ? 0.164   14.298  2.930   1.00 0.00 ? 9 U   B H5     2 
ATOM   1144 H H6     . U   B 1 9 ? -1.965  15.097  2.114   1.00 0.00 ? 9 U   B H6     2 
ATOM   1145 O "O5'"  . G   A 1 1 ? -2.519  0.635   9.652   1.00 0.00 ? 1 G   A "O5'"  3 
ATOM   1146 C "C5'"  . G   A 1 1 ? -3.662  0.597   10.485  1.00 0.00 ? 1 G   A "C5'"  3 
ATOM   1147 C "C4'"  . G   A 1 1 ? -4.637  1.737   10.160  1.00 0.00 ? 1 G   A "C4'"  3 
ATOM   1148 O "O4'"  . G   A 1 1 ? -4.081  3.018   10.429  1.00 0.00 ? 1 G   A "O4'"  3 
ATOM   1149 C "C3'"  . G   A 1 1 ? -5.100  1.743   8.701   1.00 0.00 ? 1 G   A "C3'"  3 
ATOM   1150 O "O3'"  . G   A 1 1 ? -6.194  0.862   8.501   1.00 0.00 ? 1 G   A "O3'"  3 
ATOM   1151 C "C2'"  . G   A 1 1 ? -5.489  3.209   8.532   1.00 0.00 ? 1 G   A "C2'"  3 
ATOM   1152 O "O2'"  . G   A 1 1 ? -6.763  3.474   9.092   1.00 0.00 ? 1 G   A "O2'"  3 
ATOM   1153 C "C1'"  . G   A 1 1 ? -4.427  3.915   9.377   1.00 0.00 ? 1 G   A "C1'"  3 
ATOM   1154 N N9     . G   A 1 1 ? -3.218  4.250   8.584   1.00 0.00 ? 1 G   A N9     3 
ATOM   1155 C C8     . G   A 1 1 ? -1.938  3.768   8.721   1.00 0.00 ? 1 G   A C8     3 
ATOM   1156 N N7     . G   A 1 1 ? -1.073  4.300   7.906   1.00 0.00 ? 1 G   A N7     3 
ATOM   1157 C C5     . G   A 1 1 ? -1.826  5.206   7.164   1.00 0.00 ? 1 G   A C5     3 
ATOM   1158 C C6     . G   A 1 1 ? -1.432  6.103   6.118   1.00 0.00 ? 1 G   A C6     3 
ATOM   1159 O O6     . G   A 1 1 ? -0.314  6.292   5.648   1.00 0.00 ? 1 G   A O6     3 
ATOM   1160 N N1     . G   A 1 1 ? -2.497  6.841   5.615   1.00 0.00 ? 1 G   A N1     3 
ATOM   1161 C C2     . G   A 1 1 ? -3.781  6.771   6.101   1.00 0.00 ? 1 G   A C2     3 
ATOM   1162 N N2     . G   A 1 1 ? -4.682  7.559   5.527   1.00 0.00 ? 1 G   A N2     3 
ATOM   1163 N N3     . G   A 1 1 ? -4.163  5.956   7.094   1.00 0.00 ? 1 G   A N3     3 
ATOM   1164 C C4     . G   A 1 1 ? -3.140  5.189   7.580   1.00 0.00 ? 1 G   A C4     3 
ATOM   1165 H "H5'"  . G   A 1 1 ? -3.353  0.672   11.528  1.00 0.00 ? 1 G   A "H5'"  3 
ATOM   1166 H "H5''" . G   A 1 1 ? -4.175  -0.355  10.337  1.00 0.00 ? 1 G   A "H5''" 3 
ATOM   1167 H "H4'"  . G   A 1 1 ? -5.519  1.625   10.791  1.00 0.00 ? 1 G   A "H4'"  3 
ATOM   1168 H "H3'"  . G   A 1 1 ? -4.264  1.507   8.040   1.00 0.00 ? 1 G   A "H3'"  3 
ATOM   1169 H "H2'"  . G   A 1 1 ? -5.462  3.515   7.485   1.00 0.00 ? 1 G   A "H2'"  3 
ATOM   1170 H "HO2'" . G   A 1 1 ? -7.329  2.725   8.887   1.00 0.00 ? 1 G   A "HO2'" 3 
ATOM   1171 H "H1'"  . G   A 1 1 ? -4.841  4.837   9.786   1.00 0.00 ? 1 G   A "H1'"  3 
ATOM   1172 H H8     . G   A 1 1 ? -1.667  3.017   9.448   1.00 0.00 ? 1 G   A H8     3 
ATOM   1173 H H1     . G   A 1 1 ? -2.283  7.476   4.858   1.00 0.00 ? 1 G   A H1     3 
ATOM   1174 H H21    . G   A 1 1 ? -4.417  8.144   4.738   1.00 0.00 ? 1 G   A H21    3 
ATOM   1175 H H22    . G   A 1 1 ? -5.631  7.513   5.856   1.00 0.00 ? 1 G   A H22    3 
ATOM   1176 H "HO5'" . G   A 1 1 ? -2.058  -0.211  9.703   1.00 0.00 ? 1 G   A "HO5'" 3 
ATOM   1177 P P      . G   A 1 2 ? -6.481  0.162   7.075   1.00 0.00 ? 2 G   A P      3 
ATOM   1178 O OP1    . G   A 1 2 ? -7.722  -0.632  7.209   1.00 0.00 ? 2 G   A OP1    3 
ATOM   1179 O OP2    . G   A 1 2 ? -5.236  -0.495  6.621   1.00 0.00 ? 2 G   A OP2    3 
ATOM   1180 O "O5'"  . G   A 1 2 ? -6.776  1.412   6.103   1.00 0.00 ? 2 G   A "O5'"  3 
ATOM   1181 C "C5'"  . G   A 1 2 ? -8.031  2.067   6.100   1.00 0.00 ? 2 G   A "C5'"  3 
ATOM   1182 C "C4'"  . G   A 1 2 ? -8.047  3.209   5.084   1.00 0.00 ? 2 G   A "C4'"  3 
ATOM   1183 O "O4'"  . G   A 1 2 ? -7.068  4.196   5.377   1.00 0.00 ? 2 G   A "O4'"  3 
ATOM   1184 C "C3'"  . G   A 1 2 ? -7.768  2.749   3.654   1.00 0.00 ? 2 G   A "C3'"  3 
ATOM   1185 O "O3'"  . G   A 1 2 ? -8.891  2.135   3.038   1.00 0.00 ? 2 G   A "O3'"  3 
ATOM   1186 C "C2'"  . G   A 1 2 ? -7.393  4.086   3.025   1.00 0.00 ? 2 G   A "C2'"  3 
ATOM   1187 O "O2'"  . G   A 1 2 ? -8.529  4.887   2.752   1.00 0.00 ? 2 G   A "O2'"  3 
ATOM   1188 C "C1'"  . G   A 1 2 ? -6.591  4.738   4.150   1.00 0.00 ? 2 G   A "C1'"  3 
ATOM   1189 N N9     . G   A 1 2 ? -5.141  4.486   3.967   1.00 0.00 ? 2 G   A N9     3 
ATOM   1190 C C8     . G   A 1 2 ? -4.312  3.594   4.602   1.00 0.00 ? 2 G   A C8     3 
ATOM   1191 N N7     . G   A 1 2 ? -3.064  3.671   4.229   1.00 0.00 ? 2 G   A N7     3 
ATOM   1192 C C5     . G   A 1 2 ? -3.059  4.673   3.258   1.00 0.00 ? 2 G   A C5     3 
ATOM   1193 C C6     . G   A 1 2 ? -1.988  5.233   2.480   1.00 0.00 ? 2 G   A C6     3 
ATOM   1194 O O6     . G   A 1 2 ? -0.786  4.977   2.515   1.00 0.00 ? 2 G   A O6     3 
ATOM   1195 N N1     . G   A 1 2 ? -2.428  6.190   1.573   1.00 0.00 ? 2 G   A N1     3 
ATOM   1196 C C2     . G   A 1 2 ? -3.736  6.595   1.452   1.00 0.00 ? 2 G   A C2     3 
ATOM   1197 N N2     . G   A 1 2 ? -4.013  7.493   0.515   1.00 0.00 ? 2 G   A N2     3 
ATOM   1198 N N3     . G   A 1 2 ? -4.738  6.117   2.199   1.00 0.00 ? 2 G   A N3     3 
ATOM   1199 C C4     . G   A 1 2 ? -4.337  5.155   3.078   1.00 0.00 ? 2 G   A C4     3 
ATOM   1200 H "H5'"  . G   A 1 2 ? -8.242  2.470   7.091   1.00 0.00 ? 2 G   A "H5'"  3 
ATOM   1201 H "H5''" . G   A 1 2 ? -8.814  1.354   5.836   1.00 0.00 ? 2 G   A "H5''" 3 
ATOM   1202 H "H4'"  . G   A 1 2 ? -9.029  3.683   5.107   1.00 0.00 ? 2 G   A "H4'"  3 
ATOM   1203 H "H3'"  . G   A 1 2 ? -6.901  2.086   3.649   1.00 0.00 ? 2 G   A "H3'"  3 
ATOM   1204 H "H2'"  . G   A 1 2 ? -6.797  3.955   2.125   1.00 0.00 ? 2 G   A "H2'"  3 
ATOM   1205 H "HO2'" . G   A 1 2 ? -9.129  4.368   2.210   1.00 0.00 ? 2 G   A "HO2'" 3 
ATOM   1206 H "H1'"  . G   A 1 2 ? -6.757  5.816   4.127   1.00 0.00 ? 2 G   A "H1'"  3 
ATOM   1207 H H8     . G   A 1 2 ? -4.660  2.903   5.357   1.00 0.00 ? 2 G   A H8     3 
ATOM   1208 H H1     . G   A 1 2 ? -1.726  6.598   0.971   1.00 0.00 ? 2 G   A H1     3 
ATOM   1209 H H21    . G   A 1 2 ? -3.283  7.823   -0.110  1.00 0.00 ? 2 G   A H21    3 
ATOM   1210 H H22    . G   A 1 2 ? -4.970  7.782   0.405   1.00 0.00 ? 2 G   A H22    3 
ATOM   1211 P P      . C   A 1 3 ? -8.727  1.101   1.802   1.00 0.00 ? 3 C   A P      3 
ATOM   1212 O OP1    . C   A 1 3 ? -10.072 0.596   1.449   1.00 0.00 ? 3 C   A OP1    3 
ATOM   1213 O OP2    . C   A 1 3 ? -7.647  0.148   2.139   1.00 0.00 ? 3 C   A OP2    3 
ATOM   1214 O "O5'"  . C   A 1 3 ? -8.204  2.051   0.608   1.00 0.00 ? 3 C   A "O5'"  3 
ATOM   1215 C "C5'"  . C   A 1 3 ? -9.072  2.917   -0.102  1.00 0.00 ? 3 C   A "C5'"  3 
ATOM   1216 C "C4'"  . C   A 1 3 ? -8.271  3.847   -1.020  1.00 0.00 ? 3 C   A "C4'"  3 
ATOM   1217 O "O4'"  . C   A 1 3 ? -7.253  4.540   -0.302  1.00 0.00 ? 3 C   A "O4'"  3 
ATOM   1218 C "C3'"  . C   A 1 3 ? -7.559  3.121   -2.159  1.00 0.00 ? 3 C   A "C3'"  3 
ATOM   1219 O "O3'"  . C   A 1 3 ? -8.368  2.853   -3.293  1.00 0.00 ? 3 C   A "O3'"  3 
ATOM   1220 C "C2'"  . C   A 1 3 ? -6.508  4.166   -2.509  1.00 0.00 ? 3 C   A "C2'"  3 
ATOM   1221 O "O2'"  . C   A 1 3 ? -7.054  5.205   -3.304  1.00 0.00 ? 3 C   A "O2'"  3 
ATOM   1222 C "C1'"  . C   A 1 3 ? -6.118  4.722   -1.144  1.00 0.00 ? 3 C   A "C1'"  3 
ATOM   1223 N N1     . C   A 1 3 ? -4.875  4.049   -0.656  1.00 0.00 ? 3 C   A N1     3 
ATOM   1224 C C2     . C   A 1 3 ? -3.653  4.472   -1.195  1.00 0.00 ? 3 C   A C2     3 
ATOM   1225 O O2     . C   A 1 3 ? -3.597  5.359   -2.045  1.00 0.00 ? 3 C   A O2     3 
ATOM   1226 N N3     . C   A 1 3 ? -2.499  3.892   -0.771  1.00 0.00 ? 3 C   A N3     3 
ATOM   1227 C C4     . C   A 1 3 ? -2.519  2.930   0.150   1.00 0.00 ? 3 C   A C4     3 
ATOM   1228 N N4     . C   A 1 3 ? -1.351  2.439   0.538   1.00 0.00 ? 3 C   A N4     3 
ATOM   1229 C C5     . C   A 1 3 ? -3.749  2.453   0.708   1.00 0.00 ? 3 C   A C5     3 
ATOM   1230 C C6     . C   A 1 3 ? -4.897  3.028   0.269   1.00 0.00 ? 3 C   A C6     3 
ATOM   1231 H "H5'"  . C   A 1 3 ? -9.640  3.524   0.601   1.00 0.00 ? 3 C   A "H5'"  3 
ATOM   1232 H "H5''" . C   A 1 3 ? -9.768  2.329   -0.703  1.00 0.00 ? 3 C   A "H5''" 3 
ATOM   1233 H "H4'"  . C   A 1 3 ? -8.949  4.580   -1.457  1.00 0.00 ? 3 C   A "H4'"  3 
ATOM   1234 H "H3'"  . C   A 1 3 ? -7.088  2.215   -1.775  1.00 0.00 ? 3 C   A "H3'"  3 
ATOM   1235 H "H2'"  . C   A 1 3 ? -5.666  3.713   -3.017  1.00 0.00 ? 3 C   A "H2'"  3 
ATOM   1236 H "HO2'" . C   A 1 3 ? -7.635  4.787   -3.949  1.00 0.00 ? 3 C   A "HO2'" 3 
ATOM   1237 H "H1'"  . C   A 1 3 ? -5.917  5.790   -1.249  1.00 0.00 ? 3 C   A "H1'"  3 
ATOM   1238 H H41    . C   A 1 3 ? -0.512  2.863   0.157   1.00 0.00 ? 3 C   A H41    3 
ATOM   1239 H H42    . C   A 1 3 ? -1.288  1.736   1.257   1.00 0.00 ? 3 C   A H42    3 
ATOM   1240 H H5     . C   A 1 3 ? -3.792  1.661   1.440   1.00 0.00 ? 3 C   A H5     3 
ATOM   1241 H H6     . C   A 1 3 ? -5.838  2.673   0.655   1.00 0.00 ? 3 C   A H6     3 
HETATM 1242 N N1     . P5P A 1 4 ? -0.836  -1.335  -0.481  1.00 0.00 ? 4 P5P A N1     3 
HETATM 1243 C C2     . P5P A 1 4 ? -0.269  -0.559  -1.404  1.00 0.00 ? 4 P5P A C2     3 
HETATM 1244 N N3     . P5P A 1 4 ? -0.854  0.305   -2.231  1.00 0.00 ? 4 P5P A N3     3 
HETATM 1245 C C4     . P5P A 1 4 ? -2.205  0.315   -2.076  1.00 0.00 ? 4 P5P A C4     3 
HETATM 1246 C C5     . P5P A 1 4 ? -2.928  -0.439  -1.184  1.00 0.00 ? 4 P5P A C5     3 
HETATM 1247 C C6     . P5P A 1 4 ? -2.179  -1.302  -0.350  1.00 0.00 ? 4 P5P A C6     3 
HETATM 1248 N N7     . P5P A 1 4 ? -4.286  -0.173  -1.311  1.00 0.00 ? 4 P5P A N7     3 
HETATM 1249 C C8     . P5P A 1 4 ? -4.335  0.710   -2.271  1.00 0.00 ? 4 P5P A C8     3 
HETATM 1250 N N9     . P5P A 1 4 ? -3.111  1.066   -2.787  1.00 0.00 ? 4 P5P A N9     3 
HETATM 1251 C "C1'"  . P5P A 1 4 ? -2.778  2.008   -3.889  1.00 0.00 ? 4 P5P A "C1'"  3 
HETATM 1252 C "C2'"  . P5P A 1 4 ? -2.390  1.250   -5.161  1.00 0.00 ? 4 P5P A "C2'"  3 
HETATM 1253 O "O2'"  . P5P A 1 4 ? -1.527  2.069   -5.939  1.00 0.00 ? 4 P5P A "O2'"  3 
HETATM 1254 C "C3'"  . P5P A 1 4 ? -3.766  1.065   -5.807  1.00 0.00 ? 4 P5P A "C3'"  3 
HETATM 1255 O "O3'"  . P5P A 1 4 ? -3.721  0.769   -7.194  1.00 0.00 ? 4 P5P A "O3'"  3 
HETATM 1256 C "C4'"  . P5P A 1 4 ? -4.395  2.427   -5.511  1.00 0.00 ? 4 P5P A "C4'"  3 
HETATM 1257 O "O4'"  . P5P A 1 4 ? -3.889  2.822   -4.239  1.00 0.00 ? 4 P5P A "O4'"  3 
HETATM 1258 C "C5'"  . P5P A 1 4 ? -5.931  2.459   -5.556  1.00 0.00 ? 4 P5P A "C5'"  3 
HETATM 1259 O "O5'"  . P5P A 1 4 ? -6.494  1.632   -4.553  1.00 0.00 ? 4 P5P A "O5'"  3 
HETATM 1260 P P      . P5P A 1 4 ? -8.083  1.581   -4.247  1.00 0.00 ? 4 P5P A P      3 
HETATM 1261 O OP1    . P5P A 1 4 ? -8.813  1.800   -5.514  1.00 0.00 ? 4 P5P A OP1    3 
HETATM 1262 O OP2    . P5P A 1 4 ? -8.346  0.369   -3.444  1.00 0.00 ? 4 P5P A OP2    3 
HETATM 1263 H H2     . P5P A 1 4 ? 0.805   -0.632  -1.486  1.00 0.00 ? 4 P5P A H2     3 
HETATM 1264 H H6     . P5P A 1 4 ? -2.668  -1.935  0.376   1.00 0.00 ? 4 P5P A H6     3 
HETATM 1265 H H8     . P5P A 1 4 ? -5.264  1.127   -2.620  1.00 0.00 ? 4 P5P A H8     3 
HETATM 1266 H "H1'"  . P5P A 1 4 ? -1.955  2.645   -3.567  1.00 0.00 ? 4 P5P A "H1'"  3 
HETATM 1267 H "H2'"  . P5P A 1 4 ? -1.921  0.289   -4.944  1.00 0.00 ? 4 P5P A "H2'"  3 
HETATM 1268 H "HO2'" . P5P A 1 4 ? -0.669  2.160   -5.498  1.00 0.00 ? 4 P5P A "HO2'" 3 
HETATM 1269 H "H3'"  . P5P A 1 4 ? -4.320  0.290   -5.274  1.00 0.00 ? 4 P5P A "H3'"  3 
HETATM 1270 H "H4'"  . P5P A 1 4 ? -4.016  3.130   -6.254  1.00 0.00 ? 4 P5P A "H4'"  3 
HETATM 1271 H "H5'1" . P5P A 1 4 ? -6.264  3.486   -5.409  1.00 0.00 ? 4 P5P A "H5'1" 3 
HETATM 1272 H "H5'2" . P5P A 1 4 ? -6.269  2.119   -6.536  1.00 0.00 ? 4 P5P A "H5'2" 3 
HETATM 1273 N N1     . P5P A 1 5 ? 4.821   -1.308  -3.477  1.00 0.00 ? 5 P5P A N1     3 
HETATM 1274 C C2     . P5P A 1 5 ? 5.241   -1.062  -4.716  1.00 0.00 ? 5 P5P A C2     3 
HETATM 1275 N N3     . P5P A 1 5 ? 4.515   -0.753  -5.791  1.00 0.00 ? 5 P5P A N3     3 
HETATM 1276 C C4     . P5P A 1 5 ? 3.182   -0.723  -5.503  1.00 0.00 ? 5 P5P A C4     3 
HETATM 1277 C C5     . P5P A 1 5 ? 2.608   -0.954  -4.277  1.00 0.00 ? 5 P5P A C5     3 
HETATM 1278 C C6     . P5P A 1 5 ? 3.498   -1.238  -3.217  1.00 0.00 ? 5 P5P A C6     3 
HETATM 1279 N N7     . P5P A 1 5 ? 1.224   -0.861  -4.359  1.00 0.00 ? 5 P5P A N7     3 
HETATM 1280 C C8     . P5P A 1 5 ? 1.006   -0.575  -5.611  1.00 0.00 ? 5 P5P A C8     3 
HETATM 1281 N N9     . P5P A 1 5 ? 2.147   -0.430  -6.363  1.00 0.00 ? 5 P5P A N9     3 
HETATM 1282 C "C1'"  . P5P A 1 5 ? 2.288   0.045   -7.759  1.00 0.00 ? 5 P5P A "C1'"  3 
HETATM 1283 C "C2'"  . P5P A 1 5 ? 2.349   -1.105  -8.766  1.00 0.00 ? 5 P5P A "C2'"  3 
HETATM 1284 O "O2'"  . P5P A 1 5 ? 3.172   -0.727  -9.854  1.00 0.00 ? 5 P5P A "O2'"  3 
HETATM 1285 C "C3'"  . P5P A 1 5 ? 0.891   -1.234  -9.198  1.00 0.00 ? 5 P5P A "C3'"  3 
HETATM 1286 O "O3'"  . P5P A 1 5 ? 0.760   -1.777  -10.504 1.00 0.00 ? 5 P5P A "O3'"  3 
HETATM 1287 C "C4'"  . P5P A 1 5 ? 0.438   0.228   -9.148  1.00 0.00 ? 5 P5P A "C4'"  3 
HETATM 1288 O "O4'"  . P5P A 1 5 ? 1.162   0.848   -8.097  1.00 0.00 ? 5 P5P A "O4'"  3 
HETATM 1289 C "C5'"  . P5P A 1 5 ? -1.081  0.384   -8.997  1.00 0.00 ? 5 P5P A "C5'"  3 
HETATM 1290 O "O5'"  . P5P A 1 5 ? -1.586  -0.406  -7.936  1.00 0.00 ? 5 P5P A "O5'"  3 
HETATM 1291 P P      . P5P A 1 5 ? -3.171  -0.648  -7.743  1.00 0.00 ? 5 P5P A P      3 
HETATM 1292 O OP1    . P5P A 1 5 ? -3.766  -0.879  -9.077  1.00 0.00 ? 5 P5P A OP1    3 
HETATM 1293 O OP2    . P5P A 1 5 ? -3.343  -1.660  -6.678  1.00 0.00 ? 5 P5P A OP2    3 
HETATM 1294 H H2     . P5P A 1 5 ? 6.309   -1.117  -4.869  1.00 0.00 ? 5 P5P A H2     3 
HETATM 1295 H H6     . P5P A 1 5 ? 3.126   -1.420  -2.219  1.00 0.00 ? 5 P5P A H6     3 
HETATM 1296 H H8     . P5P A 1 5 ? 0.015   -0.426  -6.012  1.00 0.00 ? 5 P5P A H8     3 
HETATM 1297 H "H1'"  . P5P A 1 5 ? 3.202   0.637   -7.831  1.00 0.00 ? 5 P5P A "H1'"  3 
HETATM 1298 H "H2'"  . P5P A 1 5 ? 2.721   -2.024  -8.316  1.00 0.00 ? 5 P5P A "H2'"  3 
HETATM 1299 H "HO2'" . P5P A 1 5 ? 2.861   -1.209  -10.627 1.00 0.00 ? 5 P5P A "HO2'" 3 
HETATM 1300 H "H3'"  . P5P A 1 5 ? 0.351   -1.821  -8.454  1.00 0.00 ? 5 P5P A "H3'"  3 
HETATM 1301 H "H4'"  . P5P A 1 5 ? 0.742   0.707   -10.079 1.00 0.00 ? 5 P5P A "H4'"  3 
HETATM 1302 H "H5'1" . P5P A 1 5 ? -1.327  1.432   -8.824  1.00 0.00 ? 5 P5P A "H5'1" 3 
HETATM 1303 H "H5'2" . P5P A 1 5 ? -1.545  0.064   -9.930  1.00 0.00 ? 5 P5P A "H5'2" 3 
ATOM   1304 P P      . G   A 1 6 ? 0.170   -3.260  -10.754 1.00 0.00 ? 6 G   A P      3 
ATOM   1305 O OP1    . G   A 1 6 ? 0.074   -3.479  -12.215 1.00 0.00 ? 6 G   A OP1    3 
ATOM   1306 O OP2    . G   A 1 6 ? -1.022  -3.448  -9.900  1.00 0.00 ? 6 G   A OP2    3 
ATOM   1307 O "O5'"  . G   A 1 6 ? 1.355   -4.184  -10.174 1.00 0.00 ? 6 G   A "O5'"  3 
ATOM   1308 C "C5'"  . G   A 1 6 ? 2.527   -4.464  -10.916 1.00 0.00 ? 6 G   A "C5'"  3 
ATOM   1309 C "C4'"  . G   A 1 6 ? 3.561   -5.171  -10.032 1.00 0.00 ? 6 G   A "C4'"  3 
ATOM   1310 O "O4'"  . G   A 1 6 ? 4.012   -4.302  -9.001  1.00 0.00 ? 6 G   A "O4'"  3 
ATOM   1311 C "C3'"  . G   A 1 6 ? 3.027   -6.426  -9.338  1.00 0.00 ? 6 G   A "C3'"  3 
ATOM   1312 O "O3'"  . G   A 1 6 ? 3.024   -7.576  -10.169 1.00 0.00 ? 6 G   A "O3'"  3 
ATOM   1313 C "C2'"  . G   A 1 6 ? 3.996   -6.524  -8.162  1.00 0.00 ? 6 G   A "C2'"  3 
ATOM   1314 O "O2'"  . G   A 1 6 ? 5.246   -7.098  -8.507  1.00 0.00 ? 6 G   A "O2'"  3 
ATOM   1315 C "C1'"  . G   A 1 6 ? 4.215   -5.054  -7.813  1.00 0.00 ? 6 G   A "C1'"  3 
ATOM   1316 N N9     . G   A 1 6 ? 3.280   -4.639  -6.744  1.00 0.00 ? 6 G   A N9     3 
ATOM   1317 C C8     . G   A 1 6 ? 1.997   -4.163  -6.840  1.00 0.00 ? 6 G   A C8     3 
ATOM   1318 N N7     . G   A 1 6 ? 1.439   -3.900  -5.695  1.00 0.00 ? 6 G   A N7     3 
ATOM   1319 C C5     . G   A 1 6 ? 2.410   -4.249  -4.760  1.00 0.00 ? 6 G   A C5     3 
ATOM   1320 C C6     . G   A 1 6 ? 2.394   -4.186  -3.329  1.00 0.00 ? 6 G   A C6     3 
ATOM   1321 O O6     . G   A 1 6 ? 1.520   -3.751  -2.585  1.00 0.00 ? 6 G   A O6     3 
ATOM   1322 N N1     . G   A 1 6 ? 3.551   -4.696  -2.755  1.00 0.00 ? 6 G   A N1     3 
ATOM   1323 C C2     . G   A 1 6 ? 4.616   -5.187  -3.468  1.00 0.00 ? 6 G   A C2     3 
ATOM   1324 N N2     . G   A 1 6 ? 5.633   -5.665  -2.762  1.00 0.00 ? 6 G   A N2     3 
ATOM   1325 N N3     . G   A 1 6 ? 4.663   -5.224  -4.809  1.00 0.00 ? 6 G   A N3     3 
ATOM   1326 C C4     . G   A 1 6 ? 3.530   -4.737  -5.396  1.00 0.00 ? 6 G   A C4     3 
ATOM   1327 H "H5'"  . G   A 1 6 ? 2.960   -3.536  -11.291 1.00 0.00 ? 6 G   A "H5'"  3 
ATOM   1328 H "H5''" . G   A 1 6 ? 2.276   -5.108  -11.760 1.00 0.00 ? 6 G   A "H5''" 3 
ATOM   1329 H "H4'"  . G   A 1 6 ? 4.420   -5.453  -10.642 1.00 0.00 ? 6 G   A "H4'"  3 
ATOM   1330 H "H3'"  . G   A 1 6 ? 2.025   -6.228  -8.955  1.00 0.00 ? 6 G   A "H3'"  3 
ATOM   1331 H "H2'"  . G   A 1 6 ? 3.543   -7.066  -7.335  1.00 0.00 ? 6 G   A "H2'"  3 
ATOM   1332 H "HO2'" . G   A 1 6 ? 5.713   -7.323  -7.697  1.00 0.00 ? 6 G   A "HO2'" 3 
ATOM   1333 H "H1'"  . G   A 1 6 ? 5.235   -4.906  -7.455  1.00 0.00 ? 6 G   A "H1'"  3 
ATOM   1334 H H8     . G   A 1 6 ? 1.491   -4.005  -7.778  1.00 0.00 ? 6 G   A H8     3 
ATOM   1335 H H1     . G   A 1 6 ? 3.597   -4.688  -1.746  1.00 0.00 ? 6 G   A H1     3 
ATOM   1336 H H21    . G   A 1 6 ? 5.594   -5.666  -1.746  1.00 0.00 ? 6 G   A H21    3 
ATOM   1337 H H22    . G   A 1 6 ? 6.432   -6.026  -3.254  1.00 0.00 ? 6 G   A H22    3 
ATOM   1338 P P      . C   A 1 7 ? 2.061   -8.840  -9.867  1.00 0.00 ? 7 C   A P      3 
ATOM   1339 O OP1    . C   A 1 7 ? 2.359   -9.892  -10.866 1.00 0.00 ? 7 C   A OP1    3 
ATOM   1340 O OP2    . C   A 1 7 ? 0.677   -8.336  -9.728  1.00 0.00 ? 7 C   A OP2    3 
ATOM   1341 O "O5'"  . C   A 1 7 ? 2.538   -9.368  -8.416  1.00 0.00 ? 7 C   A "O5'"  3 
ATOM   1342 C "C5'"  . C   A 1 7 ? 3.724   -10.120 -8.237  1.00 0.00 ? 7 C   A "C5'"  3 
ATOM   1343 C "C4'"  . C   A 1 7 ? 4.031   -10.302 -6.745  1.00 0.00 ? 7 C   A "C4'"  3 
ATOM   1344 O "O4'"  . C   A 1 7 ? 4.163   -9.050  -6.079  1.00 0.00 ? 7 C   A "O4'"  3 
ATOM   1345 C "C3'"  . C   A 1 7 ? 2.954   -11.068 -5.977  1.00 0.00 ? 7 C   A "C3'"  3 
ATOM   1346 O "O3'"  . C   A 1 7 ? 3.005   -12.474 -6.172  1.00 0.00 ? 7 C   A "O3'"  3 
ATOM   1347 C "C2'"  . C   A 1 7 ? 3.292   -10.635 -4.551  1.00 0.00 ? 7 C   A "C2'"  3 
ATOM   1348 O "O2'"  . C   A 1 7 ? 4.409   -11.314 -4.005  1.00 0.00 ? 7 C   A "O2'"  3 
ATOM   1349 C "C1'"  . C   A 1 7 ? 3.681   -9.171  -4.745  1.00 0.00 ? 7 C   A "C1'"  3 
ATOM   1350 N N1     . C   A 1 7 ? 2.519   -8.284  -4.436  1.00 0.00 ? 7 C   A N1     3 
ATOM   1351 C C2     . C   A 1 7 ? 2.305   -7.935  -3.096  1.00 0.00 ? 7 C   A C2     3 
ATOM   1352 O O2     . C   A 1 7 ? 3.055   -8.335  -2.209  1.00 0.00 ? 7 C   A O2     3 
ATOM   1353 N N3     . C   A 1 7 ? 1.244   -7.147  -2.771  1.00 0.00 ? 7 C   A N3     3 
ATOM   1354 C C4     . C   A 1 7 ? 0.401   -6.722  -3.714  1.00 0.00 ? 7 C   A C4     3 
ATOM   1355 N N4     . C   A 1 7 ? -0.578  -5.904  -3.351  1.00 0.00 ? 7 C   A N4     3 
ATOM   1356 C C5     . C   A 1 7 ? 0.558   -7.104  -5.088  1.00 0.00 ? 7 C   A C5     3 
ATOM   1357 C C6     . C   A 1 7 ? 1.623   -7.882  -5.402  1.00 0.00 ? 7 C   A C6     3 
ATOM   1358 H "H5'"  . C   A 1 7 ? 4.560   -9.606  -8.709  1.00 0.00 ? 7 C   A "H5'"  3 
ATOM   1359 H "H5''" . C   A 1 7 ? 3.608   -11.100 -8.702  1.00 0.00 ? 7 C   A "H5''" 3 
ATOM   1360 H "H4'"  . C   A 1 7 ? 4.972   -10.846 -6.643  1.00 0.00 ? 7 C   A "H4'"  3 
ATOM   1361 H "H3'"  . C   A 1 7 ? 1.974   -10.677 -6.253  1.00 0.00 ? 7 C   A "H3'"  3 
ATOM   1362 H "H2'"  . C   A 1 7 ? 2.431   -10.741 -3.899  1.00 0.00 ? 7 C   A "H2'"  3 
ATOM   1363 H "HO2'" . C   A 1 7 ? 4.278   -11.387 -3.054  1.00 0.00 ? 7 C   A "HO2'" 3 
ATOM   1364 H "H1'"  . C   A 1 7 ? 4.495   -8.927  -4.060  1.00 0.00 ? 7 C   A "H1'"  3 
ATOM   1365 H H41    . C   A 1 7 ? -0.621  -5.606  -2.382  1.00 0.00 ? 7 C   A H41    3 
ATOM   1366 H H42    . C   A 1 7 ? -1.181  -5.494  -4.044  1.00 0.00 ? 7 C   A H42    3 
ATOM   1367 H H5     . C   A 1 7 ? -0.120  -6.782  -5.864  1.00 0.00 ? 7 C   A H5     3 
ATOM   1368 H H6     . C   A 1 7 ? 1.767   -8.181  -6.427  1.00 0.00 ? 7 C   A H6     3 
ATOM   1369 P P      . C   A 1 8 ? 1.775   -13.442 -5.751  1.00 0.00 ? 8 C   A P      3 
ATOM   1370 O OP1    . C   A 1 8 ? 2.127   -14.825 -6.141  1.00 0.00 ? 8 C   A OP1    3 
ATOM   1371 O OP2    . C   A 1 8 ? 0.523   -12.836 -6.256  1.00 0.00 ? 8 C   A OP2    3 
ATOM   1372 O "O5'"  . C   A 1 8 ? 1.737   -13.365 -4.137  1.00 0.00 ? 8 C   A "O5'"  3 
ATOM   1373 C "C5'"  . C   A 1 8 ? 2.697   -14.022 -3.330  1.00 0.00 ? 8 C   A "C5'"  3 
ATOM   1374 C "C4'"  . C   A 1 8 ? 2.580   -13.572 -1.867  1.00 0.00 ? 8 C   A "C4'"  3 
ATOM   1375 O "O4'"  . C   A 1 8 ? 2.682   -12.156 -1.729  1.00 0.00 ? 8 C   A "O4'"  3 
ATOM   1376 C "C3'"  . C   A 1 8 ? 1.262   -13.960 -1.197  1.00 0.00 ? 8 C   A "C3'"  3 
ATOM   1377 O "O3'"  . C   A 1 8 ? 1.212   -15.307 -0.751  1.00 0.00 ? 8 C   A "O3'"  3 
ATOM   1378 C "C2'"  . C   A 1 8 ? 1.272   -12.988 -0.021  1.00 0.00 ? 8 C   A "C2'"  3 
ATOM   1379 O "O2'"  . C   A 1 8 ? 2.146   -13.419 1.007   1.00 0.00 ? 8 C   A "O2'"  3 
ATOM   1380 C "C1'"  . C   A 1 8 ? 1.853   -11.726 -0.651  1.00 0.00 ? 8 C   A "C1'"  3 
ATOM   1381 N N1     . C   A 1 8 ? 0.756   -10.803 -1.070  1.00 0.00 ? 8 C   A N1     3 
ATOM   1382 C C2     . C   A 1 8 ? 0.202   -9.961  -0.097  1.00 0.00 ? 8 C   A C2     3 
ATOM   1383 O O2     . C   A 1 8 ? 0.573   -10.002 1.075   1.00 0.00 ? 8 C   A O2     3 
ATOM   1384 N N3     . C   A 1 8 ? -0.788  -9.099  -0.448  1.00 0.00 ? 8 C   A N3     3 
ATOM   1385 C C4     . C   A 1 8 ? -1.250  -9.070  -1.697  1.00 0.00 ? 8 C   A C4     3 
ATOM   1386 N N4     . C   A 1 8 ? -2.230  -8.221  -1.968  1.00 0.00 ? 8 C   A N4     3 
ATOM   1387 C C5     . C   A 1 8 ? -0.760  -9.964  -2.704  1.00 0.00 ? 8 C   A C5     3 
ATOM   1388 C C6     . C   A 1 8 ? 0.231   -10.816 -2.343  1.00 0.00 ? 8 C   A C6     3 
ATOM   1389 H "H5'"  . C   A 1 8 ? 3.698   -13.789 -3.690  1.00 0.00 ? 8 C   A "H5'"  3 
ATOM   1390 H "H5''" . C   A 1 8 ? 2.548   -15.101 -3.389  1.00 0.00 ? 8 C   A "H5''" 3 
ATOM   1391 H "H4'"  . C   A 1 8 ? 3.393   -14.029 -1.300  1.00 0.00 ? 8 C   A "H4'"  3 
ATOM   1392 H "H3'"  . C   A 1 8 ? 0.430   -13.730 -1.866  1.00 0.00 ? 8 C   A "H3'"  3 
ATOM   1393 H "H2'"  . C   A 1 8 ? 0.272   -12.823 0.371   1.00 0.00 ? 8 C   A "H2'"  3 
ATOM   1394 H "HO2'" . C   A 1 8 ? 2.048   -14.372 1.091   1.00 0.00 ? 8 C   A "HO2'" 3 
ATOM   1395 H "H1'"  . C   A 1 8 ? 2.467   -11.218 0.094   1.00 0.00 ? 8 C   A "H1'"  3 
ATOM   1396 H H41    . C   A 1 8 ? -2.563  -7.626  -1.215  1.00 0.00 ? 8 C   A H41    3 
ATOM   1397 H H42    . C   A 1 8 ? -2.641  -8.182  -2.885  1.00 0.00 ? 8 C   A H42    3 
ATOM   1398 H H5     . C   A 1 8 ? -1.150  -9.985  -3.710  1.00 0.00 ? 8 C   A H5     3 
ATOM   1399 H H6     . C   A 1 8 ? 0.607   -11.513 -3.073  1.00 0.00 ? 8 C   A H6     3 
ATOM   1400 P P      . U   A 1 9 ? -0.196  -16.072 -0.524  1.00 0.00 ? 9 U   A P      3 
ATOM   1401 O OP1    . U   A 1 9 ? 0.094   -17.399 0.062   1.00 0.00 ? 9 U   A OP1    3 
ATOM   1402 O OP2    . U   A 1 9 ? -0.970  -15.978 -1.780  1.00 0.00 ? 9 U   A OP2    3 
ATOM   1403 O "O5'"  . U   A 1 9 ? -0.955  -15.176 0.589   1.00 0.00 ? 9 U   A "O5'"  3 
ATOM   1404 C "C5'"  . U   A 1 9 ? -0.634  -15.235 1.969   1.00 0.00 ? 9 U   A "C5'"  3 
ATOM   1405 C "C4'"  . U   A 1 9 ? -1.462  -14.217 2.765   1.00 0.00 ? 9 U   A "C4'"  3 
ATOM   1406 O "O4'"  . U   A 1 9 ? -1.263  -12.888 2.303   1.00 0.00 ? 9 U   A "O4'"  3 
ATOM   1407 C "C3'"  . U   A 1 9 ? -2.969  -14.460 2.686   1.00 0.00 ? 9 U   A "C3'"  3 
ATOM   1408 O "O3'"  . U   A 1 9 ? -3.423  -15.465 3.567   1.00 0.00 ? 9 U   A "O3'"  3 
ATOM   1409 C "C2'"  . U   A 1 9 ? -3.502  -13.090 3.093   1.00 0.00 ? 9 U   A "C2'"  3 
ATOM   1410 O "O2'"  . U   A 1 9 ? -3.493  -12.915 4.503   1.00 0.00 ? 9 U   A "O2'"  3 
ATOM   1411 C "C1'"  . U   A 1 9 ? -2.472  -12.148 2.456   1.00 0.00 ? 9 U   A "C1'"  3 
ATOM   1412 N N1     . U   A 1 9 ? -2.990  -11.621 1.159   1.00 0.00 ? 9 U   A N1     3 
ATOM   1413 C C2     . U   A 1 9 ? -3.926  -10.581 1.217   1.00 0.00 ? 9 U   A C2     3 
ATOM   1414 O O2     . U   A 1 9 ? -4.303  -10.078 2.273   1.00 0.00 ? 9 U   A O2     3 
ATOM   1415 N N3     . U   A 1 9 ? -4.453  -10.142 0.010   1.00 0.00 ? 9 U   A N3     3 
ATOM   1416 C C4     . U   A 1 9 ? -4.182  -10.690 -1.234  1.00 0.00 ? 9 U   A C4     3 
ATOM   1417 O O4     . U   A 1 9 ? -4.734  -10.251 -2.236  1.00 0.00 ? 9 U   A O4     3 
ATOM   1418 C C5     . U   A 1 9 ? -3.221  -11.776 -1.209  1.00 0.00 ? 9 U   A C5     3 
ATOM   1419 C C6     . U   A 1 9 ? -2.660  -12.199 -0.049  1.00 0.00 ? 9 U   A C6     3 
ATOM   1420 H "H5'"  . U   A 1 9 ? 0.424   -15.022 2.115   1.00 0.00 ? 9 U   A "H5'"  3 
ATOM   1421 H "H5''" . U   A 1 9 ? -0.844  -16.237 2.348   1.00 0.00 ? 9 U   A "H5''" 3 
ATOM   1422 H "H4'"  . U   A 1 9 ? -1.161  -14.262 3.812   1.00 0.00 ? 9 U   A "H4'"  3 
ATOM   1423 H "H3'"  . U   A 1 9 ? -3.263  -14.683 1.659   1.00 0.00 ? 9 U   A "H3'"  3 
ATOM   1424 H "HO3'" . U   A 1 9 ? -3.532  -15.042 4.426   1.00 0.00 ? 9 U   A "HO3'" 3 
ATOM   1425 H "H2'"  . U   A 1 9 ? -4.508  -12.931 2.701   1.00 0.00 ? 9 U   A "H2'"  3 
ATOM   1426 H "HO2'" . U   A 1 9 ? -3.856  -12.047 4.710   1.00 0.00 ? 9 U   A "HO2'" 3 
ATOM   1427 H "H1'"  . U   A 1 9 ? -2.288  -11.304 3.122   1.00 0.00 ? 9 U   A "H1'"  3 
ATOM   1428 H H3     . U   A 1 9 ? -5.090  -9.364  0.036   1.00 0.00 ? 9 U   A H3     3 
ATOM   1429 H H5     . U   A 1 9 ? -2.950  -12.247 -2.144  1.00 0.00 ? 9 U   A H5     3 
ATOM   1430 H H6     . U   A 1 9 ? -1.947  -13.009 -0.081  1.00 0.00 ? 9 U   A H6     3 
ATOM   1431 O "O5'"  . G   B 1 1 ? -6.317  -3.223  5.975   1.00 0.00 ? 1 G   B "O5'"  3 
ATOM   1432 C "C5'"  . G   B 1 1 ? -6.341  -3.721  7.299   1.00 0.00 ? 1 G   B "C5'"  3 
ATOM   1433 C "C4'"  . G   B 1 1 ? -5.276  -4.798  7.543   1.00 0.00 ? 1 G   B "C4'"  3 
ATOM   1434 O "O4'"  . G   B 1 1 ? -5.575  -6.002  6.848   1.00 0.00 ? 1 G   B "O4'"  3 
ATOM   1435 C "C3'"  . G   B 1 1 ? -3.858  -4.390  7.138   1.00 0.00 ? 1 G   B "C3'"  3 
ATOM   1436 O "O3'"  . G   B 1 1 ? -3.206  -3.619  8.136   1.00 0.00 ? 1 G   B "O3'"  3 
ATOM   1437 C "C2'"  . G   B 1 1 ? -3.222  -5.764  6.941   1.00 0.00 ? 1 G   B "C2'"  3 
ATOM   1438 O "O2'"  . G   B 1 1 ? -2.888  -6.371  8.176   1.00 0.00 ? 1 G   B "O2'"  3 
ATOM   1439 C "C1'"  . G   B 1 1 ? -4.374  -6.549  6.314   1.00 0.00 ? 1 G   B "C1'"  3 
ATOM   1440 N N9     . G   B 1 1 ? -4.364  -6.429  4.837   1.00 0.00 ? 1 G   B N9     3 
ATOM   1441 C C8     . G   B 1 1 ? -5.234  -5.750  4.018   1.00 0.00 ? 1 G   B C8     3 
ATOM   1442 N N7     . G   B 1 1 ? -4.968  -5.856  2.748   1.00 0.00 ? 1 G   B N7     3 
ATOM   1443 C C5     . G   B 1 1 ? -3.836  -6.669  2.710   1.00 0.00 ? 1 G   B C5     3 
ATOM   1444 C C6     . G   B 1 1 ? -3.081  -7.160  1.596   1.00 0.00 ? 1 G   B C6     3 
ATOM   1445 O O6     . G   B 1 1 ? -3.279  -6.981  0.397   1.00 0.00 ? 1 G   B O6     3 
ATOM   1446 N N1     . G   B 1 1 ? -2.007  -7.954  1.982   1.00 0.00 ? 1 G   B N1     3 
ATOM   1447 C C2     . G   B 1 1 ? -1.714  -8.272  3.287   1.00 0.00 ? 1 G   B C2     3 
ATOM   1448 N N2     . G   B 1 1 ? -0.674  -9.070  3.491   1.00 0.00 ? 1 G   B N2     3 
ATOM   1449 N N3     . G   B 1 1 ? -2.415  -7.831  4.341   1.00 0.00 ? 1 G   B N3     3 
ATOM   1450 C C4     . G   B 1 1 ? -3.463  -7.029  3.987   1.00 0.00 ? 1 G   B C4     3 
ATOM   1451 H "H5'"  . G   B 1 1 ? -7.325  -4.148  7.500   1.00 0.00 ? 1 G   B "H5'"  3 
ATOM   1452 H "H5''" . G   B 1 1 ? -6.176  -2.895  7.992   1.00 0.00 ? 1 G   B "H5''" 3 
ATOM   1453 H "H4'"  . G   B 1 1 ? -5.267  -5.033  8.609   1.00 0.00 ? 1 G   B "H4'"  3 
ATOM   1454 H "H3'"  . G   B 1 1 ? -3.881  -3.865  6.183   1.00 0.00 ? 1 G   B "H3'"  3 
ATOM   1455 H "H2'"  . G   B 1 1 ? -2.350  -5.716  6.288   1.00 0.00 ? 1 G   B "H2'"  3 
ATOM   1456 H "HO2'" . G   B 1 1 ? -2.492  -5.696  8.734   1.00 0.00 ? 1 G   B "HO2'" 3 
ATOM   1457 H "H1'"  . G   B 1 1 ? -4.283  -7.604  6.580   1.00 0.00 ? 1 G   B "H1'"  3 
ATOM   1458 H H8     . G   B 1 1 ? -6.074  -5.183  4.390   1.00 0.00 ? 1 G   B H8     3 
ATOM   1459 H H1     . G   B 1 1 ? -1.437  -8.332  1.238   1.00 0.00 ? 1 G   B H1     3 
ATOM   1460 H H21    . G   B 1 1 ? -0.119  -9.398  2.704   1.00 0.00 ? 1 G   B H21    3 
ATOM   1461 H H22    . G   B 1 1 ? -0.433  -9.307  4.438   1.00 0.00 ? 1 G   B H22    3 
ATOM   1462 H "HO5'" . G   B 1 1 ? -5.661  -2.520  5.915   1.00 0.00 ? 1 G   B "HO5'" 3 
ATOM   1463 P P      . G   B 1 2 ? -1.996  -2.608  7.779   1.00 0.00 ? 2 G   B P      3 
ATOM   1464 O OP1    . G   B 1 2 ? -1.546  -1.977  9.040   1.00 0.00 ? 2 G   B OP1    3 
ATOM   1465 O OP2    . G   B 1 2 ? -2.419  -1.762  6.643   1.00 0.00 ? 2 G   B OP2    3 
ATOM   1466 O "O5'"  . G   B 1 2 ? -0.832  -3.593  7.257   1.00 0.00 ? 2 G   B "O5'"  3 
ATOM   1467 C "C5'"  . G   B 1 2 ? -0.068  -4.392  8.142   1.00 0.00 ? 2 G   B "C5'"  3 
ATOM   1468 C "C4'"  . G   B 1 2 ? 0.908   -5.269  7.354   1.00 0.00 ? 2 G   B "C4'"  3 
ATOM   1469 O "O4'"  . G   B 1 2 ? 0.239   -6.055  6.378   1.00 0.00 ? 2 G   B "O4'"  3 
ATOM   1470 C "C3'"  . G   B 1 2 ? 1.959   -4.448  6.611   1.00 0.00 ? 2 G   B "C3'"  3 
ATOM   1471 O "O3'"  . G   B 1 2 ? 2.999   -4.030  7.486   1.00 0.00 ? 2 G   B "O3'"  3 
ATOM   1472 C "C2'"  . G   B 1 2 ? 2.385   -5.453  5.540   1.00 0.00 ? 2 G   B "C2'"  3 
ATOM   1473 O "O2'"  . G   B 1 2 ? 3.323   -6.405  6.007   1.00 0.00 ? 2 G   B "O2'"  3 
ATOM   1474 C "C1'"  . G   B 1 2 ? 1.077   -6.183  5.238   1.00 0.00 ? 2 G   B "C1'"  3 
ATOM   1475 N N9     . G   B 1 2 ? 0.436   -5.642  4.014   1.00 0.00 ? 2 G   B N9     3 
ATOM   1476 C C8     . G   B 1 2 ? -0.598  -4.750  3.879   1.00 0.00 ? 2 G   B C8     3 
ATOM   1477 N N7     . G   B 1 2 ? -0.957  -4.534  2.643   1.00 0.00 ? 2 G   B N7     3 
ATOM   1478 C C5     . G   B 1 2 ? -0.089  -5.328  1.890   1.00 0.00 ? 2 G   B C5     3 
ATOM   1479 C C6     . G   B 1 2 ? 0.004   -5.553  0.473   1.00 0.00 ? 2 G   B C6     3 
ATOM   1480 O O6     . G   B 1 2 ? -0.689  -5.095  -0.433  1.00 0.00 ? 2 G   B O6     3 
ATOM   1481 N N1     . G   B 1 2 ? 1.036   -6.420  0.132   1.00 0.00 ? 2 G   B N1     3 
ATOM   1482 C C2     . G   B 1 2 ? 1.874   -7.017  1.044   1.00 0.00 ? 2 G   B C2     3 
ATOM   1483 N N2     . G   B 1 2 ? 2.830   -7.803  0.573   1.00 0.00 ? 2 G   B N2     3 
ATOM   1484 N N3     . G   B 1 2 ? 1.785   -6.840  2.369   1.00 0.00 ? 2 G   B N3     3 
ATOM   1485 C C4     . G   B 1 2 ? 0.784   -5.986  2.729   1.00 0.00 ? 2 G   B C4     3 
ATOM   1486 H "H5'"  . G   B 1 2 ? -0.725  -5.033  8.728   1.00 0.00 ? 2 G   B "H5'"  3 
ATOM   1487 H "H5''" . G   B 1 2 ? 0.495   -3.752  8.823   1.00 0.00 ? 2 G   B "H5''" 3 
ATOM   1488 H "H4'"  . G   B 1 2 ? 1.424   -5.938  8.044   1.00 0.00 ? 2 G   B "H4'"  3 
ATOM   1489 H "H3'"  . G   B 1 2 ? 1.476   -3.594  6.133   1.00 0.00 ? 2 G   B "H3'"  3 
ATOM   1490 H "H2'"  . G   B 1 2 ? 2.768   -4.952  4.657   1.00 0.00 ? 2 G   B "H2'"  3 
ATOM   1491 H "HO2'" . G   B 1 2 ? 4.200   -6.114  5.729   1.00 0.00 ? 2 G   B "HO2'" 3 
ATOM   1492 H "H1'"  . G   B 1 2 ? 1.297   -7.238  5.064   1.00 0.00 ? 2 G   B "H1'"  3 
ATOM   1493 H H8     . G   B 1 2 ? -1.084  -4.282  4.723   1.00 0.00 ? 2 G   B H8     3 
ATOM   1494 H H1     . G   B 1 2 ? 1.156   -6.619  -0.852  1.00 0.00 ? 2 G   B H1     3 
ATOM   1495 H H21    . G   B 1 2 ? 2.940   -7.944  -0.428  1.00 0.00 ? 2 G   B H21    3 
ATOM   1496 H H22    . G   B 1 2 ? 3.451   -8.241  1.231   1.00 0.00 ? 2 G   B H22    3 
ATOM   1497 P P      . C   B 1 3 ? 4.009   -2.822  7.119   1.00 0.00 ? 3 C   B P      3 
ATOM   1498 O OP1    . C   B 1 3 ? 4.825   -2.531  8.318   1.00 0.00 ? 3 C   B OP1    3 
ATOM   1499 O OP2    . C   B 1 3 ? 3.223   -1.742  6.483   1.00 0.00 ? 3 C   B OP2    3 
ATOM   1500 O "O5'"  . C   B 1 3 ? 4.958   -3.480  5.996   1.00 0.00 ? 3 C   B "O5'"  3 
ATOM   1501 C "C5'"  . C   B 1 3 ? 5.995   -4.390  6.310   1.00 0.00 ? 3 C   B "C5'"  3 
ATOM   1502 C "C4'"  . C   B 1 3 ? 6.550   -5.017  5.025   1.00 0.00 ? 3 C   B "C4'"  3 
ATOM   1503 O "O4'"  . C   B 1 3 ? 5.527   -5.639  4.250   1.00 0.00 ? 3 C   B "O4'"  3 
ATOM   1504 C "C3'"  . C   B 1 3 ? 7.223   -4.015  4.089   1.00 0.00 ? 3 C   B "C3'"  3 
ATOM   1505 O "O3'"  . C   B 1 3 ? 8.565   -3.711  4.429   1.00 0.00 ? 3 C   B "O3'"  3 
ATOM   1506 C "C2'"  . C   B 1 3 ? 7.174   -4.786  2.775   1.00 0.00 ? 3 C   B "C2'"  3 
ATOM   1507 O "O2'"  . C   B 1 3 ? 8.193   -5.769  2.717   1.00 0.00 ? 3 C   B "O2'"  3 
ATOM   1508 C "C1'"  . C   B 1 3 ? 5.811   -5.466  2.860   1.00 0.00 ? 3 C   B "C1'"  3 
ATOM   1509 N N1     . C   B 1 3 ? 4.769   -4.666  2.145   1.00 0.00 ? 3 C   B N1     3 
ATOM   1510 C C2     . C   B 1 3 ? 4.574   -4.896  0.776   1.00 0.00 ? 3 C   B C2     3 
ATOM   1511 O O2     . C   B 1 3 ? 5.296   -5.665  0.142   1.00 0.00 ? 3 C   B O2     3 
ATOM   1512 N N3     . C   B 1 3 ? 3.561   -4.254  0.133   1.00 0.00 ? 3 C   B N3     3 
ATOM   1513 C C4     . C   B 1 3 ? 2.774   -3.396  0.783   1.00 0.00 ? 3 C   B C4     3 
ATOM   1514 N N4     . C   B 1 3 ? 1.774   -2.847  0.113   1.00 0.00 ? 3 C   B N4     3 
ATOM   1515 C C5     . C   B 1 3 ? 2.985   -3.082  2.161   1.00 0.00 ? 3 C   B C5     3 
ATOM   1516 C C6     . C   B 1 3 ? 4.004   -3.719  2.787   1.00 0.00 ? 3 C   B C6     3 
ATOM   1517 H "H5'"  . C   B 1 3 ? 5.608   -5.181  6.954   1.00 0.00 ? 3 C   B "H5'"  3 
ATOM   1518 H "H5''" . C   B 1 3 ? 6.796   -3.866  6.835   1.00 0.00 ? 3 C   B "H5''" 3 
ATOM   1519 H "H4'"  . C   B 1 3 ? 7.288   -5.774  5.294   1.00 0.00 ? 3 C   B "H4'"  3 
ATOM   1520 H "H3'"  . C   B 1 3 ? 6.611   -3.116  4.007   1.00 0.00 ? 3 C   B "H3'"  3 
ATOM   1521 H "H2'"  . C   B 1 3 ? 7.249   -4.126  1.915   1.00 0.00 ? 3 C   B "H2'"  3 
ATOM   1522 H "HO2'" . C   B 1 3 ? 8.990   -5.365  3.077   1.00 0.00 ? 3 C   B "HO2'" 3 
ATOM   1523 H "H1'"  . C   B 1 3 ? 5.885   -6.448  2.388   1.00 0.00 ? 3 C   B "H1'"  3 
ATOM   1524 H H41    . C   B 1 3 ? 1.611   -3.154  -0.841  1.00 0.00 ? 3 C   B H41    3 
ATOM   1525 H H42    . C   B 1 3 ? 1.118   -2.222  0.556   1.00 0.00 ? 3 C   B H42    3 
ATOM   1526 H H5     . C   B 1 3 ? 2.384   -2.368  2.702   1.00 0.00 ? 3 C   B H5     3 
ATOM   1527 H H6     . C   B 1 3 ? 4.194   -3.483  3.818   1.00 0.00 ? 3 C   B H6     3 
HETATM 1528 N N1     . P5P B 1 4 ? 1.515   1.254   1.689   1.00 0.00 ? 4 P5P B N1     3 
HETATM 1529 C C2     . P5P B 1 4 ? 2.070   0.917   0.526   1.00 0.00 ? 4 P5P B C2     3 
HETATM 1530 N N3     . P5P B 1 4 ? 3.228   0.293   0.313   1.00 0.00 ? 4 P5P B N3     3 
HETATM 1531 C C4     . P5P B 1 4 ? 3.887   0.042   1.479   1.00 0.00 ? 4 P5P B C4     3 
HETATM 1532 C C5     . P5P B 1 4 ? 3.448   0.345   2.744   1.00 0.00 ? 4 P5P B C5     3 
HETATM 1533 C C6     . P5P B 1 4 ? 2.186   0.975   2.828   1.00 0.00 ? 4 P5P B C6     3 
HETATM 1534 N N7     . P5P B 1 4 ? 4.387   -0.044  3.693   1.00 0.00 ? 4 P5P B N7     3 
HETATM 1535 C C8     . P5P B 1 4 ? 5.357   -0.543  2.978   1.00 0.00 ? 4 P5P B C8     3 
HETATM 1536 N N9     . P5P B 1 4 ? 5.124   -0.542  1.622   1.00 0.00 ? 4 P5P B N9     3 
HETATM 1537 C "C1'"  . P5P B 1 4 ? 5.999   -0.991  0.508   1.00 0.00 ? 4 P5P B "C1'"  3 
HETATM 1538 C "C2'"  . P5P B 1 4 ? 6.782   0.185   -0.074  1.00 0.00 ? 4 P5P B "C2'"  3 
HETATM 1539 O "O2'"  . P5P B 1 4 ? 7.034   -0.063  -1.446  1.00 0.00 ? 4 P5P B "O2'"  3 
HETATM 1540 C "C3'"  . P5P B 1 4 ? 8.072   0.142   0.744   1.00 0.00 ? 4 P5P B "C3'"  3 
HETATM 1541 O "O3'"  . P5P B 1 4 ? 9.160   0.793   0.104   1.00 0.00 ? 4 P5P B "O3'"  3 
HETATM 1542 C "C4'"  . P5P B 1 4 ? 8.266   -1.371  0.853   1.00 0.00 ? 4 P5P B "C4'"  3 
HETATM 1543 O "O4'"  . P5P B 1 4 ? 6.962   -1.936  0.955   1.00 0.00 ? 4 P5P B "O4'"  3 
HETATM 1544 C "C5'"  . P5P B 1 4 ? 9.168   -1.814  2.012   1.00 0.00 ? 4 P5P B "C5'"  3 
HETATM 1545 O "O5'"  . P5P B 1 4 ? 8.575   -1.491  3.255   1.00 0.00 ? 4 P5P B "O5'"  3 
HETATM 1546 P P      . P5P B 1 4 ? 9.043   -2.187  4.632   1.00 0.00 ? 4 P5P B P      3 
HETATM 1547 O OP1    . P5P B 1 4 ? 10.520  -2.174  4.694   1.00 0.00 ? 4 P5P B OP1    3 
HETATM 1548 O OP2    . P5P B 1 4 ? 8.247   -1.609  5.734   1.00 0.00 ? 4 P5P B OP2    3 
HETATM 1549 H H2     . P5P B 1 4 ? 1.506   1.180   -0.356  1.00 0.00 ? 4 P5P B H2     3 
HETATM 1550 H H6     . P5P B 1 4 ? 1.767   1.249   3.785   1.00 0.00 ? 4 P5P B H6     3 
HETATM 1551 H H8     . P5P B 1 4 ? 6.260   -0.926  3.424   1.00 0.00 ? 4 P5P B H8     3 
HETATM 1552 H "H1'"  . P5P B 1 4 ? 5.379   -1.430  -0.275  1.00 0.00 ? 4 P5P B "H1'"  3 
HETATM 1553 H "H2'"  . P5P B 1 4 ? 6.256   1.133   0.056   1.00 0.00 ? 4 P5P B "H2'"  3 
HETATM 1554 H "HO2'" . P5P B 1 4 ? 7.629   0.629   -1.759  1.00 0.00 ? 4 P5P B "HO2'" 3 
HETATM 1555 H "H3'"  . P5P B 1 4 ? 7.895   0.566   1.734   1.00 0.00 ? 4 P5P B "H3'"  3 
HETATM 1556 H "H4'"  . P5P B 1 4 ? 8.711   -1.716  -0.081  1.00 0.00 ? 4 P5P B "H4'"  3 
HETATM 1557 H "H5'1" . P5P B 1 4 ? 9.311   -2.892  1.943   1.00 0.00 ? 4 P5P B "H5'1" 3 
HETATM 1558 H "H5'2" . P5P B 1 4 ? 10.141  -1.325  1.932   1.00 0.00 ? 4 P5P B "H5'2" 3 
HETATM 1559 N N1     . P5P B 1 5 ? 1.052   2.661   -4.876  1.00 0.00 ? 5 P5P B N1     3 
HETATM 1560 C C2     . P5P B 1 5 ? 1.935   2.958   -5.831  1.00 0.00 ? 5 P5P B C2     3 
HETATM 1561 N N3     . P5P B 1 5 ? 3.267   2.918   -5.768  1.00 0.00 ? 5 P5P B N3     3 
HETATM 1562 C C4     . P5P B 1 5 ? 3.701   2.540   -4.532  1.00 0.00 ? 5 P5P B C4     3 
HETATM 1563 C C5     . P5P B 1 5 ? 2.912   2.220   -3.456  1.00 0.00 ? 5 P5P B C5     3 
HETATM 1564 C C6     . P5P B 1 5 ? 1.521   2.272   -3.670  1.00 0.00 ? 5 P5P B C6     3 
HETATM 1565 N N7     . P5P B 1 5 ? 3.686   1.934   -2.340  1.00 0.00 ? 5 P5P B N7     3 
HETATM 1566 C C8     . P5P B 1 5 ? 4.906   2.081   -2.770  1.00 0.00 ? 5 P5P B C8     3 
HETATM 1567 N N9     . P5P B 1 5 ? 5.001   2.393   -4.104  1.00 0.00 ? 5 P5P B N9     3 
HETATM 1568 C "C1'"  . P5P B 1 5 ? 6.215   2.539   -4.938  1.00 0.00 ? 5 P5P B "C1'"  3 
HETATM 1569 C "C2'"  . P5P B 1 5 ? 6.642   4.003   -5.030  1.00 0.00 ? 5 P5P B "C2'"  3 
HETATM 1570 O "O2'"  . P5P B 1 5 ? 7.215   4.243   -6.303  1.00 0.00 ? 5 P5P B "O2'"  3 
HETATM 1571 C "C3'"  . P5P B 1 5 ? 7.688   4.092   -3.922  1.00 0.00 ? 5 P5P B "C3'"  3 
HETATM 1572 O "O3'"  . P5P B 1 5 ? 8.596   5.166   -4.118  1.00 0.00 ? 5 P5P B "O3'"  3 
HETATM 1573 C "C4'"  . P5P B 1 5 ? 8.349   2.719   -4.061  1.00 0.00 ? 5 P5P B "C4'"  3 
HETATM 1574 O "O4'"  . P5P B 1 5 ? 7.296   1.812   -4.360  1.00 0.00 ? 5 P5P B "O4'"  3 
HETATM 1575 C "C5'"  . P5P B 1 5 ? 9.168   2.309   -2.830  1.00 0.00 ? 5 P5P B "C5'"  3 
HETATM 1576 O "O5'"  . P5P B 1 5 ? 8.435   2.473   -1.628  1.00 0.00 ? 5 P5P B "O5'"  3 
HETATM 1577 P P      . P5P B 1 5 ? 9.148   2.383   -0.178  1.00 0.00 ? 5 P5P B P      3 
HETATM 1578 O OP1    . P5P B 1 5 ? 10.550  2.838   -0.312  1.00 0.00 ? 5 P5P B OP1    3 
HETATM 1579 O OP2    . P5P B 1 5 ? 8.255   3.027   0.809   1.00 0.00 ? 5 P5P B OP2    3 
HETATM 1580 H H2     . P5P B 1 5 ? 1.517   3.258   -6.780  1.00 0.00 ? 5 P5P B H2     3 
HETATM 1581 H H6     . P5P B 1 5 ? 0.848   2.039   -2.863  1.00 0.00 ? 5 P5P B H6     3 
HETATM 1582 H H8     . P5P B 1 5 ? 5.768   1.950   -2.138  1.00 0.00 ? 5 P5P B H8     3 
HETATM 1583 H "H1'"  . P5P B 1 5 ? 5.997   2.160   -5.939  1.00 0.00 ? 5 P5P B "H1'"  3 
HETATM 1584 H "H2'"  . P5P B 1 5 ? 5.811   4.684   -4.851  1.00 0.00 ? 5 P5P B "H2'"  3 
HETATM 1585 H "HO2'" . P5P B 1 5 ? 7.832   4.974   -6.207  1.00 0.00 ? 5 P5P B "HO2'" 3 
HETATM 1586 H "H3'"  . P5P B 1 5 ? 7.187   4.163   -2.956  1.00 0.00 ? 5 P5P B "H3'"  3 
HETATM 1587 H "H4'"  . P5P B 1 5 ? 9.017   2.746   -4.921  1.00 0.00 ? 5 P5P B "H4'"  3 
HETATM 1588 H "H5'1" . P5P B 1 5 ? 9.489   1.272   -2.930  1.00 0.00 ? 5 P5P B "H5'1" 3 
HETATM 1589 H "H5'2" . P5P B 1 5 ? 10.053  2.946   -2.795  1.00 0.00 ? 5 P5P B "H5'2" 3 
ATOM   1590 P P      . G   B 1 6 ? 8.400   6.585   -3.369  1.00 0.00 ? 6 G   B P      3 
ATOM   1591 O OP1    . G   B 1 6 ? 9.489   7.488   -3.801  1.00 0.00 ? 6 G   B OP1    3 
ATOM   1592 O OP2    . G   B 1 6 ? 8.183   6.329   -1.929  1.00 0.00 ? 6 G   B OP2    3 
ATOM   1593 O "O5'"  . G   B 1 6 ? 7.012   7.122   -3.992  1.00 0.00 ? 6 G   B "O5'"  3 
ATOM   1594 C "C5'"  . G   B 1 6 ? 6.940   7.705   -5.280  1.00 0.00 ? 6 G   B "C5'"  3 
ATOM   1595 C "C4'"  . G   B 1 6 ? 5.484   7.991   -5.662  1.00 0.00 ? 6 G   B "C4'"  3 
ATOM   1596 O "O4'"  . G   B 1 6 ? 4.721   6.793   -5.741  1.00 0.00 ? 6 G   B "O4'"  3 
ATOM   1597 C "C3'"  . G   B 1 6 ? 4.750   8.898   -4.673  1.00 0.00 ? 6 G   B "C3'"  3 
ATOM   1598 O "O3'"  . G   B 1 6 ? 5.032   10.278  -4.857  1.00 0.00 ? 6 G   B "O3'"  3 
ATOM   1599 C "C2'"  . G   B 1 6 ? 3.305   8.548   -5.012  1.00 0.00 ? 6 G   B "C2'"  3 
ATOM   1600 O "O2'"  . G   B 1 6 ? 2.873   9.186   -6.201  1.00 0.00 ? 6 G   B "O2'"  3 
ATOM   1601 C "C1'"  . G   B 1 6 ? 3.403   7.047   -5.267  1.00 0.00 ? 6 G   B "C1'"  3 
ATOM   1602 N N9     . G   B 1 6 ? 3.117   6.292   -4.023  1.00 0.00 ? 6 G   B N9     3 
ATOM   1603 C C8     . G   B 1 6 ? 3.977   5.846   -3.050  1.00 0.00 ? 6 G   B C8     3 
ATOM   1604 N N7     . G   B 1 6 ? 3.395   5.208   -2.075  1.00 0.00 ? 6 G   B N7     3 
ATOM   1605 C C5     . G   B 1 6 ? 2.043   5.240   -2.410  1.00 0.00 ? 6 G   B C5     3 
ATOM   1606 C C6     . G   B 1 6 ? 0.898   4.677   -1.751  1.00 0.00 ? 6 G   B C6     3 
ATOM   1607 O O6     . G   B 1 6 ? 0.853   3.958   -0.755  1.00 0.00 ? 6 G   B O6     3 
ATOM   1608 N N1     . G   B 1 6 ? -0.296  5.006   -2.379  1.00 0.00 ? 6 G   B N1     3 
ATOM   1609 C C2     . G   B 1 6 ? -0.383  5.734   -3.541  1.00 0.00 ? 6 G   B C2     3 
ATOM   1610 N N2     . G   B 1 6 ? -1.601  5.987   -3.999  1.00 0.00 ? 6 G   B N2     3 
ATOM   1611 N N3     . G   B 1 6 ? 0.679   6.215   -4.203  1.00 0.00 ? 6 G   B N3     3 
ATOM   1612 C C4     . G   B 1 6 ? 1.864   5.938   -3.584  1.00 0.00 ? 6 G   B C4     3 
ATOM   1613 H "H5'"  . G   B 1 6 ? 7.371   7.027   -6.017  1.00 0.00 ? 6 G   B "H5'"  3 
ATOM   1614 H "H5''" . G   B 1 6 ? 7.501   8.640   -5.288  1.00 0.00 ? 6 G   B "H5''" 3 
ATOM   1615 H "H4'"  . G   B 1 6 ? 5.467   8.467   -6.643  1.00 0.00 ? 6 G   B "H4'"  3 
ATOM   1616 H "H3'"  . G   B 1 6 ? 4.974   8.582   -3.653  1.00 0.00 ? 6 G   B "H3'"  3 
ATOM   1617 H "H2'"  . G   B 1 6 ? 2.631   8.777   -4.189  1.00 0.00 ? 6 G   B "H2'"  3 
ATOM   1618 H "HO2'" . G   B 1 6 ? 3.176   10.098  -6.168  1.00 0.00 ? 6 G   B "HO2'" 3 
ATOM   1619 H "H1'"  . G   B 1 6 ? 2.672   6.758   -6.024  1.00 0.00 ? 6 G   B "H1'"  3 
ATOM   1620 H H8     . G   B 1 6 ? 5.044   5.997   -3.087  1.00 0.00 ? 6 G   B H8     3 
ATOM   1621 H H1     . G   B 1 6 ? -1.143  4.696   -1.923  1.00 0.00 ? 6 G   B H1     3 
ATOM   1622 H H21    . G   B 1 6 ? -2.415  5.699   -3.463  1.00 0.00 ? 6 G   B H21    3 
ATOM   1623 H H22    . G   B 1 6 ? -1.694  6.509   -4.854  1.00 0.00 ? 6 G   B H22    3 
ATOM   1624 P P      . C   B 1 7 ? 4.863   11.345  -3.652  1.00 0.00 ? 7 C   B P      3 
ATOM   1625 O OP1    . C   B 1 7 ? 5.220   12.684  -4.172  1.00 0.00 ? 7 C   B OP1    3 
ATOM   1626 O OP2    . C   B 1 7 ? 5.560   10.811  -2.462  1.00 0.00 ? 7 C   B OP2    3 
ATOM   1627 O "O5'"  . C   B 1 7 ? 3.277   11.319  -3.351  1.00 0.00 ? 7 C   B "O5'"  3 
ATOM   1628 C "C5'"  . C   B 1 7 ? 2.341   11.977  -4.186  1.00 0.00 ? 7 C   B "C5'"  3 
ATOM   1629 C "C4'"  . C   B 1 7 ? 0.906   11.654  -3.753  1.00 0.00 ? 7 C   B "C4'"  3 
ATOM   1630 O "O4'"  . C   B 1 7 ? 0.651   10.254  -3.771  1.00 0.00 ? 7 C   B "O4'"  3 
ATOM   1631 C "C3'"  . C   B 1 7 ? 0.574   12.112  -2.335  1.00 0.00 ? 7 C   B "C3'"  3 
ATOM   1632 O "O3'"  . C   B 1 7 ? 0.346   13.509  -2.233  1.00 0.00 ? 7 C   B "O3'"  3 
ATOM   1633 C "C2'"  . C   B 1 7 ? -0.664  11.257  -2.069  1.00 0.00 ? 7 C   B "C2'"  3 
ATOM   1634 O "O2'"  . C   B 1 7 ? -1.836  11.749  -2.696  1.00 0.00 ? 7 C   B "O2'"  3 
ATOM   1635 C "C1'"  . C   B 1 7 ? -0.279  9.938   -2.740  1.00 0.00 ? 7 C   B "C1'"  3 
ATOM   1636 N N1     . C   B 1 7 ? 0.258   8.981   -1.728  1.00 0.00 ? 7 C   B N1     3 
ATOM   1637 C C2     . C   B 1 7 ? -0.668  8.262   -0.959  1.00 0.00 ? 7 C   B C2     3 
ATOM   1638 O O2     . C   B 1 7 ? -1.878  8.411   -1.120  1.00 0.00 ? 7 C   B O2     3 
ATOM   1639 N N3     . C   B 1 7 ? -0.221  7.401   -0.008  1.00 0.00 ? 7 C   B N3     3 
ATOM   1640 C C4     . C   B 1 7 ? 1.087   7.250   0.209   1.00 0.00 ? 7 C   B C4     3 
ATOM   1641 N N4     . C   B 1 7 ? 1.464   6.365   1.120   1.00 0.00 ? 7 C   B N4     3 
ATOM   1642 C C5     . C   B 1 7 ? 2.062   8.000   -0.526  1.00 0.00 ? 7 C   B C5     3 
ATOM   1643 C C6     . C   B 1 7 ? 1.606   8.852   -1.479  1.00 0.00 ? 7 C   B C6     3 
ATOM   1644 H "H5'"  . C   B 1 7 ? 2.476   11.657  -5.218  1.00 0.00 ? 7 C   B "H5'"  3 
ATOM   1645 H "H5''" . C   B 1 7 ? 2.496   13.055  -4.131  1.00 0.00 ? 7 C   B "H5''" 3 
ATOM   1646 H "H4'"  . C   B 1 7 ? 0.213   12.142  -4.440  1.00 0.00 ? 7 C   B "H4'"  3 
ATOM   1647 H "H3'"  . C   B 1 7 ? 1.379   11.804  -1.666  1.00 0.00 ? 7 C   B "H3'"  3 
ATOM   1648 H "H2'"  . C   B 1 7 ? -0.833  11.136  -1.001  1.00 0.00 ? 7 C   B "H2'"  3 
ATOM   1649 H "HO2'" . C   B 1 7 ? -2.598  11.309  -2.306  1.00 0.00 ? 7 C   B "HO2'" 3 
ATOM   1650 H "H1'"  . C   B 1 7 ? -1.166  9.495   -3.198  1.00 0.00 ? 7 C   B "H1'"  3 
ATOM   1651 H H41    . C   B 1 7 ? 0.743   5.828   1.593   1.00 0.00 ? 7 C   B H41    3 
ATOM   1652 H H42    . C   B 1 7 ? 2.439   6.156   1.256   1.00 0.00 ? 7 C   B H42    3 
ATOM   1653 H H5     . C   B 1 7 ? 3.125   7.900   -0.360  1.00 0.00 ? 7 C   B H5     3 
ATOM   1654 H H6     . C   B 1 7 ? 2.316   9.431   -2.048  1.00 0.00 ? 7 C   B H6     3 
ATOM   1655 P P      . C   B 1 8 ? 0.400   14.280  -0.811  1.00 0.00 ? 8 C   B P      3 
ATOM   1656 O OP1    . C   B 1 8 ? 0.159   15.718  -1.062  1.00 0.00 ? 8 C   B OP1    3 
ATOM   1657 O OP2    . C   B 1 8 ? 1.630   13.857  -0.106  1.00 0.00 ? 8 C   B OP2    3 
ATOM   1658 O "O5'"  . C   B 1 8 ? -0.861  13.688  0.004   1.00 0.00 ? 8 C   B "O5'"  3 
ATOM   1659 C "C5'"  . C   B 1 8 ? -2.194  14.052  -0.308  1.00 0.00 ? 8 C   B "C5'"  3 
ATOM   1660 C "C4'"  . C   B 1 8 ? -3.187  13.212  0.505   1.00 0.00 ? 8 C   B "C4'"  3 
ATOM   1661 O "O4'"  . C   B 1 8 ? -2.995  11.815  0.302   1.00 0.00 ? 8 C   B "O4'"  3 
ATOM   1662 C "C3'"  . C   B 1 8 ? -3.073  13.430  2.012   1.00 0.00 ? 8 C   B "C3'"  3 
ATOM   1663 O "O3'"  . C   B 1 8 ? -3.684  14.628  2.464   1.00 0.00 ? 8 C   B "O3'"  3 
ATOM   1664 C "C2'"  . C   B 1 8 ? -3.778  12.172  2.515   1.00 0.00 ? 8 C   B "C2'"  3 
ATOM   1665 O "O2'"  . C   B 1 8 ? -5.192  12.242  2.439   1.00 0.00 ? 8 C   B "O2'"  3 
ATOM   1666 C "C1'"  . C   B 1 8 ? -3.298  11.125  1.511   1.00 0.00 ? 8 C   B "C1'"  3 
ATOM   1667 N N1     . C   B 1 8 ? -2.146  10.363  2.075   1.00 0.00 ? 8 C   B N1     3 
ATOM   1668 C C2     . C   B 1 8 ? -2.430  9.354   3.006   1.00 0.00 ? 8 C   B C2     3 
ATOM   1669 O O2     . C   B 1 8 ? -3.579  9.141   3.392   1.00 0.00 ? 8 C   B O2     3 
ATOM   1670 N N3     . C   B 1 8 ? -1.412  8.610   3.510   1.00 0.00 ? 8 C   B N3     3 
ATOM   1671 C C4     . C   B 1 8 ? -0.153  8.853   3.151   1.00 0.00 ? 8 C   B C4     3 
ATOM   1672 N N4     . C   B 1 8 ? 0.789   8.093   3.687   1.00 0.00 ? 8 C   B N4     3 
ATOM   1673 C C5     . C   B 1 8 ? 0.185   9.929   2.265   1.00 0.00 ? 8 C   B C5     3 
ATOM   1674 C C6     . C   B 1 8 ? -0.839  10.658  1.759   1.00 0.00 ? 8 C   B C6     3 
ATOM   1675 H "H5'"  . C   B 1 8 ? -2.380  13.892  -1.369  1.00 0.00 ? 8 C   B "H5'"  3 
ATOM   1676 H "H5''" . C   B 1 8 ? -2.347  15.107  -0.081  1.00 0.00 ? 8 C   B "H5''" 3 
ATOM   1677 H "H4'"  . C   B 1 8 ? -4.201  13.471  0.199   1.00 0.00 ? 8 C   B "H4'"  3 
ATOM   1678 H "H3'"  . C   B 1 8 ? -2.021  13.398  2.299   1.00 0.00 ? 8 C   B "H3'"  3 
ATOM   1679 H "H2'"  . C   B 1 8 ? -3.467  11.933  3.529   1.00 0.00 ? 8 C   B "H2'"  3 
ATOM   1680 H "HO2'" . C   B 1 8 ? -5.561  11.472  2.880   1.00 0.00 ? 8 C   B "HO2'" 3 
ATOM   1681 H "H1'"  . C   B 1 8 ? -4.108  10.420  1.320   1.00 0.00 ? 8 C   B "H1'"  3 
ATOM   1682 H H41    . C   B 1 8 ? 0.496   7.351   4.314   1.00 0.00 ? 8 C   B H41    3 
ATOM   1683 H H42    . C   B 1 8 ? 1.760   8.248   3.474   1.00 0.00 ? 8 C   B H42    3 
ATOM   1684 H H5     . C   B 1 8 ? 1.202   10.169  1.997   1.00 0.00 ? 8 C   B H5     3 
ATOM   1685 H H6     . C   B 1 8 ? -0.619  11.482  1.099   1.00 0.00 ? 8 C   B H6     3 
ATOM   1686 P P      . U   B 1 9 ? -3.262  15.318  3.863   1.00 0.00 ? 9 U   B P      3 
ATOM   1687 O OP1    . U   B 1 9 ? -4.168  16.463  4.103   1.00 0.00 ? 9 U   B OP1    3 
ATOM   1688 O OP2    . U   B 1 9 ? -1.799  15.537  3.836   1.00 0.00 ? 9 U   B OP2    3 
ATOM   1689 O "O5'"  . U   B 1 9 ? -3.563  14.186  4.977   1.00 0.00 ? 9 U   B "O5'"  3 
ATOM   1690 C "C5'"  . U   B 1 9 ? -4.876  13.884  5.417   1.00 0.00 ? 9 U   B "C5'"  3 
ATOM   1691 C "C4'"  . U   B 1 9 ? -4.864  12.699  6.394   1.00 0.00 ? 9 U   B "C4'"  3 
ATOM   1692 O "O4'"  . U   B 1 9 ? -4.317  11.520  5.815   1.00 0.00 ? 9 U   B "O4'"  3 
ATOM   1693 C "C3'"  . U   B 1 9 ? -4.051  12.967  7.660   1.00 0.00 ? 9 U   B "C3'"  3 
ATOM   1694 O "O3'"  . U   B 1 9 ? -4.767  13.688  8.642   1.00 0.00 ? 9 U   B "O3'"  3 
ATOM   1695 C "C2'"  . U   B 1 9 ? -3.759  11.546  8.133   1.00 0.00 ? 9 U   B "C2'"  3 
ATOM   1696 O "O2'"  . U   B 1 9 ? -4.850  10.992  8.855   1.00 0.00 ? 9 U   B "O2'"  3 
ATOM   1697 C "C1'"  . U   B 1 9 ? -3.592  10.794  6.806   1.00 0.00 ? 9 U   B "C1'"  3 
ATOM   1698 N N1     . U   B 1 9 ? -2.144  10.635  6.477   1.00 0.00 ? 9 U   B N1     3 
ATOM   1699 C C2     . U   B 1 9 ? -1.448  9.609   7.127   1.00 0.00 ? 9 U   B C2     3 
ATOM   1700 O O2     . U   B 1 9 ? -1.979  8.842   7.929   1.00 0.00 ? 9 U   B O2     3 
ATOM   1701 N N3     . U   B 1 9 ? -0.092  9.499   6.852   1.00 0.00 ? 9 U   B N3     3 
ATOM   1702 C C4     . U   B 1 9 ? 0.639   10.356  6.046   1.00 0.00 ? 9 U   B C4     3 
ATOM   1703 O O4     . U   B 1 9 ? 1.846   10.192  5.906   1.00 0.00 ? 9 U   B O4     3 
ATOM   1704 C C5     . U   B 1 9 ? -0.146  11.406  5.428   1.00 0.00 ? 9 U   B C5     3 
ATOM   1705 C C6     . U   B 1 9 ? -1.481  11.516  5.648   1.00 0.00 ? 9 U   B C6     3 
ATOM   1706 H "H5'"  . U   B 1 9 ? -5.505  13.636  4.564   1.00 0.00 ? 9 U   B "H5'"  3 
ATOM   1707 H "H5''" . U   B 1 9 ? -5.298  14.754  5.920   1.00 0.00 ? 9 U   B "H5''" 3 
ATOM   1708 H "H4'"  . U   B 1 9 ? -5.892  12.482  6.689   1.00 0.00 ? 9 U   B "H4'"  3 
ATOM   1709 H "H3'"  . U   B 1 9 ? -3.117  13.474  7.411   1.00 0.00 ? 9 U   B "H3'"  3 
ATOM   1710 H "HO3'" . U   B 1 9 ? -5.290  13.037  9.124   1.00 0.00 ? 9 U   B "HO3'" 3 
ATOM   1711 H "H2'"  . U   B 1 9 ? -2.853  11.517  8.741   1.00 0.00 ? 9 U   B "H2'"  3 
ATOM   1712 H "HO2'" . U   B 1 9 ? -4.607  10.109  9.155   1.00 0.00 ? 9 U   B "HO2'" 3 
ATOM   1713 H "H1'"  . U   B 1 9 ? -4.031  9.801   6.900   1.00 0.00 ? 9 U   B "H1'"  3 
ATOM   1714 H H3     . U   B 1 9 ? 0.407   8.736   7.278   1.00 0.00 ? 9 U   B H3     3 
ATOM   1715 H H5     . U   B 1 9 ? 0.353   12.109  4.777   1.00 0.00 ? 9 U   B H5     3 
ATOM   1716 H H6     . U   B 1 9 ? -2.023  12.312  5.166   1.00 0.00 ? 9 U   B H6     3 
# 
